data_2LGY
#
_entry.id   2LGY
#
_entity_poly.entity_id   1
_entity_poly.type   'polypeptide(L)'
_entity_poly.pdbx_seq_one_letter_code
;MPTQDIRLWVSVEDAQMHTVTIWLTVRPDMTVASLKDMVFLDYGFPPVLQQWVIGQRLARDQETLHSHGVRQNGDSAYLY
LLSARNTSLN
;
_entity_poly.pdbx_strand_id   A
#
# COMPACT_ATOMS: atom_id res chain seq x y z
N MET A 1 -0.19 16.80 13.85
CA MET A 1 -1.04 17.93 13.39
C MET A 1 -2.43 17.73 13.98
N PRO A 2 -3.23 18.78 14.07
CA PRO A 2 -4.60 18.70 14.66
C PRO A 2 -5.43 17.61 14.00
N THR A 3 -5.34 17.54 12.69
CA THR A 3 -5.99 16.47 11.98
C THR A 3 -5.15 15.22 12.10
N GLN A 4 -5.74 14.15 12.58
CA GLN A 4 -5.00 12.91 12.78
C GLN A 4 -4.80 12.20 11.45
N ASP A 5 -4.16 11.06 11.51
CA ASP A 5 -3.97 10.24 10.32
C ASP A 5 -5.20 9.39 10.12
N ILE A 6 -5.19 8.61 9.06
CA ILE A 6 -6.28 7.71 8.78
C ILE A 6 -5.74 6.30 8.65
N ARG A 7 -6.59 5.33 8.88
CA ARG A 7 -6.15 3.95 8.82
C ARG A 7 -6.66 3.30 7.55
N LEU A 8 -5.74 2.79 6.77
CA LEU A 8 -6.05 2.17 5.49
C LEU A 8 -5.82 0.68 5.56
N TRP A 9 -6.80 -0.09 5.12
CA TRP A 9 -6.64 -1.53 5.08
C TRP A 9 -6.10 -1.92 3.74
N VAL A 10 -5.13 -2.77 3.72
CA VAL A 10 -4.59 -3.24 2.46
C VAL A 10 -4.63 -4.75 2.40
N SER A 11 -5.18 -5.26 1.32
CA SER A 11 -5.19 -6.69 1.08
C SER A 11 -3.94 -7.07 0.33
N VAL A 12 -3.18 -8.00 0.86
CA VAL A 12 -1.95 -8.40 0.23
C VAL A 12 -2.12 -9.76 -0.43
N GLU A 13 -1.88 -9.80 -1.73
CA GLU A 13 -1.99 -11.03 -2.51
C GLU A 13 -0.64 -11.40 -3.08
N ASP A 14 -0.26 -12.66 -2.93
CA ASP A 14 1.05 -13.10 -3.39
C ASP A 14 0.93 -13.99 -4.61
N ALA A 15 1.99 -14.01 -5.39
CA ALA A 15 2.12 -14.94 -6.50
C ALA A 15 2.10 -16.36 -5.96
N GLN A 16 2.67 -16.51 -4.77
CA GLN A 16 2.76 -17.79 -4.08
C GLN A 16 1.41 -18.25 -3.54
N MET A 17 0.36 -17.59 -3.99
CA MET A 17 -1.01 -18.00 -3.72
C MET A 17 -1.43 -17.88 -2.24
N HIS A 18 -0.91 -16.89 -1.54
CA HIS A 18 -1.39 -16.60 -0.19
C HIS A 18 -1.85 -15.15 -0.08
N THR A 19 -2.89 -14.92 0.70
CA THR A 19 -3.48 -13.59 0.83
C THR A 19 -3.40 -13.12 2.29
N VAL A 20 -2.93 -11.91 2.51
CA VAL A 20 -2.92 -11.34 3.85
C VAL A 20 -3.48 -9.93 3.86
N THR A 21 -3.90 -9.46 5.02
CA THR A 21 -4.52 -8.15 5.16
C THR A 21 -3.72 -7.30 6.12
N ILE A 22 -3.41 -6.07 5.75
CA ILE A 22 -2.67 -5.18 6.63
C ILE A 22 -3.41 -3.85 6.79
N TRP A 23 -3.15 -3.19 7.91
CA TRP A 23 -3.74 -1.90 8.20
C TRP A 23 -2.65 -0.85 8.23
N LEU A 24 -2.79 0.19 7.43
CA LEU A 24 -1.76 1.23 7.35
C LEU A 24 -2.29 2.53 7.90
N THR A 25 -1.47 3.19 8.70
CA THR A 25 -1.84 4.49 9.26
C THR A 25 -1.15 5.58 8.46
N VAL A 26 -1.93 6.41 7.78
CA VAL A 26 -1.38 7.48 6.96
C VAL A 26 -2.33 8.65 6.89
N ARG A 27 -2.02 9.60 6.03
CA ARG A 27 -2.92 10.69 5.74
C ARG A 27 -3.23 10.69 4.25
N PRO A 28 -4.40 11.15 3.86
CA PRO A 28 -4.80 11.18 2.41
C PRO A 28 -3.80 11.97 1.58
N ASP A 29 -3.05 12.85 2.25
CA ASP A 29 -2.02 13.67 1.62
C ASP A 29 -0.90 12.80 1.12
N MET A 30 -0.79 11.60 1.67
CA MET A 30 0.24 10.68 1.25
C MET A 30 -0.06 10.15 -0.11
N THR A 31 0.88 9.42 -0.65
CA THR A 31 0.73 8.81 -1.95
C THR A 31 1.05 7.34 -1.89
N VAL A 32 0.71 6.64 -2.94
CA VAL A 32 0.99 5.23 -3.03
C VAL A 32 2.49 5.02 -2.99
N ALA A 33 3.23 5.82 -3.73
CA ALA A 33 4.68 5.69 -3.74
C ALA A 33 5.23 5.75 -2.33
N SER A 34 4.83 6.76 -1.59
CA SER A 34 5.25 6.90 -0.20
C SER A 34 4.70 5.73 0.63
N LEU A 35 3.43 5.42 0.41
CA LEU A 35 2.74 4.35 1.12
C LEU A 35 3.37 3.00 0.82
N LYS A 36 3.68 2.77 -0.43
CA LYS A 36 4.26 1.54 -0.89
C LYS A 36 5.55 1.33 -0.12
N ASP A 37 6.31 2.40 0.01
CA ASP A 37 7.58 2.37 0.69
C ASP A 37 7.43 1.98 2.16
N MET A 38 6.51 2.62 2.87
CA MET A 38 6.36 2.30 4.30
C MET A 38 6.02 0.85 4.45
N VAL A 39 5.18 0.36 3.56
CA VAL A 39 4.83 -1.04 3.55
C VAL A 39 6.10 -1.85 3.35
N PHE A 40 6.94 -1.40 2.45
CA PHE A 40 8.25 -2.02 2.29
C PHE A 40 9.05 -1.89 3.57
N LEU A 41 9.05 -0.69 4.15
CA LEU A 41 9.79 -0.47 5.37
C LEU A 41 9.21 -1.34 6.46
N ASP A 42 7.89 -1.36 6.51
CA ASP A 42 7.17 -2.05 7.58
C ASP A 42 7.18 -3.57 7.41
N TYR A 43 6.91 -4.02 6.20
CA TYR A 43 6.75 -5.46 5.95
C TYR A 43 7.87 -6.03 5.11
N GLY A 44 8.80 -5.19 4.69
CA GLY A 44 9.87 -5.64 3.83
C GLY A 44 9.31 -6.08 2.50
N PHE A 45 8.19 -5.47 2.12
CA PHE A 45 7.50 -5.80 0.88
C PHE A 45 8.17 -5.10 -0.31
N PRO A 46 9.06 -5.78 -1.00
CA PRO A 46 9.81 -5.16 -2.13
C PRO A 46 8.92 -4.25 -2.99
N PRO A 47 9.26 -2.99 -3.11
CA PRO A 47 8.45 -2.03 -3.90
C PRO A 47 8.33 -2.45 -5.35
N VAL A 48 9.34 -3.14 -5.84
CA VAL A 48 9.29 -3.70 -7.18
C VAL A 48 8.18 -4.74 -7.25
N LEU A 49 8.10 -5.59 -6.24
CA LEU A 49 7.09 -6.63 -6.16
C LEU A 49 5.73 -6.04 -5.89
N GLN A 50 5.67 -5.01 -5.07
CA GLN A 50 4.40 -4.46 -4.68
C GLN A 50 3.59 -4.01 -5.88
N GLN A 51 2.49 -4.71 -6.13
CA GLN A 51 1.51 -4.26 -7.09
C GLN A 51 0.32 -3.74 -6.32
N TRP A 52 0.12 -2.44 -6.36
CA TRP A 52 -0.92 -1.80 -5.58
C TRP A 52 -2.17 -1.64 -6.41
N VAL A 53 -3.32 -2.00 -5.85
CA VAL A 53 -4.58 -1.91 -6.56
C VAL A 53 -5.58 -1.08 -5.74
N ILE A 54 -6.09 -0.05 -6.37
CA ILE A 54 -7.12 0.82 -5.80
C ILE A 54 -8.13 1.15 -6.89
N GLY A 55 -9.41 1.04 -6.60
CA GLY A 55 -10.43 1.32 -7.60
C GLY A 55 -10.13 2.65 -8.28
N GLN A 56 -9.64 3.61 -7.51
CA GLN A 56 -9.26 4.93 -8.03
C GLN A 56 -7.76 5.01 -8.27
N ARG A 57 -7.12 3.86 -8.49
CA ARG A 57 -5.67 3.83 -8.73
C ARG A 57 -5.35 4.47 -10.07
N LEU A 58 -4.25 5.18 -10.11
CA LEU A 58 -3.70 5.65 -11.36
C LEU A 58 -2.33 5.06 -11.51
N ALA A 59 -1.91 4.82 -12.74
CA ALA A 59 -0.60 4.24 -12.97
C ALA A 59 0.45 5.02 -12.21
N ARG A 60 0.18 6.31 -11.98
CA ARG A 60 1.12 7.15 -11.26
C ARG A 60 1.16 6.78 -9.79
N ASP A 61 2.31 6.32 -9.36
CA ASP A 61 2.59 5.94 -7.99
C ASP A 61 2.53 7.17 -7.09
N GLN A 62 2.93 8.31 -7.68
CA GLN A 62 3.07 9.57 -6.93
C GLN A 62 1.74 10.16 -6.44
N GLU A 63 0.65 9.87 -7.13
CA GLU A 63 -0.62 10.52 -6.76
C GLU A 63 -1.03 10.19 -5.33
N THR A 64 -1.69 11.14 -4.69
CA THR A 64 -2.03 11.01 -3.28
C THR A 64 -3.04 9.91 -3.02
N LEU A 65 -3.10 9.48 -1.77
CA LEU A 65 -4.05 8.49 -1.35
C LEU A 65 -5.46 9.03 -1.52
N HIS A 66 -5.63 10.31 -1.19
CA HIS A 66 -6.93 10.97 -1.34
C HIS A 66 -7.35 10.93 -2.80
N SER A 67 -6.39 11.21 -3.68
CA SER A 67 -6.65 11.15 -5.11
C SER A 67 -6.99 9.74 -5.54
N HIS A 68 -6.63 8.78 -4.71
CA HIS A 68 -6.96 7.38 -4.97
C HIS A 68 -8.15 6.93 -4.14
N GLY A 69 -8.85 7.89 -3.56
CA GLY A 69 -10.09 7.62 -2.84
C GLY A 69 -9.88 7.36 -1.37
N VAL A 70 -8.64 7.37 -0.90
CA VAL A 70 -8.39 7.18 0.52
C VAL A 70 -8.56 8.52 1.23
N ARG A 71 -9.74 8.74 1.77
CA ARG A 71 -10.07 10.04 2.34
C ARG A 71 -10.13 9.98 3.85
N GLN A 72 -10.16 8.79 4.39
CA GLN A 72 -10.35 8.61 5.82
C GLN A 72 -10.06 7.19 6.22
N ASN A 73 -10.21 6.90 7.50
CA ASN A 73 -10.00 5.54 7.97
C ASN A 73 -11.17 4.69 7.54
N GLY A 74 -10.95 3.39 7.47
CA GLY A 74 -11.98 2.49 7.01
C GLY A 74 -11.83 2.23 5.52
N ASP A 75 -10.92 2.99 4.90
CA ASP A 75 -10.63 2.82 3.49
C ASP A 75 -9.78 1.57 3.31
N SER A 76 -9.98 0.89 2.20
CA SER A 76 -9.32 -0.38 1.96
C SER A 76 -8.62 -0.36 0.59
N ALA A 77 -7.48 -1.03 0.49
CA ALA A 77 -6.74 -1.12 -0.76
C ALA A 77 -6.28 -2.54 -1.00
N TYR A 78 -5.83 -2.83 -2.21
CA TYR A 78 -5.39 -4.17 -2.54
C TYR A 78 -3.96 -4.15 -3.04
N LEU A 79 -3.15 -5.05 -2.52
CA LEU A 79 -1.74 -5.15 -2.88
C LEU A 79 -1.43 -6.55 -3.39
N TYR A 80 -0.74 -6.64 -4.51
CA TYR A 80 -0.32 -7.93 -5.02
C TYR A 80 1.20 -8.03 -5.00
N LEU A 81 1.71 -9.17 -4.55
CA LEU A 81 3.13 -9.40 -4.44
C LEU A 81 3.59 -10.46 -5.42
N LEU A 82 4.69 -10.18 -6.08
CA LEU A 82 5.26 -11.09 -7.06
C LEU A 82 5.97 -12.26 -6.38
N SER A 83 6.34 -13.23 -7.18
CA SER A 83 7.06 -14.40 -6.70
C SER A 83 8.40 -13.99 -6.07
N ALA A 84 9.04 -12.98 -6.66
CA ALA A 84 10.33 -12.46 -6.20
C ALA A 84 10.27 -12.07 -4.72
N ARG A 85 11.27 -11.34 -4.25
CA ARG A 85 11.32 -10.92 -2.85
C ARG A 85 12.38 -9.84 -2.64
N ASN A 86 12.90 -9.75 -1.44
CA ASN A 86 13.96 -8.81 -1.10
C ASN A 86 14.95 -9.50 -0.18
N THR A 87 15.85 -8.73 0.40
CA THR A 87 16.84 -9.28 1.31
C THR A 87 16.76 -8.59 2.67
N SER A 88 17.03 -9.35 3.73
CA SER A 88 16.95 -8.81 5.08
C SER A 88 18.06 -7.80 5.31
N LEU A 89 17.76 -6.75 6.04
CA LEU A 89 18.74 -5.71 6.33
C LEU A 89 19.89 -6.29 7.12
N ASN A 90 19.56 -7.14 8.07
CA ASN A 90 20.56 -7.83 8.88
C ASN A 90 20.70 -9.26 8.40
N MET A 1 -4.16 16.34 18.30
CA MET A 1 -4.49 17.57 17.53
C MET A 1 -5.78 17.30 16.75
N PRO A 2 -6.43 18.34 16.28
CA PRO A 2 -7.70 18.21 15.51
C PRO A 2 -7.50 17.30 14.31
N THR A 3 -6.32 17.38 13.75
CA THR A 3 -5.96 16.58 12.60
C THR A 3 -5.67 15.15 13.02
N GLN A 4 -6.49 14.22 12.55
CA GLN A 4 -6.32 12.80 12.85
C GLN A 4 -5.80 12.07 11.63
N ASP A 5 -5.19 10.93 11.86
CA ASP A 5 -4.74 10.07 10.77
C ASP A 5 -5.91 9.25 10.28
N ILE A 6 -5.70 8.49 9.24
CA ILE A 6 -6.69 7.55 8.78
C ILE A 6 -6.05 6.18 8.65
N ARG A 7 -6.85 5.13 8.79
CA ARG A 7 -6.31 3.79 8.70
C ARG A 7 -6.77 3.13 7.43
N LEU A 8 -5.82 2.63 6.67
CA LEU A 8 -6.09 1.98 5.41
C LEU A 8 -5.85 0.49 5.54
N TRP A 9 -6.82 -0.31 5.14
CA TRP A 9 -6.67 -1.75 5.18
C TRP A 9 -6.15 -2.19 3.82
N VAL A 10 -5.05 -2.89 3.80
CA VAL A 10 -4.48 -3.31 2.54
C VAL A 10 -4.62 -4.81 2.36
N SER A 11 -5.18 -5.20 1.24
CA SER A 11 -5.35 -6.60 0.90
C SER A 11 -4.10 -7.06 0.16
N VAL A 12 -3.34 -7.96 0.74
CA VAL A 12 -2.12 -8.40 0.10
C VAL A 12 -2.29 -9.77 -0.50
N GLU A 13 -2.00 -9.88 -1.80
CA GLU A 13 -1.99 -11.16 -2.49
C GLU A 13 -0.60 -11.48 -3.00
N ASP A 14 -0.07 -12.61 -2.57
CA ASP A 14 1.23 -13.07 -3.02
C ASP A 14 1.09 -13.88 -4.29
N ALA A 15 2.12 -13.85 -5.10
CA ALA A 15 2.17 -14.65 -6.31
C ALA A 15 2.00 -16.11 -5.99
N GLN A 16 2.41 -16.47 -4.78
CA GLN A 16 2.27 -17.84 -4.30
C GLN A 16 0.83 -18.12 -3.91
N MET A 17 -0.07 -17.22 -4.28
CA MET A 17 -1.50 -17.34 -4.01
C MET A 17 -1.79 -17.23 -2.52
N HIS A 18 -1.04 -16.39 -1.84
CA HIS A 18 -1.25 -16.17 -0.41
C HIS A 18 -1.92 -14.83 -0.21
N THR A 19 -3.02 -14.83 0.53
CA THR A 19 -3.78 -13.61 0.75
C THR A 19 -3.73 -13.20 2.21
N VAL A 20 -3.27 -11.99 2.46
CA VAL A 20 -3.30 -11.43 3.82
C VAL A 20 -3.74 -9.98 3.78
N THR A 21 -4.17 -9.47 4.92
CA THR A 21 -4.59 -8.08 5.02
C THR A 21 -3.66 -7.36 5.98
N ILE A 22 -3.28 -6.14 5.65
CA ILE A 22 -2.47 -5.33 6.54
C ILE A 22 -3.13 -3.97 6.74
N TRP A 23 -2.87 -3.34 7.87
CA TRP A 23 -3.47 -2.07 8.20
C TRP A 23 -2.41 -0.99 8.26
N LEU A 24 -2.62 0.08 7.51
CA LEU A 24 -1.70 1.20 7.51
C LEU A 24 -2.42 2.47 7.97
N THR A 25 -1.79 3.21 8.88
CA THR A 25 -2.36 4.46 9.33
C THR A 25 -1.65 5.62 8.65
N VAL A 26 -2.40 6.37 7.87
CA VAL A 26 -1.84 7.43 7.04
C VAL A 26 -2.77 8.62 6.98
N ARG A 27 -2.49 9.55 6.08
CA ARG A 27 -3.34 10.70 5.83
C ARG A 27 -3.75 10.70 4.35
N PRO A 28 -4.88 11.26 4.02
CA PRO A 28 -5.35 11.37 2.59
C PRO A 28 -4.27 12.06 1.75
N ASP A 29 -3.50 12.90 2.42
CA ASP A 29 -2.40 13.61 1.82
C ASP A 29 -1.30 12.64 1.36
N MET A 30 -1.23 11.48 2.01
CA MET A 30 -0.19 10.52 1.68
C MET A 30 -0.32 10.00 0.26
N THR A 31 0.71 9.34 -0.19
CA THR A 31 0.82 8.87 -1.56
C THR A 31 1.14 7.36 -1.60
N VAL A 32 0.72 6.69 -2.67
CA VAL A 32 0.94 5.26 -2.82
C VAL A 32 2.44 4.95 -2.85
N ALA A 33 3.19 5.73 -3.62
CA ALA A 33 4.63 5.53 -3.71
C ALA A 33 5.23 5.53 -2.32
N SER A 34 4.78 6.46 -1.50
CA SER A 34 5.21 6.54 -0.14
C SER A 34 4.84 5.25 0.60
N LEU A 35 3.62 4.77 0.35
CA LEU A 35 3.18 3.50 0.93
C LEU A 35 4.03 2.37 0.43
N LYS A 36 4.30 2.38 -0.87
CA LYS A 36 5.10 1.34 -1.46
C LYS A 36 6.46 1.34 -0.83
N ASP A 37 7.03 2.52 -0.71
CA ASP A 37 8.33 2.68 -0.08
C ASP A 37 8.30 2.23 1.38
N MET A 38 7.32 2.73 2.13
CA MET A 38 7.21 2.42 3.56
C MET A 38 6.78 0.98 3.84
N VAL A 39 5.88 0.44 3.03
CA VAL A 39 5.42 -0.94 3.24
C VAL A 39 6.62 -1.85 3.19
N PHE A 40 7.53 -1.56 2.26
CA PHE A 40 8.77 -2.29 2.20
C PHE A 40 9.50 -2.13 3.53
N LEU A 41 9.56 -0.91 4.04
CA LEU A 41 10.23 -0.70 5.33
C LEU A 41 9.50 -1.50 6.38
N ASP A 42 8.18 -1.41 6.34
CA ASP A 42 7.35 -1.98 7.39
C ASP A 42 7.24 -3.50 7.30
N TYR A 43 7.01 -4.02 6.09
CA TYR A 43 6.77 -5.47 5.92
C TYR A 43 7.91 -6.16 5.16
N GLY A 44 8.87 -5.39 4.69
CA GLY A 44 9.98 -5.96 3.93
C GLY A 44 9.52 -6.35 2.53
N PHE A 45 8.35 -5.84 2.12
CA PHE A 45 7.78 -6.14 0.80
C PHE A 45 8.60 -5.45 -0.29
N PRO A 46 9.40 -6.17 -1.04
CA PRO A 46 10.26 -5.55 -2.10
C PRO A 46 9.44 -4.65 -3.03
N PRO A 47 9.94 -3.48 -3.32
CA PRO A 47 9.20 -2.47 -4.13
C PRO A 47 8.88 -2.97 -5.53
N VAL A 48 9.74 -3.79 -6.08
CA VAL A 48 9.49 -4.35 -7.39
C VAL A 48 8.27 -5.27 -7.34
N LEU A 49 8.22 -6.13 -6.33
CA LEU A 49 7.12 -7.07 -6.17
C LEU A 49 5.88 -6.35 -5.75
N GLN A 50 6.06 -5.38 -4.89
CA GLN A 50 4.95 -4.73 -4.24
C GLN A 50 4.22 -3.82 -5.20
N GLN A 51 3.06 -4.24 -5.63
CA GLN A 51 2.20 -3.39 -6.43
C GLN A 51 0.97 -2.99 -5.65
N TRP A 52 0.69 -1.70 -5.64
CA TRP A 52 -0.46 -1.17 -4.93
C TRP A 52 -1.60 -1.00 -5.89
N VAL A 53 -2.74 -1.61 -5.59
CA VAL A 53 -3.91 -1.50 -6.44
C VAL A 53 -5.12 -1.03 -5.65
N ILE A 54 -5.79 -0.02 -6.17
CA ILE A 54 -7.04 0.48 -5.62
C ILE A 54 -7.98 0.70 -6.79
N GLY A 55 -9.23 0.30 -6.65
CA GLY A 55 -10.20 0.42 -7.74
C GLY A 55 -10.14 1.81 -8.38
N GLN A 56 -9.56 2.77 -7.66
CA GLN A 56 -9.43 4.14 -8.16
C GLN A 56 -7.97 4.56 -8.30
N ARG A 57 -7.09 3.59 -8.50
CA ARG A 57 -5.66 3.88 -8.68
C ARG A 57 -5.31 4.33 -10.07
N LEU A 58 -4.21 5.05 -10.17
CA LEU A 58 -3.61 5.41 -11.44
C LEU A 58 -2.32 4.62 -11.60
N ALA A 59 -1.91 4.36 -12.83
CA ALA A 59 -0.69 3.58 -13.08
C ALA A 59 0.55 4.27 -12.53
N ARG A 60 0.35 5.29 -11.72
CA ARG A 60 1.43 6.02 -11.11
C ARG A 60 1.25 6.00 -9.61
N ASP A 61 2.27 5.54 -8.90
CA ASP A 61 2.18 5.36 -7.44
C ASP A 61 2.24 6.69 -6.73
N GLN A 62 2.68 7.69 -7.46
CA GLN A 62 2.94 9.01 -6.91
C GLN A 62 1.64 9.76 -6.54
N GLU A 63 0.48 9.22 -6.93
CA GLU A 63 -0.78 9.91 -6.62
C GLU A 63 -0.98 10.05 -5.11
N THR A 64 -1.84 10.99 -4.71
CA THR A 64 -2.17 11.16 -3.31
C THR A 64 -3.25 10.15 -2.94
N LEU A 65 -3.34 9.78 -1.67
CA LEU A 65 -4.41 8.87 -1.26
C LEU A 65 -5.75 9.54 -1.51
N HIS A 66 -5.80 10.83 -1.22
CA HIS A 66 -6.98 11.63 -1.47
C HIS A 66 -7.44 11.48 -2.92
N SER A 67 -6.48 11.26 -3.82
CA SER A 67 -6.78 11.09 -5.24
C SER A 67 -7.73 9.93 -5.42
N HIS A 68 -7.60 8.93 -4.58
CA HIS A 68 -8.42 7.74 -4.67
C HIS A 68 -9.68 7.89 -3.83
N GLY A 69 -9.91 9.12 -3.35
CA GLY A 69 -11.08 9.41 -2.55
C GLY A 69 -10.87 9.03 -1.11
N VAL A 70 -9.67 8.58 -0.79
CA VAL A 70 -9.35 8.19 0.56
C VAL A 70 -9.20 9.45 1.41
N ARG A 71 -10.33 9.93 1.94
CA ARG A 71 -10.34 11.15 2.74
C ARG A 71 -10.55 10.82 4.20
N GLN A 72 -11.06 9.62 4.45
CA GLN A 72 -11.38 9.16 5.78
C GLN A 72 -10.83 7.79 6.00
N ASN A 73 -10.67 7.43 7.25
CA ASN A 73 -10.26 6.08 7.64
C ASN A 73 -11.34 5.09 7.24
N GLY A 74 -10.96 3.82 7.21
CA GLY A 74 -11.87 2.77 6.80
C GLY A 74 -11.61 2.38 5.36
N ASP A 75 -10.67 3.07 4.77
CA ASP A 75 -10.25 2.81 3.40
C ASP A 75 -9.60 1.45 3.29
N SER A 76 -9.76 0.82 2.15
CA SER A 76 -9.19 -0.48 1.91
C SER A 76 -8.42 -0.46 0.59
N ALA A 77 -7.35 -1.22 0.51
CA ALA A 77 -6.53 -1.23 -0.70
C ALA A 77 -6.07 -2.63 -1.06
N TYR A 78 -5.53 -2.77 -2.26
CA TYR A 78 -5.07 -4.05 -2.73
C TYR A 78 -3.55 -4.00 -2.95
N LEU A 79 -2.85 -4.94 -2.35
CA LEU A 79 -1.39 -5.01 -2.45
C LEU A 79 -1.00 -6.31 -3.16
N TYR A 80 -0.22 -6.18 -4.21
CA TYR A 80 0.25 -7.35 -4.93
C TYR A 80 1.73 -7.61 -4.70
N LEU A 81 2.03 -8.87 -4.42
CA LEU A 81 3.40 -9.35 -4.30
C LEU A 81 3.66 -10.31 -5.45
N LEU A 82 4.14 -9.77 -6.54
CA LEU A 82 4.25 -10.54 -7.78
C LEU A 82 5.37 -11.56 -7.72
N SER A 83 5.27 -12.57 -8.56
CA SER A 83 6.25 -13.64 -8.61
C SER A 83 7.64 -13.07 -8.85
N ALA A 84 8.40 -12.88 -7.79
CA ALA A 84 9.72 -12.28 -7.90
C ALA A 84 10.49 -12.41 -6.62
N ARG A 85 11.79 -12.26 -6.72
CA ARG A 85 12.66 -12.17 -5.57
C ARG A 85 13.54 -10.95 -5.75
N ASN A 86 13.71 -10.17 -4.71
CA ASN A 86 14.57 -9.00 -4.78
C ASN A 86 15.92 -9.35 -4.24
N THR A 87 16.94 -9.28 -5.06
CA THR A 87 18.27 -9.66 -4.63
C THR A 87 18.82 -8.67 -3.61
N SER A 88 17.98 -8.29 -2.65
CA SER A 88 18.38 -7.43 -1.55
C SER A 88 19.40 -8.17 -0.71
N LEU A 89 20.28 -7.45 -0.04
CA LEU A 89 21.29 -8.09 0.79
C LEU A 89 20.66 -8.83 1.96
N ASN A 90 19.80 -9.79 1.64
CA ASN A 90 19.11 -10.60 2.64
C ASN A 90 19.39 -12.07 2.36
N MET A 1 -2.88 15.69 19.20
CA MET A 1 -2.90 16.54 17.99
C MET A 1 -4.27 16.40 17.33
N PRO A 2 -4.93 17.51 17.03
CA PRO A 2 -6.25 17.48 16.35
C PRO A 2 -6.16 16.89 14.95
N THR A 3 -4.97 16.96 14.38
CA THR A 3 -4.72 16.41 13.07
C THR A 3 -3.97 15.09 13.23
N GLN A 4 -4.54 14.00 12.72
CA GLN A 4 -3.93 12.68 12.83
C GLN A 4 -3.98 11.95 11.51
N ASP A 5 -3.19 10.91 11.40
CA ASP A 5 -3.23 10.05 10.22
C ASP A 5 -4.49 9.23 10.25
N ILE A 6 -4.74 8.48 9.20
CA ILE A 6 -5.90 7.61 9.17
C ILE A 6 -5.46 6.19 8.85
N ARG A 7 -6.30 5.23 9.22
CA ARG A 7 -5.98 3.83 9.02
C ARG A 7 -6.45 3.37 7.65
N LEU A 8 -5.54 2.79 6.90
CA LEU A 8 -5.83 2.22 5.60
C LEU A 8 -5.60 0.72 5.65
N TRP A 9 -6.58 -0.03 5.18
CA TRP A 9 -6.42 -1.47 5.08
C TRP A 9 -5.98 -1.82 3.69
N VAL A 10 -5.05 -2.73 3.58
CA VAL A 10 -4.62 -3.15 2.27
C VAL A 10 -4.80 -4.64 2.13
N SER A 11 -5.49 -5.04 1.07
CA SER A 11 -5.62 -6.44 0.77
C SER A 11 -4.34 -6.88 0.11
N VAL A 12 -3.68 -7.87 0.66
CA VAL A 12 -2.41 -8.30 0.12
C VAL A 12 -2.50 -9.72 -0.36
N GLU A 13 -2.05 -9.95 -1.59
CA GLU A 13 -1.95 -11.30 -2.13
C GLU A 13 -0.51 -11.63 -2.35
N ASP A 14 -0.02 -12.63 -1.63
CA ASP A 14 1.35 -13.06 -1.79
C ASP A 14 1.49 -13.73 -3.14
N ALA A 15 2.67 -13.68 -3.70
CA ALA A 15 2.94 -14.38 -4.95
C ALA A 15 2.61 -15.84 -4.77
N GLN A 16 2.61 -16.27 -3.53
CA GLN A 16 2.23 -17.63 -3.19
C GLN A 16 0.73 -17.81 -3.46
N MET A 17 0.09 -16.75 -3.94
CA MET A 17 -1.34 -16.71 -4.12
C MET A 17 -2.02 -16.90 -2.78
N HIS A 18 -1.56 -16.13 -1.82
CA HIS A 18 -2.11 -16.12 -0.47
C HIS A 18 -2.61 -14.72 -0.16
N THR A 19 -3.89 -14.60 0.16
CA THR A 19 -4.47 -13.30 0.46
C THR A 19 -4.32 -12.99 1.95
N VAL A 20 -3.67 -11.88 2.26
CA VAL A 20 -3.48 -11.45 3.64
C VAL A 20 -3.85 -9.98 3.80
N THR A 21 -4.07 -9.56 5.03
CA THR A 21 -4.49 -8.21 5.30
C THR A 21 -3.43 -7.48 6.12
N ILE A 22 -3.14 -6.25 5.74
CA ILE A 22 -2.23 -5.42 6.52
C ILE A 22 -2.89 -4.09 6.81
N TRP A 23 -2.49 -3.46 7.90
CA TRP A 23 -3.06 -2.19 8.30
C TRP A 23 -2.02 -1.11 8.19
N LEU A 24 -2.36 -0.03 7.49
CA LEU A 24 -1.45 1.08 7.33
C LEU A 24 -2.09 2.34 7.88
N THR A 25 -1.33 3.13 8.61
CA THR A 25 -1.84 4.40 9.08
C THR A 25 -1.11 5.54 8.37
N VAL A 26 -1.87 6.35 7.66
CA VAL A 26 -1.34 7.48 6.91
C VAL A 26 -2.40 8.54 6.81
N ARG A 27 -2.05 9.67 6.27
CA ARG A 27 -3.05 10.68 5.95
C ARG A 27 -3.47 10.49 4.50
N PRO A 28 -4.68 10.83 4.15
CA PRO A 28 -5.16 10.68 2.74
C PRO A 28 -4.33 11.54 1.82
N ASP A 29 -3.67 12.50 2.43
CA ASP A 29 -2.74 13.40 1.77
C ASP A 29 -1.53 12.60 1.25
N MET A 30 -1.34 11.43 1.82
CA MET A 30 -0.24 10.56 1.46
C MET A 30 -0.28 10.20 -0.02
N THR A 31 0.86 9.78 -0.51
CA THR A 31 1.04 9.35 -1.87
C THR A 31 1.29 7.85 -1.92
N VAL A 32 0.79 7.19 -2.96
CA VAL A 32 0.93 5.74 -3.09
C VAL A 32 2.41 5.35 -3.12
N ALA A 33 3.21 6.05 -3.91
CA ALA A 33 4.63 5.75 -3.98
C ALA A 33 5.23 5.76 -2.57
N SER A 34 4.91 6.80 -1.82
CA SER A 34 5.34 6.89 -0.43
C SER A 34 4.72 5.76 0.41
N LEU A 35 3.44 5.50 0.16
CA LEU A 35 2.70 4.45 0.87
C LEU A 35 3.34 3.09 0.60
N LYS A 36 3.69 2.87 -0.64
CA LYS A 36 4.36 1.66 -1.05
C LYS A 36 5.63 1.45 -0.22
N ASP A 37 6.39 2.52 -0.07
CA ASP A 37 7.66 2.46 0.65
C ASP A 37 7.49 2.09 2.11
N MET A 38 6.48 2.63 2.76
CA MET A 38 6.30 2.33 4.18
C MET A 38 6.12 0.85 4.33
N VAL A 39 5.40 0.27 3.40
CA VAL A 39 5.14 -1.15 3.42
C VAL A 39 6.47 -1.90 3.40
N PHE A 40 7.40 -1.43 2.57
CA PHE A 40 8.73 -2.00 2.60
C PHE A 40 9.34 -1.79 3.96
N LEU A 41 9.22 -0.58 4.49
CA LEU A 41 9.81 -0.28 5.78
C LEU A 41 9.15 -1.16 6.82
N ASP A 42 7.84 -1.25 6.71
CA ASP A 42 7.00 -1.95 7.67
C ASP A 42 7.09 -3.46 7.52
N TYR A 43 6.99 -3.96 6.29
CA TYR A 43 6.94 -5.41 6.06
C TYR A 43 8.17 -5.95 5.34
N GLY A 44 9.08 -5.08 4.95
CA GLY A 44 10.29 -5.51 4.24
C GLY A 44 9.92 -6.04 2.87
N PHE A 45 8.77 -5.63 2.36
CA PHE A 45 8.30 -6.09 1.06
C PHE A 45 9.08 -5.39 -0.05
N PRO A 46 9.83 -6.13 -0.84
CA PRO A 46 10.58 -5.53 -1.99
C PRO A 46 9.59 -4.90 -2.97
N PRO A 47 9.81 -3.67 -3.37
CA PRO A 47 8.85 -2.91 -4.21
C PRO A 47 8.57 -3.61 -5.52
N VAL A 48 9.55 -4.33 -6.02
CA VAL A 48 9.38 -5.09 -7.24
C VAL A 48 8.30 -6.16 -7.07
N LEU A 49 8.34 -6.87 -5.95
CA LEU A 49 7.41 -7.97 -5.73
C LEU A 49 6.01 -7.48 -5.49
N GLN A 50 5.88 -6.39 -4.75
CA GLN A 50 4.57 -5.89 -4.37
C GLN A 50 3.98 -5.00 -5.45
N GLN A 51 2.79 -5.35 -5.89
CA GLN A 51 2.06 -4.54 -6.85
C GLN A 51 0.83 -3.98 -6.19
N TRP A 52 0.67 -2.69 -6.24
CA TRP A 52 -0.50 -2.03 -5.68
C TRP A 52 -1.58 -1.94 -6.73
N VAL A 53 -2.79 -2.32 -6.36
CA VAL A 53 -3.90 -2.23 -7.28
C VAL A 53 -4.98 -1.31 -6.72
N ILE A 54 -5.30 -0.29 -7.48
CA ILE A 54 -6.41 0.57 -7.18
C ILE A 54 -7.06 0.97 -8.50
N GLY A 55 -8.35 0.71 -8.64
CA GLY A 55 -9.05 1.03 -9.87
C GLY A 55 -9.00 2.52 -10.13
N GLN A 56 -9.20 3.29 -9.07
CA GLN A 56 -9.19 4.75 -9.16
C GLN A 56 -7.83 5.31 -9.56
N ARG A 57 -6.76 4.62 -9.16
CA ARG A 57 -5.40 5.15 -9.38
C ARG A 57 -5.08 5.38 -10.85
N LEU A 58 -4.39 6.48 -11.09
CA LEU A 58 -3.80 6.78 -12.36
C LEU A 58 -2.49 6.04 -12.48
N ALA A 59 -2.00 5.86 -13.68
CA ALA A 59 -0.70 5.22 -13.87
C ALA A 59 0.41 6.09 -13.27
N ARG A 60 0.21 6.54 -12.04
CA ARG A 60 1.13 7.43 -11.39
C ARG A 60 1.14 7.18 -9.89
N ASP A 61 2.29 6.77 -9.38
CA ASP A 61 2.44 6.41 -7.98
C ASP A 61 2.46 7.62 -7.07
N GLN A 62 2.81 8.76 -7.65
CA GLN A 62 2.95 9.99 -6.89
C GLN A 62 1.59 10.52 -6.40
N GLU A 63 0.52 10.16 -7.09
CA GLU A 63 -0.80 10.71 -6.74
C GLU A 63 -1.15 10.47 -5.27
N THR A 64 -2.00 11.34 -4.75
CA THR A 64 -2.41 11.29 -3.36
C THR A 64 -3.36 10.12 -3.14
N LEU A 65 -3.38 9.58 -1.92
CA LEU A 65 -4.27 8.44 -1.64
C LEU A 65 -5.70 8.88 -1.86
N HIS A 66 -5.98 10.11 -1.47
CA HIS A 66 -7.32 10.66 -1.57
C HIS A 66 -7.96 10.35 -2.93
N SER A 67 -7.16 10.15 -3.97
CA SER A 67 -7.71 9.81 -5.29
C SER A 67 -8.49 8.50 -5.20
N HIS A 68 -8.00 7.61 -4.37
CA HIS A 68 -8.69 6.36 -4.09
C HIS A 68 -9.96 6.65 -3.28
N GLY A 69 -10.12 7.91 -2.92
CA GLY A 69 -11.27 8.33 -2.14
C GLY A 69 -10.95 8.27 -0.66
N VAL A 70 -9.71 7.94 -0.35
CA VAL A 70 -9.28 7.83 1.03
C VAL A 70 -9.33 9.21 1.69
N ARG A 71 -9.93 9.27 2.86
CA ARG A 71 -9.98 10.51 3.62
C ARG A 71 -10.10 10.22 5.11
N GLN A 72 -10.81 9.16 5.43
CA GLN A 72 -10.96 8.73 6.81
C GLN A 72 -10.43 7.34 6.99
N ASN A 73 -10.08 7.02 8.22
CA ASN A 73 -9.59 5.70 8.56
C ASN A 73 -10.63 4.65 8.21
N GLY A 74 -10.18 3.45 7.97
CA GLY A 74 -11.08 2.37 7.63
C GLY A 74 -11.19 2.20 6.13
N ASP A 75 -10.34 2.90 5.38
CA ASP A 75 -10.32 2.75 3.95
C ASP A 75 -9.58 1.49 3.56
N SER A 76 -9.87 0.99 2.38
CA SER A 76 -9.30 -0.28 1.95
C SER A 76 -8.58 -0.15 0.60
N ALA A 77 -7.44 -0.83 0.49
CA ALA A 77 -6.64 -0.84 -0.74
C ALA A 77 -6.24 -2.27 -1.10
N TYR A 78 -5.66 -2.46 -2.29
CA TYR A 78 -5.32 -3.80 -2.75
C TYR A 78 -3.87 -3.87 -3.21
N LEU A 79 -3.16 -4.90 -2.75
CA LEU A 79 -1.76 -5.12 -3.08
C LEU A 79 -1.55 -6.58 -3.48
N TYR A 80 -0.81 -6.81 -4.56
CA TYR A 80 -0.54 -8.16 -5.04
C TYR A 80 0.96 -8.38 -5.17
N LEU A 81 1.45 -9.54 -4.75
CA LEU A 81 2.87 -9.85 -4.84
C LEU A 81 3.20 -10.72 -6.05
N LEU A 82 4.24 -10.36 -6.76
CA LEU A 82 4.71 -11.15 -7.91
C LEU A 82 5.68 -12.22 -7.44
N SER A 83 5.64 -13.37 -8.08
CA SER A 83 6.49 -14.50 -7.70
C SER A 83 7.97 -14.22 -7.85
N ALA A 84 8.40 -13.06 -7.38
CA ALA A 84 9.80 -12.72 -7.33
C ALA A 84 10.37 -13.04 -5.97
N ARG A 85 11.63 -12.78 -5.79
CA ARG A 85 12.29 -12.96 -4.52
C ARG A 85 13.13 -11.76 -4.18
N ASN A 86 13.38 -11.59 -2.90
CA ASN A 86 14.14 -10.46 -2.38
C ASN A 86 15.28 -10.09 -3.32
N THR A 87 15.06 -9.06 -4.11
CA THR A 87 16.06 -8.57 -5.04
C THR A 87 17.23 -7.99 -4.26
N SER A 88 16.90 -7.38 -3.13
CA SER A 88 17.89 -6.91 -2.21
C SER A 88 18.66 -8.13 -1.70
N LEU A 89 19.72 -7.91 -0.94
CA LEU A 89 20.49 -9.03 -0.43
C LEU A 89 19.61 -9.90 0.45
N ASN A 90 18.80 -9.24 1.27
CA ASN A 90 17.87 -9.92 2.15
C ASN A 90 16.44 -9.61 1.75
N MET A 1 1.17 13.68 16.86
CA MET A 1 1.14 14.14 15.44
C MET A 1 0.25 15.38 15.36
N PRO A 2 0.61 16.34 14.55
CA PRO A 2 -0.18 17.61 14.40
C PRO A 2 -1.63 17.33 14.06
N THR A 3 -1.81 16.38 13.18
CA THR A 3 -3.12 15.93 12.77
C THR A 3 -3.20 14.43 12.95
N GLN A 4 -4.41 13.90 13.06
CA GLN A 4 -4.57 12.47 13.26
C GLN A 4 -4.58 11.76 11.93
N ASP A 5 -3.83 10.69 11.85
CA ASP A 5 -3.77 9.89 10.64
C ASP A 5 -5.05 9.13 10.46
N ILE A 6 -5.19 8.50 9.33
CA ILE A 6 -6.34 7.70 9.03
C ILE A 6 -5.89 6.28 8.72
N ARG A 7 -6.80 5.36 8.87
CA ARG A 7 -6.47 3.95 8.76
C ARG A 7 -6.93 3.39 7.45
N LEU A 8 -6.01 2.72 6.76
CA LEU A 8 -6.31 2.05 5.51
C LEU A 8 -6.12 0.55 5.67
N TRP A 9 -7.13 -0.22 5.29
CA TRP A 9 -7.01 -1.68 5.32
C TRP A 9 -6.59 -2.14 3.94
N VAL A 10 -5.61 -3.02 3.87
CA VAL A 10 -5.18 -3.50 2.58
C VAL A 10 -5.19 -5.03 2.54
N SER A 11 -5.82 -5.59 1.51
CA SER A 11 -5.81 -7.03 1.30
C SER A 11 -4.55 -7.43 0.53
N VAL A 12 -3.86 -8.45 1.00
CA VAL A 12 -2.60 -8.87 0.38
C VAL A 12 -2.68 -10.31 -0.11
N GLU A 13 -2.23 -10.52 -1.34
CA GLU A 13 -2.15 -11.85 -1.92
C GLU A 13 -0.78 -12.06 -2.51
N ASP A 14 0.03 -12.89 -1.86
CA ASP A 14 1.40 -13.12 -2.31
C ASP A 14 1.44 -14.04 -3.50
N ALA A 15 2.38 -13.80 -4.39
CA ALA A 15 2.65 -14.67 -5.51
C ALA A 15 2.97 -16.06 -4.98
N GLN A 16 3.44 -16.09 -3.75
CA GLN A 16 3.79 -17.32 -3.07
C GLN A 16 2.52 -18.05 -2.62
N MET A 17 1.37 -17.55 -3.08
CA MET A 17 0.07 -18.07 -2.65
C MET A 17 -0.12 -17.83 -1.18
N HIS A 18 0.25 -16.64 -0.75
CA HIS A 18 0.10 -16.24 0.64
C HIS A 18 -0.89 -15.08 0.74
N THR A 19 -2.01 -15.33 1.40
CA THR A 19 -3.02 -14.30 1.59
C THR A 19 -2.83 -13.64 2.94
N VAL A 20 -2.71 -12.31 2.94
CA VAL A 20 -2.48 -11.58 4.16
C VAL A 20 -3.38 -10.35 4.24
N THR A 21 -3.57 -9.87 5.45
CA THR A 21 -4.30 -8.66 5.69
C THR A 21 -3.38 -7.67 6.40
N ILE A 22 -3.26 -6.47 5.87
CA ILE A 22 -2.45 -5.46 6.51
C ILE A 22 -3.23 -4.17 6.64
N TRP A 23 -2.92 -3.40 7.65
CA TRP A 23 -3.60 -2.14 7.90
C TRP A 23 -2.57 -1.04 8.00
N LEU A 24 -2.81 0.05 7.30
CA LEU A 24 -1.90 1.19 7.35
C LEU A 24 -2.57 2.38 8.02
N THR A 25 -1.88 2.98 8.97
CA THR A 25 -2.33 4.24 9.53
C THR A 25 -1.54 5.36 8.85
N VAL A 26 -2.22 6.14 8.04
CA VAL A 26 -1.56 7.15 7.22
C VAL A 26 -2.45 8.36 7.07
N ARG A 27 -2.07 9.27 6.19
CA ARG A 27 -2.87 10.44 5.91
C ARG A 27 -3.20 10.52 4.43
N PRO A 28 -4.32 11.10 4.07
CA PRO A 28 -4.75 11.18 2.65
C PRO A 28 -3.72 11.89 1.78
N ASP A 29 -2.91 12.74 2.42
CA ASP A 29 -1.92 13.54 1.71
C ASP A 29 -0.61 12.80 1.51
N MET A 30 -0.58 11.55 1.96
CA MET A 30 0.56 10.70 1.69
C MET A 30 0.56 10.26 0.25
N THR A 31 1.72 9.95 -0.25
CA THR A 31 1.92 9.53 -1.60
C THR A 31 1.94 7.99 -1.66
N VAL A 32 1.43 7.43 -2.74
CA VAL A 32 1.36 5.99 -2.90
C VAL A 32 2.78 5.41 -2.84
N ALA A 33 3.71 6.04 -3.52
CA ALA A 33 5.10 5.61 -3.46
C ALA A 33 5.55 5.50 -2.00
N SER A 34 5.24 6.53 -1.22
CA SER A 34 5.53 6.54 0.21
C SER A 34 4.77 5.43 0.90
N LEU A 35 3.53 5.23 0.48
CA LEU A 35 2.71 4.17 1.04
C LEU A 35 3.35 2.82 0.78
N LYS A 36 3.82 2.62 -0.44
CA LYS A 36 4.53 1.39 -0.73
C LYS A 36 5.76 1.34 0.15
N ASP A 37 6.40 2.50 0.28
CA ASP A 37 7.65 2.59 1.01
C ASP A 37 7.49 2.13 2.44
N MET A 38 6.49 2.67 3.15
CA MET A 38 6.27 2.23 4.53
C MET A 38 5.97 0.76 4.55
N VAL A 39 5.18 0.32 3.59
CA VAL A 39 4.87 -1.08 3.43
C VAL A 39 6.16 -1.84 3.18
N PHE A 40 7.03 -1.27 2.35
CA PHE A 40 8.33 -1.85 2.13
C PHE A 40 9.11 -1.90 3.44
N LEU A 41 9.10 -0.81 4.19
CA LEU A 41 9.81 -0.81 5.46
C LEU A 41 9.18 -1.85 6.35
N ASP A 42 7.86 -1.84 6.36
CA ASP A 42 7.09 -2.68 7.27
C ASP A 42 7.12 -4.15 6.87
N TYR A 43 6.90 -4.43 5.60
CA TYR A 43 6.77 -5.81 5.12
C TYR A 43 7.94 -6.23 4.24
N GLY A 44 8.81 -5.30 3.90
CA GLY A 44 9.94 -5.61 3.03
C GLY A 44 9.47 -5.82 1.60
N PHE A 45 8.22 -5.45 1.32
CA PHE A 45 7.66 -5.62 -0.01
C PHE A 45 8.18 -4.52 -0.93
N PRO A 46 9.00 -4.84 -1.90
CA PRO A 46 9.56 -3.82 -2.83
C PRO A 46 8.45 -3.24 -3.73
N PRO A 47 8.61 -2.01 -4.17
CA PRO A 47 7.58 -1.34 -5.02
C PRO A 47 7.35 -2.09 -6.31
N VAL A 48 8.37 -2.78 -6.78
CA VAL A 48 8.24 -3.60 -7.96
C VAL A 48 7.23 -4.73 -7.71
N LEU A 49 7.36 -5.39 -6.57
CA LEU A 49 6.42 -6.43 -6.18
C LEU A 49 5.08 -5.85 -5.78
N GLN A 50 5.12 -4.70 -5.10
CA GLN A 50 3.89 -4.11 -4.60
C GLN A 50 3.03 -3.59 -5.73
N GLN A 51 2.12 -4.42 -6.21
CA GLN A 51 1.12 -3.94 -7.14
C GLN A 51 -0.16 -3.68 -6.37
N TRP A 52 -0.45 -2.42 -6.15
CA TRP A 52 -1.65 -2.05 -5.42
C TRP A 52 -2.81 -1.98 -6.39
N VAL A 53 -3.94 -2.60 -6.03
CA VAL A 53 -5.08 -2.56 -6.92
C VAL A 53 -6.10 -1.55 -6.42
N ILE A 54 -6.37 -0.57 -7.25
CA ILE A 54 -7.33 0.47 -6.96
C ILE A 54 -7.94 0.93 -8.27
N GLY A 55 -9.25 1.04 -8.33
CA GLY A 55 -9.91 1.48 -9.55
C GLY A 55 -9.42 2.88 -9.95
N GLN A 56 -9.30 3.77 -8.97
CA GLN A 56 -8.90 5.17 -9.21
C GLN A 56 -7.43 5.29 -9.62
N ARG A 57 -6.62 4.28 -9.30
CA ARG A 57 -5.16 4.36 -9.50
C ARG A 57 -4.74 4.48 -10.96
N LEU A 58 -3.65 5.20 -11.17
CA LEU A 58 -2.98 5.33 -12.47
C LEU A 58 -1.52 4.94 -12.32
N ALA A 59 -0.85 4.68 -13.42
CA ALA A 59 0.58 4.31 -13.41
C ALA A 59 1.45 5.44 -12.85
N ARG A 60 1.04 6.01 -11.73
CA ARG A 60 1.81 7.06 -11.09
C ARG A 60 1.86 6.82 -9.58
N ASP A 61 3.03 6.43 -9.11
CA ASP A 61 3.24 6.18 -7.67
C ASP A 61 3.19 7.48 -6.91
N GLN A 62 3.37 8.57 -7.63
CA GLN A 62 3.39 9.91 -7.06
C GLN A 62 2.01 10.33 -6.56
N GLU A 63 0.97 9.58 -6.93
CA GLU A 63 -0.36 9.92 -6.48
C GLU A 63 -0.45 9.94 -4.97
N THR A 64 -1.26 10.85 -4.47
CA THR A 64 -1.51 10.94 -3.05
C THR A 64 -2.47 9.83 -2.65
N LEU A 65 -2.53 9.51 -1.37
CA LEU A 65 -3.42 8.46 -0.93
C LEU A 65 -4.86 8.85 -1.23
N HIS A 66 -5.17 10.11 -1.00
CA HIS A 66 -6.50 10.63 -1.30
C HIS A 66 -6.89 10.27 -2.72
N SER A 67 -5.90 10.14 -3.60
CA SER A 67 -6.16 9.77 -4.99
C SER A 67 -6.91 8.44 -5.05
N HIS A 68 -6.66 7.55 -4.08
CA HIS A 68 -7.40 6.29 -3.98
C HIS A 68 -8.84 6.57 -3.51
N GLY A 69 -9.07 7.79 -3.06
CA GLY A 69 -10.38 8.19 -2.58
C GLY A 69 -10.47 8.01 -1.08
N VAL A 70 -9.34 7.68 -0.45
CA VAL A 70 -9.31 7.53 0.99
C VAL A 70 -9.27 8.91 1.65
N ARG A 71 -10.45 9.47 1.82
CA ARG A 71 -10.66 10.78 2.43
C ARG A 71 -10.38 10.68 3.92
N GLN A 72 -10.81 9.56 4.48
CA GLN A 72 -10.77 9.35 5.92
C GLN A 72 -10.38 7.92 6.23
N ASN A 73 -10.33 7.59 7.50
CA ASN A 73 -10.04 6.25 7.94
C ASN A 73 -11.19 5.32 7.57
N GLY A 74 -10.90 4.03 7.52
CA GLY A 74 -11.92 3.05 7.21
C GLY A 74 -11.87 2.63 5.75
N ASP A 75 -11.06 3.34 4.97
CA ASP A 75 -10.93 2.98 3.57
C ASP A 75 -10.16 1.68 3.43
N SER A 76 -10.39 0.99 2.35
CA SER A 76 -9.80 -0.33 2.14
C SER A 76 -9.04 -0.35 0.81
N ALA A 77 -8.00 -1.18 0.74
CA ALA A 77 -7.19 -1.29 -0.48
C ALA A 77 -6.80 -2.73 -0.76
N TYR A 78 -6.30 -2.98 -1.96
CA TYR A 78 -5.91 -4.33 -2.34
C TYR A 78 -4.46 -4.32 -2.80
N LEU A 79 -3.64 -5.21 -2.22
CA LEU A 79 -2.25 -5.32 -2.65
C LEU A 79 -2.06 -6.61 -3.44
N TYR A 80 -1.50 -6.46 -4.61
CA TYR A 80 -1.21 -7.57 -5.50
C TYR A 80 0.29 -7.73 -5.59
N LEU A 81 0.77 -8.94 -5.37
CA LEU A 81 2.21 -9.18 -5.36
C LEU A 81 2.66 -9.95 -6.57
N LEU A 82 3.71 -9.48 -7.19
CA LEU A 82 4.30 -10.14 -8.35
C LEU A 82 5.37 -11.10 -7.88
N SER A 83 5.42 -12.26 -8.48
CA SER A 83 6.46 -13.22 -8.13
C SER A 83 7.82 -12.66 -8.54
N ALA A 84 8.54 -12.09 -7.58
CA ALA A 84 9.82 -11.46 -7.85
C ALA A 84 10.55 -11.22 -6.55
N ARG A 85 11.72 -10.58 -6.65
CA ARG A 85 12.49 -10.23 -5.47
C ARG A 85 13.11 -8.86 -5.67
N ASN A 86 13.47 -8.21 -4.58
CA ASN A 86 14.21 -6.94 -4.65
C ASN A 86 15.66 -7.24 -4.95
N THR A 87 16.36 -6.27 -5.52
CA THR A 87 17.77 -6.46 -5.80
C THR A 87 18.49 -6.72 -4.48
N SER A 88 19.22 -7.82 -4.40
CA SER A 88 19.91 -8.15 -3.18
C SER A 88 21.15 -7.27 -3.03
N LEU A 89 21.40 -6.82 -1.83
CA LEU A 89 22.60 -6.04 -1.55
C LEU A 89 23.83 -6.89 -1.77
N ASN A 90 23.72 -8.17 -1.39
CA ASN A 90 24.82 -9.13 -1.49
C ASN A 90 25.24 -9.34 -2.94
N MET A 1 -8.69 15.83 11.50
CA MET A 1 -7.64 16.88 11.47
C MET A 1 -6.31 16.22 11.18
N PRO A 2 -5.34 16.97 10.74
CA PRO A 2 -3.97 16.45 10.50
C PRO A 2 -3.40 15.84 11.77
N THR A 3 -3.99 16.21 12.88
CA THR A 3 -3.59 15.66 14.15
C THR A 3 -3.76 14.15 14.13
N GLN A 4 -4.75 13.69 13.37
CA GLN A 4 -4.95 12.25 13.17
C GLN A 4 -4.70 11.87 11.73
N ASP A 5 -4.24 10.66 11.55
CA ASP A 5 -4.08 10.07 10.24
C ASP A 5 -5.32 9.26 9.93
N ILE A 6 -5.28 8.45 8.90
CA ILE A 6 -6.39 7.59 8.58
C ILE A 6 -5.94 6.14 8.55
N ARG A 7 -6.88 5.23 8.79
CA ARG A 7 -6.58 3.82 8.82
C ARG A 7 -6.85 3.23 7.46
N LEU A 8 -5.83 2.67 6.83
CA LEU A 8 -5.95 2.10 5.50
C LEU A 8 -5.75 0.61 5.56
N TRP A 9 -6.71 -0.13 5.03
CA TRP A 9 -6.62 -1.59 5.00
C TRP A 9 -6.03 -2.01 3.69
N VAL A 10 -5.05 -2.90 3.73
CA VAL A 10 -4.48 -3.39 2.51
C VAL A 10 -4.78 -4.87 2.34
N SER A 11 -5.38 -5.20 1.22
CA SER A 11 -5.62 -6.58 0.87
C SER A 11 -4.39 -7.07 0.13
N VAL A 12 -3.67 -8.00 0.71
CA VAL A 12 -2.38 -8.38 0.17
C VAL A 12 -2.40 -9.81 -0.32
N GLU A 13 -1.88 -10.02 -1.52
CA GLU A 13 -1.72 -11.36 -2.08
C GLU A 13 -0.27 -11.61 -2.42
N ASP A 14 0.23 -12.81 -2.12
CA ASP A 14 1.61 -13.15 -2.43
C ASP A 14 1.73 -13.70 -3.84
N ALA A 15 2.95 -14.07 -4.23
CA ALA A 15 3.21 -14.53 -5.59
C ALA A 15 2.34 -15.73 -5.95
N GLN A 16 1.97 -16.48 -4.95
CA GLN A 16 1.11 -17.64 -5.13
C GLN A 16 -0.34 -17.25 -4.93
N MET A 17 -0.58 -15.95 -4.83
CA MET A 17 -1.90 -15.39 -4.65
C MET A 17 -2.45 -15.71 -3.27
N HIS A 18 -1.56 -16.07 -2.34
CA HIS A 18 -1.98 -16.26 -0.95
C HIS A 18 -2.25 -14.92 -0.35
N THR A 19 -3.42 -14.72 0.23
CA THR A 19 -3.81 -13.40 0.66
C THR A 19 -3.66 -13.15 2.16
N VAL A 20 -3.16 -11.97 2.47
CA VAL A 20 -3.08 -11.47 3.83
C VAL A 20 -3.62 -10.03 3.84
N THR A 21 -3.99 -9.54 4.99
CA THR A 21 -4.48 -8.19 5.11
C THR A 21 -3.65 -7.42 6.11
N ILE A 22 -3.22 -6.23 5.74
CA ILE A 22 -2.48 -5.38 6.65
C ILE A 22 -3.14 -4.02 6.76
N TRP A 23 -2.93 -3.37 7.88
CA TRP A 23 -3.50 -2.06 8.10
C TRP A 23 -2.40 -1.03 8.13
N LEU A 24 -2.57 0.01 7.34
CA LEU A 24 -1.62 1.11 7.31
C LEU A 24 -2.29 2.38 7.76
N THR A 25 -1.61 3.15 8.58
CA THR A 25 -2.15 4.40 9.05
C THR A 25 -1.39 5.55 8.40
N VAL A 26 -2.10 6.33 7.62
CA VAL A 26 -1.50 7.42 6.86
C VAL A 26 -2.47 8.56 6.70
N ARG A 27 -2.13 9.51 5.85
CA ARG A 27 -3.02 10.60 5.52
C ARG A 27 -3.36 10.52 4.03
N PRO A 28 -4.57 10.87 3.63
CA PRO A 28 -4.98 10.80 2.19
C PRO A 28 -4.03 11.62 1.33
N ASP A 29 -3.39 12.57 1.97
CA ASP A 29 -2.42 13.44 1.32
C ASP A 29 -1.22 12.64 0.82
N MET A 30 -0.89 11.58 1.53
CA MET A 30 0.27 10.78 1.19
C MET A 30 0.26 10.31 -0.24
N THR A 31 1.43 9.98 -0.71
CA THR A 31 1.64 9.47 -2.02
C THR A 31 1.67 7.94 -1.96
N VAL A 32 1.19 7.30 -3.01
CA VAL A 32 1.16 5.84 -3.04
C VAL A 32 2.58 5.30 -2.93
N ALA A 33 3.49 5.89 -3.68
CA ALA A 33 4.90 5.49 -3.61
C ALA A 33 5.39 5.61 -2.17
N SER A 34 5.01 6.69 -1.51
CA SER A 34 5.33 6.87 -0.11
C SER A 34 4.68 5.76 0.72
N LEU A 35 3.43 5.48 0.40
CA LEU A 35 2.69 4.40 1.06
C LEU A 35 3.35 3.06 0.76
N LYS A 36 3.74 2.86 -0.48
CA LYS A 36 4.46 1.67 -0.87
C LYS A 36 5.73 1.58 -0.06
N ASP A 37 6.42 2.70 0.06
CA ASP A 37 7.71 2.75 0.70
C ASP A 37 7.62 2.27 2.15
N MET A 38 6.62 2.74 2.88
CA MET A 38 6.49 2.35 4.28
C MET A 38 6.31 0.86 4.39
N VAL A 39 5.53 0.32 3.48
CA VAL A 39 5.24 -1.10 3.49
C VAL A 39 6.55 -1.85 3.41
N PHE A 40 7.43 -1.37 2.56
CA PHE A 40 8.77 -1.91 2.48
C PHE A 40 9.48 -1.76 3.82
N LEU A 41 9.39 -0.59 4.42
CA LEU A 41 10.03 -0.38 5.72
C LEU A 41 9.36 -1.28 6.75
N ASP A 42 8.04 -1.31 6.67
CA ASP A 42 7.24 -1.99 7.68
C ASP A 42 7.31 -3.50 7.54
N TYR A 43 7.18 -3.99 6.32
CA TYR A 43 7.13 -5.44 6.09
C TYR A 43 8.34 -5.95 5.33
N GLY A 44 9.26 -5.05 4.97
CA GLY A 44 10.40 -5.46 4.17
C GLY A 44 9.92 -5.89 2.79
N PHE A 45 8.73 -5.45 2.44
CA PHE A 45 8.12 -5.79 1.17
C PHE A 45 8.84 -5.06 0.04
N PRO A 46 9.48 -5.77 -0.86
CA PRO A 46 10.26 -5.14 -1.96
C PRO A 46 9.37 -4.20 -2.78
N PRO A 47 9.70 -2.93 -2.85
CA PRO A 47 8.83 -1.91 -3.52
C PRO A 47 8.54 -2.24 -4.98
N VAL A 48 9.49 -2.90 -5.61
CA VAL A 48 9.36 -3.29 -6.99
C VAL A 48 8.20 -4.28 -7.20
N LEU A 49 7.95 -5.12 -6.21
CA LEU A 49 6.91 -6.13 -6.30
C LEU A 49 5.57 -5.60 -5.82
N GLN A 50 5.55 -4.36 -5.35
CA GLN A 50 4.35 -3.84 -4.73
C GLN A 50 3.36 -3.30 -5.76
N GLN A 51 2.34 -4.08 -6.08
CA GLN A 51 1.27 -3.62 -6.95
C GLN A 51 0.09 -3.19 -6.09
N TRP A 52 -0.25 -1.91 -6.15
CA TRP A 52 -1.31 -1.35 -5.32
C TRP A 52 -2.56 -1.08 -6.12
N VAL A 53 -3.71 -1.54 -5.62
CA VAL A 53 -5.00 -1.26 -6.24
C VAL A 53 -5.94 -0.63 -5.20
N ILE A 54 -6.60 0.44 -5.61
CA ILE A 54 -7.55 1.16 -4.77
C ILE A 54 -8.70 1.65 -5.64
N GLY A 55 -9.88 1.83 -5.04
CA GLY A 55 -11.09 2.17 -5.78
C GLY A 55 -10.84 3.27 -6.81
N GLN A 56 -9.98 4.23 -6.50
CA GLN A 56 -9.66 5.32 -7.43
C GLN A 56 -8.20 5.28 -7.83
N ARG A 57 -7.61 4.10 -7.74
CA ARG A 57 -6.21 3.94 -8.07
C ARG A 57 -5.94 4.17 -9.55
N LEU A 58 -4.96 5.00 -9.81
CA LEU A 58 -4.40 5.13 -11.15
C LEU A 58 -3.00 4.57 -11.13
N ALA A 59 -2.54 4.05 -12.25
CA ALA A 59 -1.23 3.41 -12.34
C ALA A 59 -0.10 4.41 -12.03
N ARG A 60 -0.28 5.24 -11.04
CA ARG A 60 0.71 6.22 -10.66
C ARG A 60 1.07 6.07 -9.19
N ASP A 61 2.28 5.62 -8.95
CA ASP A 61 2.82 5.46 -7.60
C ASP A 61 2.92 6.82 -6.95
N GLN A 62 3.18 7.80 -7.78
CA GLN A 62 3.40 9.18 -7.35
C GLN A 62 2.13 9.79 -6.80
N GLU A 63 0.99 9.23 -7.20
CA GLU A 63 -0.29 9.81 -6.84
C GLU A 63 -0.57 9.79 -5.35
N THR A 64 -1.48 10.66 -4.99
CA THR A 64 -1.92 10.84 -3.64
C THR A 64 -2.83 9.68 -3.22
N LEU A 65 -2.80 9.33 -1.94
CA LEU A 65 -3.64 8.24 -1.46
C LEU A 65 -5.09 8.62 -1.68
N HIS A 66 -5.39 9.88 -1.43
CA HIS A 66 -6.70 10.42 -1.70
C HIS A 66 -7.05 10.21 -3.15
N SER A 67 -6.09 10.49 -4.03
CA SER A 67 -6.30 10.28 -5.45
C SER A 67 -6.62 8.82 -5.71
N HIS A 68 -5.86 7.94 -5.08
CA HIS A 68 -6.06 6.51 -5.26
C HIS A 68 -7.39 6.06 -4.67
N GLY A 69 -7.96 6.89 -3.81
CA GLY A 69 -9.26 6.61 -3.25
C GLY A 69 -9.24 6.45 -1.75
N VAL A 70 -8.07 6.63 -1.13
CA VAL A 70 -8.02 6.55 0.32
C VAL A 70 -8.51 7.88 0.89
N ARG A 71 -9.82 7.99 1.02
CA ARG A 71 -10.45 9.21 1.46
C ARG A 71 -10.22 9.43 2.95
N GLN A 72 -10.35 8.35 3.70
CA GLN A 72 -10.32 8.43 5.16
C GLN A 72 -10.19 7.04 5.75
N ASN A 73 -10.17 6.96 7.07
CA ASN A 73 -10.11 5.66 7.72
C ASN A 73 -11.30 4.83 7.27
N GLY A 74 -11.10 3.54 7.15
CA GLY A 74 -12.14 2.66 6.64
C GLY A 74 -11.91 2.33 5.18
N ASP A 75 -11.06 3.12 4.52
CA ASP A 75 -10.71 2.84 3.14
C ASP A 75 -9.85 1.61 3.05
N SER A 76 -10.04 0.85 2.00
CA SER A 76 -9.35 -0.41 1.85
C SER A 76 -8.62 -0.43 0.51
N ALA A 77 -7.50 -1.12 0.45
CA ALA A 77 -6.70 -1.19 -0.76
C ALA A 77 -6.31 -2.61 -1.08
N TYR A 78 -5.82 -2.84 -2.28
CA TYR A 78 -5.36 -4.15 -2.67
C TYR A 78 -3.89 -4.10 -3.04
N LEU A 79 -3.10 -4.97 -2.43
CA LEU A 79 -1.70 -5.09 -2.74
C LEU A 79 -1.44 -6.44 -3.39
N TYR A 80 -0.81 -6.40 -4.54
CA TYR A 80 -0.50 -7.61 -5.28
C TYR A 80 1.00 -7.79 -5.35
N LEU A 81 1.48 -8.98 -4.94
CA LEU A 81 2.92 -9.25 -4.90
C LEU A 81 3.30 -10.32 -5.90
N LEU A 82 4.53 -10.24 -6.36
CA LEU A 82 5.07 -11.17 -7.34
C LEU A 82 6.09 -12.12 -6.73
N SER A 83 6.52 -13.08 -7.52
CA SER A 83 7.44 -14.12 -7.07
C SER A 83 8.90 -13.64 -7.08
N ALA A 84 9.12 -12.44 -7.61
CA ALA A 84 10.49 -11.91 -7.71
C ALA A 84 11.20 -12.00 -6.38
N ARG A 85 10.61 -11.44 -5.35
CA ARG A 85 11.14 -11.52 -4.01
C ARG A 85 10.00 -11.60 -3.00
N ASN A 86 10.12 -12.51 -2.06
CA ASN A 86 9.13 -12.64 -0.99
C ASN A 86 9.85 -12.63 0.34
N THR A 87 10.25 -11.45 0.76
CA THR A 87 11.05 -11.28 1.95
C THR A 87 10.23 -11.41 3.22
N SER A 88 10.92 -11.48 4.34
CA SER A 88 10.30 -11.57 5.64
C SER A 88 9.78 -10.21 6.05
N LEU A 89 8.87 -10.18 7.03
CA LEU A 89 8.31 -8.94 7.52
C LEU A 89 9.41 -8.07 8.11
N ASN A 90 10.33 -8.71 8.80
CA ASN A 90 11.49 -8.03 9.37
C ASN A 90 12.76 -8.44 8.65
N MET A 1 0.46 16.08 14.11
CA MET A 1 -0.59 16.64 14.99
C MET A 1 -1.58 17.50 14.17
N PRO A 2 -1.13 18.57 13.53
CA PRO A 2 -2.02 19.38 12.63
C PRO A 2 -2.70 18.48 11.60
N THR A 3 -1.96 17.48 11.19
CA THR A 3 -2.48 16.43 10.35
C THR A 3 -2.32 15.11 11.09
N GLN A 4 -3.37 14.31 11.15
CA GLN A 4 -3.31 13.03 11.86
C GLN A 4 -3.42 11.87 10.89
N ASP A 5 -2.86 10.74 11.27
CA ASP A 5 -2.93 9.54 10.46
C ASP A 5 -4.32 8.94 10.48
N ILE A 6 -4.64 8.28 9.42
CA ILE A 6 -5.84 7.49 9.28
C ILE A 6 -5.42 6.09 8.89
N ARG A 7 -6.28 5.09 9.09
CA ARG A 7 -5.88 3.73 8.79
C ARG A 7 -6.42 3.27 7.46
N LEU A 8 -5.53 2.76 6.64
CA LEU A 8 -5.85 2.24 5.34
C LEU A 8 -5.64 0.74 5.32
N TRP A 9 -6.64 0.01 4.84
CA TRP A 9 -6.51 -1.42 4.72
C TRP A 9 -5.98 -1.74 3.34
N VAL A 10 -4.97 -2.55 3.27
CA VAL A 10 -4.46 -2.96 1.99
C VAL A 10 -4.57 -4.46 1.87
N SER A 11 -5.19 -4.90 0.79
CA SER A 11 -5.32 -6.30 0.52
C SER A 11 -4.05 -6.75 -0.16
N VAL A 12 -3.43 -7.80 0.32
CA VAL A 12 -2.21 -8.28 -0.28
C VAL A 12 -2.40 -9.69 -0.77
N GLU A 13 -2.07 -9.94 -2.02
CA GLU A 13 -2.10 -11.30 -2.53
C GLU A 13 -0.70 -11.78 -2.78
N ASP A 14 -0.28 -12.76 -2.01
CA ASP A 14 1.05 -13.33 -2.13
C ASP A 14 1.11 -14.23 -3.34
N ALA A 15 2.26 -14.22 -3.97
CA ALA A 15 2.52 -15.12 -5.09
C ALA A 15 2.29 -16.55 -4.64
N GLN A 16 2.37 -16.75 -3.34
CA GLN A 16 2.08 -18.06 -2.76
C GLN A 16 0.60 -18.37 -2.93
N MET A 17 -0.11 -17.45 -3.58
CA MET A 17 -1.54 -17.55 -3.80
C MET A 17 -2.28 -17.36 -2.49
N HIS A 18 -1.75 -16.47 -1.66
CA HIS A 18 -2.36 -16.13 -0.37
C HIS A 18 -2.87 -14.71 -0.41
N THR A 19 -4.15 -14.52 -0.14
CA THR A 19 -4.73 -13.20 -0.08
C THR A 19 -4.76 -12.74 1.38
N VAL A 20 -4.16 -11.60 1.64
CA VAL A 20 -3.98 -11.12 3.00
C VAL A 20 -4.43 -9.68 3.13
N THR A 21 -4.68 -9.26 4.36
CA THR A 21 -5.03 -7.88 4.65
C THR A 21 -3.94 -7.27 5.51
N ILE A 22 -3.45 -6.11 5.14
CA ILE A 22 -2.46 -5.41 5.95
C ILE A 22 -2.97 -4.03 6.29
N TRP A 23 -2.52 -3.50 7.40
CA TRP A 23 -3.00 -2.25 7.91
C TRP A 23 -1.92 -1.19 7.81
N LEU A 24 -2.28 -0.04 7.24
CA LEU A 24 -1.36 1.10 7.13
C LEU A 24 -1.97 2.31 7.82
N THR A 25 -1.17 3.04 8.59
CA THR A 25 -1.64 4.30 9.17
C THR A 25 -0.94 5.46 8.47
N VAL A 26 -1.72 6.33 7.84
CA VAL A 26 -1.17 7.46 7.07
C VAL A 26 -2.17 8.59 7.03
N ARG A 27 -1.87 9.61 6.25
CA ARG A 27 -2.83 10.67 5.98
C ARG A 27 -3.26 10.61 4.53
N PRO A 28 -4.45 11.07 4.21
CA PRO A 28 -4.95 11.07 2.81
C PRO A 28 -3.99 11.81 1.89
N ASP A 29 -3.26 12.74 2.48
CA ASP A 29 -2.31 13.57 1.75
C ASP A 29 -1.15 12.77 1.23
N MET A 30 -0.86 11.65 1.87
CA MET A 30 0.27 10.84 1.45
C MET A 30 0.13 10.41 0.02
N THR A 31 1.26 10.21 -0.59
CA THR A 31 1.35 9.75 -1.94
C THR A 31 1.51 8.22 -1.94
N VAL A 32 1.08 7.57 -3.01
CA VAL A 32 1.15 6.12 -3.07
C VAL A 32 2.59 5.66 -2.93
N ALA A 33 3.50 6.33 -3.63
CA ALA A 33 4.91 6.03 -3.52
C ALA A 33 5.33 6.08 -2.06
N SER A 34 4.78 7.05 -1.35
CA SER A 34 5.06 7.21 0.06
C SER A 34 4.63 5.96 0.84
N LEU A 35 3.48 5.37 0.46
CA LEU A 35 3.01 4.15 1.10
C LEU A 35 3.98 3.01 0.89
N LYS A 36 4.46 2.89 -0.32
CA LYS A 36 5.32 1.79 -0.67
C LYS A 36 6.55 1.79 0.19
N ASP A 37 7.08 2.96 0.45
CA ASP A 37 8.24 3.06 1.32
C ASP A 37 7.91 2.53 2.70
N MET A 38 6.79 2.98 3.29
CA MET A 38 6.42 2.50 4.61
C MET A 38 6.19 1.02 4.55
N VAL A 39 5.54 0.60 3.48
CA VAL A 39 5.26 -0.80 3.31
C VAL A 39 6.56 -1.56 3.37
N PHE A 40 7.58 -1.02 2.71
CA PHE A 40 8.90 -1.57 2.84
C PHE A 40 9.37 -1.47 4.28
N LEU A 41 9.19 -0.30 4.89
CA LEU A 41 9.67 -0.08 6.25
C LEU A 41 8.97 -1.05 7.18
N ASP A 42 7.68 -1.15 6.97
CA ASP A 42 6.83 -1.95 7.83
C ASP A 42 6.94 -3.44 7.53
N TYR A 43 6.87 -3.79 6.25
CA TYR A 43 6.82 -5.20 5.87
C TYR A 43 8.07 -5.66 5.14
N GLY A 44 9.00 -4.76 4.88
CA GLY A 44 10.19 -5.13 4.12
C GLY A 44 9.78 -5.54 2.70
N PHE A 45 8.62 -5.06 2.26
CA PHE A 45 8.09 -5.41 0.95
C PHE A 45 8.90 -4.77 -0.16
N PRO A 46 9.45 -5.55 -1.05
CA PRO A 46 10.30 -5.05 -2.17
C PRO A 46 9.51 -4.13 -3.11
N PRO A 47 10.09 -3.01 -3.51
CA PRO A 47 9.39 -2.00 -4.35
C PRO A 47 8.95 -2.57 -5.70
N VAL A 48 9.75 -3.44 -6.25
CA VAL A 48 9.44 -4.07 -7.53
C VAL A 48 8.13 -4.86 -7.47
N LEU A 49 7.80 -5.36 -6.31
CA LEU A 49 6.60 -6.18 -6.15
C LEU A 49 5.37 -5.31 -5.91
N GLN A 50 5.58 -4.01 -5.85
CA GLN A 50 4.50 -3.06 -5.55
C GLN A 50 3.36 -3.11 -6.57
N GLN A 51 2.86 -4.30 -6.87
CA GLN A 51 1.72 -4.42 -7.76
C GLN A 51 0.44 -4.00 -7.04
N TRP A 52 0.34 -2.71 -6.79
CA TRP A 52 -0.85 -2.13 -6.15
C TRP A 52 -1.96 -2.04 -7.18
N VAL A 53 -3.17 -2.37 -6.80
CA VAL A 53 -4.29 -2.28 -7.71
C VAL A 53 -5.36 -1.39 -7.08
N ILE A 54 -5.72 -0.34 -7.80
CA ILE A 54 -6.77 0.57 -7.35
C ILE A 54 -7.80 0.72 -8.46
N GLY A 55 -9.05 0.42 -8.16
CA GLY A 55 -10.10 0.49 -9.16
C GLY A 55 -10.33 1.92 -9.62
N GLN A 56 -10.31 2.84 -8.66
CA GLN A 56 -10.62 4.24 -8.93
C GLN A 56 -9.61 4.90 -9.85
N ARG A 57 -8.34 4.61 -9.64
CA ARG A 57 -7.28 5.28 -10.36
C ARG A 57 -6.08 4.36 -10.53
N LEU A 58 -5.22 4.66 -11.50
CA LEU A 58 -4.02 3.84 -11.73
C LEU A 58 -3.14 3.87 -10.48
N ALA A 59 -2.54 2.72 -10.16
CA ALA A 59 -1.66 2.64 -9.01
C ALA A 59 -0.38 3.44 -9.25
N ARG A 60 -0.55 4.67 -9.67
CA ARG A 60 0.57 5.55 -9.92
C ARG A 60 1.24 5.93 -8.61
N ASP A 61 2.55 5.99 -8.63
CA ASP A 61 3.35 6.23 -7.44
C ASP A 61 3.00 7.56 -6.82
N GLN A 62 2.92 8.58 -7.67
CA GLN A 62 2.77 9.95 -7.24
C GLN A 62 1.41 10.23 -6.60
N GLU A 63 0.38 9.54 -7.08
CA GLU A 63 -0.99 9.78 -6.62
C GLU A 63 -1.08 9.80 -5.10
N THR A 64 -1.99 10.61 -4.60
CA THR A 64 -2.25 10.71 -3.17
C THR A 64 -3.20 9.62 -2.72
N LEU A 65 -3.18 9.31 -1.45
CA LEU A 65 -4.13 8.35 -0.90
C LEU A 65 -5.53 8.92 -1.07
N HIS A 66 -5.60 10.23 -0.85
CA HIS A 66 -6.84 10.97 -1.02
C HIS A 66 -7.35 10.76 -2.44
N SER A 67 -6.44 10.83 -3.41
CA SER A 67 -6.78 10.59 -4.81
C SER A 67 -7.18 9.14 -5.05
N HIS A 68 -6.57 8.20 -4.33
CA HIS A 68 -6.95 6.79 -4.49
C HIS A 68 -8.36 6.61 -3.99
N GLY A 69 -8.71 7.38 -2.99
CA GLY A 69 -10.03 7.32 -2.40
C GLY A 69 -9.93 7.16 -0.90
N VAL A 70 -8.71 7.24 -0.38
CA VAL A 70 -8.51 7.18 1.06
C VAL A 70 -8.75 8.57 1.64
N ARG A 71 -9.93 8.78 2.18
CA ARG A 71 -10.31 10.09 2.70
C ARG A 71 -10.34 10.06 4.23
N GLN A 72 -10.29 8.85 4.78
CA GLN A 72 -10.29 8.66 6.23
C GLN A 72 -9.92 7.23 6.57
N ASN A 73 -9.87 6.91 7.85
CA ASN A 73 -9.58 5.55 8.27
C ASN A 73 -10.70 4.64 7.81
N GLY A 74 -10.38 3.39 7.60
CA GLY A 74 -11.38 2.43 7.17
C GLY A 74 -11.40 2.29 5.65
N ASP A 75 -10.58 3.09 4.99
CA ASP A 75 -10.44 3.01 3.54
C ASP A 75 -9.53 1.83 3.18
N SER A 76 -9.63 1.36 1.93
CA SER A 76 -8.97 0.10 1.56
C SER A 76 -8.17 0.19 0.26
N ALA A 77 -7.33 -0.82 0.01
CA ALA A 77 -6.52 -0.91 -1.22
C ALA A 77 -6.22 -2.37 -1.54
N TYR A 78 -5.73 -2.64 -2.76
CA TYR A 78 -5.42 -4.00 -3.19
C TYR A 78 -3.98 -4.08 -3.69
N LEU A 79 -3.20 -4.98 -3.13
CA LEU A 79 -1.81 -5.18 -3.51
C LEU A 79 -1.56 -6.62 -3.95
N TYR A 80 -0.90 -6.78 -5.08
CA TYR A 80 -0.49 -8.10 -5.55
C TYR A 80 1.00 -8.27 -5.30
N LEU A 81 1.38 -9.37 -4.67
CA LEU A 81 2.79 -9.56 -4.32
C LEU A 81 3.37 -10.73 -5.12
N LEU A 82 4.35 -10.43 -5.95
CA LEU A 82 4.99 -11.42 -6.81
C LEU A 82 5.93 -12.32 -6.02
N SER A 83 6.11 -13.53 -6.51
CA SER A 83 7.05 -14.44 -5.87
C SER A 83 8.47 -13.94 -6.10
N ALA A 84 8.74 -12.72 -5.67
CA ALA A 84 10.02 -12.07 -5.87
C ALA A 84 10.58 -11.55 -4.56
N ARG A 85 11.88 -11.39 -4.52
CA ARG A 85 12.55 -10.85 -3.33
C ARG A 85 13.57 -9.82 -3.74
N ASN A 86 13.30 -8.58 -3.37
CA ASN A 86 14.19 -7.48 -3.70
C ASN A 86 14.63 -6.77 -2.43
N THR A 87 15.89 -6.86 -2.11
CA THR A 87 16.42 -6.24 -0.91
C THR A 87 16.76 -4.78 -1.16
N SER A 88 17.02 -4.04 -0.10
CA SER A 88 17.32 -2.62 -0.22
C SER A 88 18.52 -2.41 -1.13
N LEU A 89 19.43 -3.35 -1.07
CA LEU A 89 20.63 -3.34 -1.91
C LEU A 89 20.27 -3.44 -3.38
N ASN A 90 19.21 -4.17 -3.67
CA ASN A 90 18.81 -4.47 -5.04
C ASN A 90 18.23 -3.24 -5.77
N MET A 1 -4.70 15.02 17.09
CA MET A 1 -6.12 15.02 17.53
C MET A 1 -6.94 15.81 16.53
N PRO A 2 -6.82 17.13 16.49
CA PRO A 2 -7.41 17.94 15.38
C PRO A 2 -6.67 17.57 14.11
N THR A 3 -5.41 17.25 14.33
CA THR A 3 -4.54 16.74 13.31
C THR A 3 -4.52 15.23 13.44
N GLN A 4 -4.70 14.53 12.32
CA GLN A 4 -4.92 13.08 12.37
C GLN A 4 -4.29 12.38 11.19
N ASP A 5 -4.16 11.07 11.35
CA ASP A 5 -3.86 10.17 10.27
C ASP A 5 -5.04 9.24 10.11
N ILE A 6 -5.16 8.61 8.96
CA ILE A 6 -6.28 7.73 8.70
C ILE A 6 -5.79 6.35 8.31
N ARG A 7 -6.65 5.37 8.43
CA ARG A 7 -6.26 3.99 8.14
C ARG A 7 -6.52 3.66 6.68
N LEU A 8 -5.49 3.15 6.03
CA LEU A 8 -5.59 2.64 4.69
C LEU A 8 -5.36 1.14 4.72
N TRP A 9 -6.32 0.37 4.25
CA TRP A 9 -6.19 -1.08 4.28
C TRP A 9 -5.72 -1.59 2.94
N VAL A 10 -4.77 -2.52 2.98
CA VAL A 10 -4.26 -3.10 1.75
C VAL A 10 -4.42 -4.62 1.79
N SER A 11 -5.04 -5.16 0.75
CA SER A 11 -5.17 -6.60 0.61
C SER A 11 -4.01 -7.12 -0.22
N VAL A 12 -3.23 -8.04 0.34
CA VAL A 12 -2.03 -8.51 -0.31
C VAL A 12 -2.20 -9.96 -0.74
N GLU A 13 -1.94 -10.24 -2.01
CA GLU A 13 -1.99 -11.59 -2.55
C GLU A 13 -0.71 -11.89 -3.33
N ASP A 14 -0.04 -12.98 -2.97
CA ASP A 14 1.18 -13.39 -3.68
C ASP A 14 0.87 -14.42 -4.76
N ALA A 15 1.89 -14.76 -5.54
CA ALA A 15 1.76 -15.73 -6.61
C ALA A 15 1.37 -17.11 -6.09
N GLN A 16 1.97 -17.52 -4.97
CA GLN A 16 1.63 -18.82 -4.39
C GLN A 16 0.34 -18.73 -3.58
N MET A 17 -0.35 -17.60 -3.70
CA MET A 17 -1.60 -17.34 -2.98
C MET A 17 -1.35 -17.01 -1.52
N HIS A 18 -0.16 -16.54 -1.20
CA HIS A 18 0.07 -16.06 0.15
C HIS A 18 -0.74 -14.80 0.29
N THR A 19 -1.73 -14.82 1.15
CA THR A 19 -2.69 -13.73 1.21
C THR A 19 -2.69 -13.08 2.59
N VAL A 20 -2.50 -11.78 2.61
CA VAL A 20 -2.55 -11.03 3.86
C VAL A 20 -3.25 -9.69 3.68
N THR A 21 -3.76 -9.19 4.77
CA THR A 21 -4.34 -7.87 4.81
C THR A 21 -3.50 -7.01 5.72
N ILE A 22 -3.09 -5.87 5.23
CA ILE A 22 -2.31 -4.98 6.05
C ILE A 22 -3.01 -3.64 6.12
N TRP A 23 -2.85 -2.99 7.24
CA TRP A 23 -3.51 -1.74 7.49
C TRP A 23 -2.46 -0.67 7.72
N LEU A 24 -2.54 0.40 6.96
CA LEU A 24 -1.58 1.47 7.06
C LEU A 24 -2.25 2.71 7.61
N THR A 25 -1.57 3.41 8.49
CA THR A 25 -2.14 4.62 9.06
C THR A 25 -1.35 5.84 8.60
N VAL A 26 -2.01 6.69 7.84
CA VAL A 26 -1.38 7.87 7.23
C VAL A 26 -2.43 8.95 7.01
N ARG A 27 -2.01 10.09 6.50
CA ARG A 27 -2.97 11.14 6.14
C ARG A 27 -3.29 11.08 4.65
N PRO A 28 -4.45 11.55 4.26
CA PRO A 28 -4.86 11.60 2.82
C PRO A 28 -3.86 12.39 2.00
N ASP A 29 -3.10 13.24 2.70
CA ASP A 29 -2.15 14.14 2.11
C ASP A 29 -0.87 13.42 1.72
N MET A 30 -0.76 12.16 2.10
CA MET A 30 0.40 11.38 1.74
C MET A 30 0.29 10.88 0.33
N THR A 31 1.43 10.52 -0.21
CA THR A 31 1.55 9.98 -1.54
C THR A 31 1.61 8.46 -1.45
N VAL A 32 1.08 7.78 -2.46
CA VAL A 32 1.03 6.33 -2.45
C VAL A 32 2.45 5.75 -2.36
N ALA A 33 3.37 6.30 -3.14
CA ALA A 33 4.76 5.85 -3.09
C ALA A 33 5.27 5.90 -1.64
N SER A 34 4.99 7.00 -0.97
CA SER A 34 5.36 7.16 0.42
C SER A 34 4.69 6.06 1.23
N LEU A 35 3.42 5.83 0.91
CA LEU A 35 2.64 4.78 1.55
C LEU A 35 3.21 3.40 1.21
N LYS A 36 3.57 3.22 -0.05
CA LYS A 36 4.15 1.97 -0.51
C LYS A 36 5.45 1.73 0.24
N ASP A 37 6.20 2.78 0.42
CA ASP A 37 7.50 2.68 1.07
C ASP A 37 7.36 2.14 2.48
N MET A 38 6.38 2.65 3.22
CA MET A 38 6.19 2.21 4.59
C MET A 38 5.97 0.73 4.61
N VAL A 39 5.22 0.27 3.64
CA VAL A 39 4.95 -1.15 3.53
C VAL A 39 6.28 -1.87 3.37
N PHE A 40 7.14 -1.32 2.54
CA PHE A 40 8.48 -1.81 2.41
C PHE A 40 9.21 -1.70 3.74
N LEU A 41 9.08 -0.55 4.39
CA LEU A 41 9.75 -0.36 5.67
C LEU A 41 9.21 -1.36 6.67
N ASP A 42 7.90 -1.47 6.65
CA ASP A 42 7.19 -2.28 7.64
C ASP A 42 7.32 -3.77 7.36
N TYR A 43 7.12 -4.15 6.10
CA TYR A 43 7.07 -5.58 5.74
C TYR A 43 8.25 -6.01 4.90
N GLY A 44 9.10 -5.06 4.52
CA GLY A 44 10.24 -5.38 3.67
C GLY A 44 9.81 -5.69 2.25
N PHE A 45 8.54 -5.39 1.95
CA PHE A 45 7.97 -5.69 0.63
C PHE A 45 8.80 -5.07 -0.49
N PRO A 46 9.56 -5.87 -1.21
CA PRO A 46 10.42 -5.38 -2.33
C PRO A 46 9.58 -4.75 -3.44
N PRO A 47 10.19 -4.03 -4.33
CA PRO A 47 9.46 -3.33 -5.43
C PRO A 47 8.69 -4.30 -6.31
N VAL A 48 9.22 -5.49 -6.47
CA VAL A 48 8.51 -6.51 -7.23
C VAL A 48 7.20 -6.85 -6.53
N LEU A 49 7.28 -7.03 -5.23
CA LEU A 49 6.09 -7.30 -4.42
C LEU A 49 5.23 -6.05 -4.27
N GLN A 50 5.89 -4.92 -4.11
CA GLN A 50 5.20 -3.67 -3.82
C GLN A 50 4.37 -3.16 -5.00
N GLN A 51 3.61 -4.05 -5.62
CA GLN A 51 2.74 -3.64 -6.72
C GLN A 51 1.32 -3.36 -6.23
N TRP A 52 0.96 -2.09 -6.23
CA TRP A 52 -0.34 -1.66 -5.76
C TRP A 52 -1.36 -1.62 -6.88
N VAL A 53 -2.57 -2.05 -6.58
CA VAL A 53 -3.66 -2.00 -7.54
C VAL A 53 -4.83 -1.23 -6.92
N ILE A 54 -5.35 -0.25 -7.64
CA ILE A 54 -6.47 0.55 -7.15
C ILE A 54 -7.66 0.47 -8.10
N GLY A 55 -8.82 0.15 -7.58
CA GLY A 55 -10.03 0.06 -8.39
C GLY A 55 -10.48 1.44 -8.85
N GLN A 56 -10.46 2.40 -7.94
CA GLN A 56 -11.01 3.73 -8.20
C GLN A 56 -10.29 4.43 -9.35
N ARG A 57 -8.96 4.39 -9.31
CA ARG A 57 -8.14 5.02 -10.32
C ARG A 57 -6.87 4.23 -10.55
N LEU A 58 -5.95 4.80 -11.30
CA LEU A 58 -4.66 4.20 -11.52
C LEU A 58 -3.90 4.17 -10.21
N ALA A 59 -3.31 3.04 -9.89
CA ALA A 59 -2.56 2.90 -8.67
C ALA A 59 -1.25 3.67 -8.76
N ARG A 60 -1.35 4.94 -9.14
CA ARG A 60 -0.14 5.74 -9.30
C ARG A 60 0.51 6.04 -7.97
N ASP A 61 1.80 5.82 -7.95
CA ASP A 61 2.58 5.89 -6.74
C ASP A 61 2.64 7.29 -6.20
N GLN A 62 2.89 8.23 -7.10
CA GLN A 62 3.16 9.61 -6.71
C GLN A 62 1.94 10.34 -6.17
N GLU A 63 0.77 10.03 -6.68
CA GLU A 63 -0.44 10.75 -6.26
C GLU A 63 -0.71 10.62 -4.77
N THR A 64 -1.39 11.64 -4.25
CA THR A 64 -1.78 11.69 -2.87
C THR A 64 -2.75 10.55 -2.56
N LEU A 65 -2.79 10.10 -1.33
CA LEU A 65 -3.64 8.98 -0.97
C LEU A 65 -5.09 9.34 -1.24
N HIS A 66 -5.45 10.57 -0.94
CA HIS A 66 -6.81 11.04 -1.21
C HIS A 66 -7.18 10.77 -2.67
N SER A 67 -6.17 10.70 -3.55
CA SER A 67 -6.41 10.38 -4.96
C SER A 67 -7.09 9.02 -5.09
N HIS A 68 -6.67 8.08 -4.26
CA HIS A 68 -7.31 6.76 -4.22
C HIS A 68 -8.72 6.90 -3.67
N GLY A 69 -8.99 8.05 -3.08
CA GLY A 69 -10.27 8.32 -2.48
C GLY A 69 -10.20 8.13 -0.98
N VAL A 70 -8.98 7.90 -0.46
CA VAL A 70 -8.84 7.76 0.97
C VAL A 70 -9.07 9.11 1.62
N ARG A 71 -10.34 9.42 1.80
CA ARG A 71 -10.75 10.65 2.44
C ARG A 71 -10.53 10.52 3.93
N GLN A 72 -10.81 9.34 4.42
CA GLN A 72 -10.75 9.03 5.83
C GLN A 72 -10.40 7.56 6.00
N ASN A 73 -10.21 7.13 7.23
CA ASN A 73 -9.89 5.73 7.49
C ASN A 73 -10.99 4.84 6.97
N GLY A 74 -10.67 3.58 6.76
CA GLY A 74 -11.66 2.63 6.30
C GLY A 74 -11.51 2.34 4.82
N ASP A 75 -10.65 3.10 4.15
CA ASP A 75 -10.43 2.85 2.74
C ASP A 75 -9.58 1.62 2.55
N SER A 76 -9.81 0.92 1.46
CA SER A 76 -9.12 -0.33 1.20
C SER A 76 -8.45 -0.32 -0.17
N ALA A 77 -7.31 -1.00 -0.28
CA ALA A 77 -6.58 -1.11 -1.54
C ALA A 77 -6.09 -2.53 -1.75
N TYR A 78 -5.63 -2.83 -2.96
CA TYR A 78 -5.14 -4.18 -3.26
C TYR A 78 -3.67 -4.15 -3.64
N LEU A 79 -2.91 -5.04 -3.04
CA LEU A 79 -1.50 -5.18 -3.34
C LEU A 79 -1.27 -6.51 -4.05
N TYR A 80 -0.62 -6.46 -5.20
CA TYR A 80 -0.37 -7.66 -5.98
C TYR A 80 1.07 -8.10 -5.81
N LEU A 81 1.26 -9.33 -5.35
CA LEU A 81 2.61 -9.85 -5.16
C LEU A 81 2.96 -10.91 -6.19
N LEU A 82 4.13 -10.73 -6.80
CA LEU A 82 4.66 -11.71 -7.72
C LEU A 82 5.21 -12.88 -6.93
N SER A 83 5.67 -13.90 -7.62
CA SER A 83 6.28 -15.04 -6.96
C SER A 83 7.56 -14.62 -6.24
N ALA A 84 7.44 -13.67 -5.34
CA ALA A 84 8.56 -13.15 -4.57
C ALA A 84 8.16 -13.01 -3.12
N ARG A 85 9.13 -13.13 -2.24
CA ARG A 85 8.88 -13.07 -0.80
C ARG A 85 9.96 -12.30 -0.07
N ASN A 86 9.61 -11.78 1.10
CA ASN A 86 10.50 -10.92 1.90
C ASN A 86 11.58 -11.75 2.56
N THR A 87 12.04 -12.77 1.88
CA THR A 87 13.07 -13.65 2.40
C THR A 87 13.68 -14.41 1.23
N SER A 88 14.34 -13.67 0.36
CA SER A 88 14.86 -14.18 -0.89
C SER A 88 16.07 -15.06 -0.69
N LEU A 89 16.30 -15.95 -1.63
CA LEU A 89 17.52 -16.76 -1.65
C LEU A 89 18.72 -15.85 -1.83
N ASN A 90 18.49 -14.75 -2.56
CA ASN A 90 19.55 -13.79 -2.93
C ASN A 90 20.51 -13.56 -1.77
N MET A 1 -4.76 11.30 21.09
CA MET A 1 -5.00 12.60 20.42
C MET A 1 -5.84 12.35 19.19
N PRO A 2 -6.92 13.09 18.99
CA PRO A 2 -7.79 12.93 17.79
C PRO A 2 -6.99 13.13 16.50
N THR A 3 -6.05 14.06 16.57
CA THR A 3 -5.23 14.41 15.43
C THR A 3 -4.30 13.26 15.04
N GLN A 4 -4.90 12.13 14.73
CA GLN A 4 -4.16 10.98 14.24
C GLN A 4 -4.12 11.01 12.74
N ASP A 5 -3.27 10.19 12.17
CA ASP A 5 -3.32 9.91 10.75
C ASP A 5 -4.57 9.10 10.53
N ILE A 6 -4.67 8.42 9.41
CA ILE A 6 -5.78 7.51 9.21
C ILE A 6 -5.25 6.13 8.88
N ARG A 7 -6.04 5.12 9.21
CA ARG A 7 -5.62 3.74 9.06
C ARG A 7 -6.19 3.14 7.80
N LEU A 8 -5.30 2.64 6.97
CA LEU A 8 -5.61 2.07 5.68
C LEU A 8 -5.34 0.58 5.70
N TRP A 9 -6.30 -0.20 5.22
CA TRP A 9 -6.08 -1.62 5.04
C TRP A 9 -5.66 -1.87 3.63
N VAL A 10 -4.64 -2.66 3.45
CA VAL A 10 -4.24 -3.03 2.11
C VAL A 10 -4.38 -4.53 1.94
N SER A 11 -5.11 -4.93 0.92
CA SER A 11 -5.29 -6.34 0.64
C SER A 11 -4.10 -6.82 -0.17
N VAL A 12 -3.42 -7.82 0.33
CA VAL A 12 -2.22 -8.31 -0.32
C VAL A 12 -2.42 -9.72 -0.82
N GLU A 13 -2.11 -9.95 -2.08
CA GLU A 13 -2.23 -11.26 -2.67
C GLU A 13 -0.91 -11.72 -3.26
N ASP A 14 -0.49 -12.93 -2.90
CA ASP A 14 0.75 -13.51 -3.42
C ASP A 14 0.48 -14.22 -4.73
N ALA A 15 1.50 -14.27 -5.57
CA ALA A 15 1.46 -15.08 -6.77
C ALA A 15 1.20 -16.52 -6.36
N GLN A 16 1.63 -16.86 -5.15
CA GLN A 16 1.36 -18.16 -4.56
C GLN A 16 -0.10 -18.26 -4.14
N MET A 17 -0.92 -17.33 -4.65
CA MET A 17 -2.34 -17.23 -4.31
C MET A 17 -2.54 -17.20 -2.81
N HIS A 18 -1.66 -16.49 -2.13
CA HIS A 18 -1.79 -16.27 -0.72
C HIS A 18 -2.33 -14.88 -0.49
N THR A 19 -3.30 -14.77 0.38
CA THR A 19 -4.00 -13.53 0.59
C THR A 19 -3.72 -12.99 1.99
N VAL A 20 -3.31 -11.73 2.06
CA VAL A 20 -2.97 -11.11 3.33
C VAL A 20 -3.56 -9.71 3.44
N THR A 21 -3.71 -9.25 4.66
CA THR A 21 -4.14 -7.90 4.96
C THR A 21 -3.07 -7.21 5.79
N ILE A 22 -2.74 -6.00 5.41
CA ILE A 22 -1.78 -5.22 6.17
C ILE A 22 -2.41 -3.87 6.54
N TRP A 23 -1.90 -3.27 7.60
CA TRP A 23 -2.46 -2.02 8.08
C TRP A 23 -1.48 -0.88 7.89
N LEU A 24 -1.93 0.15 7.20
CA LEU A 24 -1.11 1.32 6.96
C LEU A 24 -1.74 2.52 7.63
N THR A 25 -0.97 3.23 8.40
CA THR A 25 -1.45 4.43 9.06
C THR A 25 -0.83 5.65 8.38
N VAL A 26 -1.66 6.46 7.75
CA VAL A 26 -1.19 7.59 6.96
C VAL A 26 -2.25 8.67 6.92
N ARG A 27 -1.99 9.71 6.15
CA ARG A 27 -2.99 10.72 5.86
C ARG A 27 -3.38 10.64 4.40
N PRO A 28 -4.59 10.98 4.07
CA PRO A 28 -5.07 10.94 2.66
C PRO A 28 -4.27 11.91 1.80
N ASP A 29 -3.60 12.82 2.48
CA ASP A 29 -2.71 13.79 1.86
C ASP A 29 -1.55 13.09 1.17
N MET A 30 -1.15 11.95 1.74
CA MET A 30 -0.03 11.19 1.22
C MET A 30 -0.27 10.69 -0.19
N THR A 31 0.74 10.07 -0.74
CA THR A 31 0.68 9.51 -2.06
C THR A 31 0.89 8.01 -1.99
N VAL A 32 0.46 7.31 -3.02
CA VAL A 32 0.60 5.88 -3.06
C VAL A 32 2.06 5.50 -3.02
N ALA A 33 2.88 6.18 -3.80
CA ALA A 33 4.30 5.87 -3.84
C ALA A 33 4.89 5.90 -2.43
N SER A 34 4.63 6.97 -1.69
CA SER A 34 5.09 7.04 -0.30
C SER A 34 4.45 5.92 0.51
N LEU A 35 3.17 5.70 0.29
CA LEU A 35 2.40 4.68 0.98
C LEU A 35 2.97 3.31 0.65
N LYS A 36 3.27 3.11 -0.62
CA LYS A 36 3.89 1.91 -1.12
C LYS A 36 5.21 1.69 -0.42
N ASP A 37 5.96 2.76 -0.30
CA ASP A 37 7.29 2.72 0.31
C ASP A 37 7.23 2.29 1.78
N MET A 38 6.26 2.80 2.53
CA MET A 38 6.20 2.48 3.95
C MET A 38 6.06 1.01 4.12
N VAL A 39 5.27 0.38 3.28
CA VAL A 39 4.98 -1.03 3.43
C VAL A 39 6.29 -1.79 3.55
N PHE A 40 7.26 -1.43 2.73
CA PHE A 40 8.59 -1.99 2.88
C PHE A 40 9.16 -1.63 4.24
N LEU A 41 9.05 -0.37 4.62
CA LEU A 41 9.57 0.05 5.91
C LEU A 41 8.83 -0.66 7.02
N ASP A 42 7.52 -0.70 6.87
CA ASP A 42 6.64 -1.23 7.90
C ASP A 42 6.66 -2.75 7.96
N TYR A 43 6.57 -3.39 6.80
CA TYR A 43 6.46 -4.85 6.77
C TYR A 43 7.70 -5.52 6.16
N GLY A 44 8.60 -4.72 5.62
CA GLY A 44 9.77 -5.27 4.94
C GLY A 44 9.35 -5.94 3.64
N PHE A 45 8.17 -5.54 3.14
CA PHE A 45 7.63 -6.12 1.91
C PHE A 45 8.57 -5.87 0.75
N PRO A 46 8.77 -6.85 -0.11
CA PRO A 46 9.68 -6.70 -1.28
C PRO A 46 9.29 -5.50 -2.16
N PRO A 47 10.06 -4.44 -2.13
CA PRO A 47 9.75 -3.23 -2.95
C PRO A 47 9.72 -3.55 -4.44
N VAL A 48 10.49 -4.54 -4.83
CA VAL A 48 10.46 -5.03 -6.21
C VAL A 48 9.09 -5.61 -6.57
N LEU A 49 8.37 -6.09 -5.58
CA LEU A 49 7.04 -6.69 -5.79
C LEU A 49 5.94 -5.66 -5.55
N GLN A 50 6.35 -4.42 -5.36
CA GLN A 50 5.46 -3.31 -4.98
C GLN A 50 4.23 -3.14 -5.90
N GLN A 51 3.61 -4.22 -6.34
CA GLN A 51 2.43 -4.09 -7.17
C GLN A 51 1.21 -3.71 -6.34
N TRP A 52 0.78 -2.47 -6.50
CA TRP A 52 -0.43 -1.96 -5.86
C TRP A 52 -1.54 -2.00 -6.89
N VAL A 53 -2.73 -2.41 -6.49
CA VAL A 53 -3.84 -2.42 -7.42
C VAL A 53 -5.00 -1.62 -6.84
N ILE A 54 -5.43 -0.62 -7.60
CA ILE A 54 -6.59 0.17 -7.26
C ILE A 54 -7.25 0.61 -8.57
N GLY A 55 -8.54 0.38 -8.72
CA GLY A 55 -9.22 0.81 -9.92
C GLY A 55 -9.12 2.32 -10.05
N GLN A 56 -9.33 3.00 -8.93
CA GLN A 56 -9.19 4.45 -8.84
C GLN A 56 -7.76 4.90 -9.05
N ARG A 57 -6.89 3.99 -9.45
CA ARG A 57 -5.49 4.34 -9.63
C ARG A 57 -4.95 3.81 -10.95
N LEU A 58 -4.19 4.66 -11.62
CA LEU A 58 -3.50 4.29 -12.84
C LEU A 58 -2.04 4.07 -12.50
N ALA A 59 -1.21 3.92 -13.52
CA ALA A 59 0.22 3.77 -13.28
C ALA A 59 0.79 5.07 -12.72
N ARG A 60 0.21 5.53 -11.62
CA ARG A 60 0.60 6.77 -10.99
C ARG A 60 0.55 6.65 -9.47
N ASP A 61 1.57 6.03 -8.90
CA ASP A 61 1.67 5.92 -7.44
C ASP A 61 1.95 7.29 -6.85
N GLN A 62 2.33 8.22 -7.70
CA GLN A 62 2.64 9.60 -7.31
C GLN A 62 1.37 10.34 -6.88
N GLU A 63 0.22 9.84 -7.32
CA GLU A 63 -1.05 10.47 -6.99
C GLU A 63 -1.37 10.35 -5.49
N THR A 64 -2.17 11.28 -5.00
CA THR A 64 -2.53 11.33 -3.59
C THR A 64 -3.39 10.14 -3.21
N LEU A 65 -3.37 9.79 -1.93
CA LEU A 65 -4.23 8.74 -1.42
C LEU A 65 -5.70 9.17 -1.55
N HIS A 66 -5.93 10.46 -1.29
CA HIS A 66 -7.28 11.01 -1.24
C HIS A 66 -8.07 10.73 -2.50
N SER A 67 -7.43 10.82 -3.64
CA SER A 67 -8.11 10.56 -4.90
C SER A 67 -8.65 9.13 -4.97
N HIS A 68 -8.09 8.25 -4.13
CA HIS A 68 -8.62 6.89 -3.99
C HIS A 68 -9.80 6.89 -3.02
N GLY A 69 -10.25 8.08 -2.67
CA GLY A 69 -11.35 8.20 -1.73
C GLY A 69 -10.88 7.97 -0.34
N VAL A 70 -9.58 7.92 -0.16
CA VAL A 70 -9.04 7.76 1.17
C VAL A 70 -9.23 9.07 1.91
N ARG A 71 -9.84 9.00 3.07
CA ARG A 71 -10.15 10.20 3.82
C ARG A 71 -10.05 9.99 5.32
N GLN A 72 -10.38 8.79 5.77
CA GLN A 72 -10.35 8.49 7.20
C GLN A 72 -10.02 7.04 7.46
N ASN A 73 -9.65 6.74 8.69
CA ASN A 73 -9.28 5.39 9.08
C ASN A 73 -10.35 4.40 8.63
N GLY A 74 -9.92 3.30 8.08
CA GLY A 74 -10.83 2.29 7.58
C GLY A 74 -10.90 2.30 6.05
N ASP A 75 -10.07 3.15 5.43
CA ASP A 75 -9.96 3.14 3.98
C ASP A 75 -9.16 1.91 3.56
N SER A 76 -9.44 1.40 2.38
CA SER A 76 -8.88 0.11 1.98
C SER A 76 -8.21 0.19 0.59
N ALA A 77 -7.21 -0.67 0.38
CA ALA A 77 -6.47 -0.71 -0.89
C ALA A 77 -6.04 -2.15 -1.23
N TYR A 78 -5.59 -2.36 -2.47
CA TYR A 78 -5.19 -3.68 -2.92
C TYR A 78 -3.72 -3.71 -3.35
N LEU A 79 -3.00 -4.71 -2.88
CA LEU A 79 -1.60 -4.92 -3.24
C LEU A 79 -1.40 -6.35 -3.74
N TYR A 80 -0.46 -6.53 -4.66
CA TYR A 80 -0.21 -7.86 -5.22
C TYR A 80 1.26 -8.21 -5.10
N LEU A 81 1.56 -9.38 -4.56
CA LEU A 81 2.94 -9.83 -4.43
C LEU A 81 3.21 -11.04 -5.30
N LEU A 82 4.30 -10.98 -6.01
CA LEU A 82 4.73 -12.11 -6.82
C LEU A 82 5.38 -13.15 -5.91
N SER A 83 5.72 -14.30 -6.47
CA SER A 83 6.45 -15.29 -5.72
C SER A 83 7.90 -14.83 -5.55
N ALA A 84 8.19 -13.67 -6.14
CA ALA A 84 9.48 -13.02 -6.00
C ALA A 84 9.71 -12.63 -4.55
N ARG A 85 10.96 -12.46 -4.20
CA ARG A 85 11.34 -12.19 -2.82
C ARG A 85 12.12 -10.89 -2.70
N ASN A 86 12.26 -10.41 -1.48
CA ASN A 86 12.92 -9.14 -1.20
C ASN A 86 14.29 -9.10 -1.82
N THR A 87 14.69 -7.94 -2.29
CA THR A 87 16.02 -7.76 -2.78
C THR A 87 16.96 -7.85 -1.58
N SER A 88 17.16 -9.07 -1.13
CA SER A 88 17.86 -9.33 0.12
C SER A 88 19.26 -8.75 0.07
N LEU A 89 19.69 -8.21 1.20
CA LEU A 89 21.00 -7.61 1.30
C LEU A 89 22.05 -8.68 1.06
N ASN A 90 21.80 -9.84 1.64
CA ASN A 90 22.63 -11.02 1.44
C ASN A 90 21.77 -12.20 1.03
N MET A 1 -0.17 11.34 15.84
CA MET A 1 0.31 12.54 15.11
C MET A 1 -0.49 13.74 15.60
N PRO A 2 -0.02 14.96 15.38
CA PRO A 2 -0.76 16.18 15.82
C PRO A 2 -2.20 16.16 15.33
N THR A 3 -2.35 15.73 14.09
CA THR A 3 -3.67 15.47 13.54
C THR A 3 -3.87 13.96 13.49
N GLN A 4 -5.11 13.53 13.34
CA GLN A 4 -5.36 12.11 13.27
C GLN A 4 -5.00 11.59 11.90
N ASP A 5 -4.21 10.55 11.88
CA ASP A 5 -3.90 9.86 10.64
C ASP A 5 -5.06 8.97 10.30
N ILE A 6 -4.99 8.32 9.18
CA ILE A 6 -6.04 7.42 8.78
C ILE A 6 -5.48 6.05 8.51
N ARG A 7 -6.32 5.06 8.66
CA ARG A 7 -5.91 3.70 8.46
C ARG A 7 -6.42 3.21 7.14
N LEU A 8 -5.51 2.64 6.36
CA LEU A 8 -5.85 2.10 5.06
C LEU A 8 -5.65 0.60 5.11
N TRP A 9 -6.68 -0.15 4.75
CA TRP A 9 -6.57 -1.59 4.75
C TRP A 9 -6.08 -2.04 3.40
N VAL A 10 -5.07 -2.86 3.39
CA VAL A 10 -4.54 -3.31 2.14
C VAL A 10 -4.78 -4.79 1.99
N SER A 11 -5.38 -5.15 0.88
CA SER A 11 -5.59 -6.53 0.55
C SER A 11 -4.37 -6.98 -0.22
N VAL A 12 -3.63 -7.91 0.32
CA VAL A 12 -2.37 -8.29 -0.27
C VAL A 12 -2.44 -9.71 -0.79
N GLU A 13 -2.03 -9.88 -2.03
CA GLU A 13 -1.89 -11.21 -2.59
C GLU A 13 -0.48 -11.68 -2.36
N ASP A 14 -0.33 -12.61 -1.45
CA ASP A 14 0.96 -13.15 -1.09
C ASP A 14 1.63 -13.78 -2.29
N ALA A 15 2.94 -13.75 -2.29
CA ALA A 15 3.73 -14.28 -3.38
C ALA A 15 3.37 -15.73 -3.64
N GLN A 16 3.11 -16.48 -2.58
CA GLN A 16 2.71 -17.87 -2.73
C GLN A 16 1.26 -17.94 -3.19
N MET A 17 0.66 -16.77 -3.40
CA MET A 17 -0.71 -16.60 -3.90
C MET A 17 -1.76 -16.76 -2.82
N HIS A 18 -1.58 -16.04 -1.73
CA HIS A 18 -2.58 -15.99 -0.65
C HIS A 18 -3.12 -14.58 -0.56
N THR A 19 -4.40 -14.43 -0.30
CA THR A 19 -4.94 -13.11 -0.06
C THR A 19 -4.76 -12.76 1.42
N VAL A 20 -4.07 -11.68 1.68
CA VAL A 20 -3.80 -11.25 3.04
C VAL A 20 -4.24 -9.81 3.23
N THR A 21 -4.45 -9.41 4.46
CA THR A 21 -4.90 -8.06 4.75
C THR A 21 -3.97 -7.39 5.75
N ILE A 22 -3.53 -6.19 5.43
CA ILE A 22 -2.68 -5.43 6.34
C ILE A 22 -3.24 -4.04 6.55
N TRP A 23 -2.88 -3.43 7.67
CA TRP A 23 -3.38 -2.11 8.01
C TRP A 23 -2.26 -1.08 7.95
N LEU A 24 -2.45 -0.04 7.18
CA LEU A 24 -1.49 1.06 7.12
C LEU A 24 -2.12 2.31 7.68
N THR A 25 -1.41 2.96 8.59
CA THR A 25 -1.90 4.20 9.18
C THR A 25 -1.10 5.37 8.60
N VAL A 26 -1.80 6.24 7.90
CA VAL A 26 -1.17 7.36 7.20
C VAL A 26 -2.14 8.52 7.08
N ARG A 27 -1.78 9.50 6.28
CA ARG A 27 -2.64 10.63 6.00
C ARG A 27 -3.13 10.56 4.55
N PRO A 28 -4.27 11.12 4.23
CA PRO A 28 -4.80 11.11 2.83
C PRO A 28 -3.80 11.74 1.87
N ASP A 29 -2.98 12.61 2.44
CA ASP A 29 -1.95 13.34 1.73
C ASP A 29 -0.88 12.38 1.22
N MET A 30 -0.74 11.25 1.88
CA MET A 30 0.25 10.26 1.55
C MET A 30 0.18 9.87 0.09
N THR A 31 1.34 9.54 -0.45
CA THR A 31 1.52 9.15 -1.82
C THR A 31 1.66 7.63 -1.92
N VAL A 32 1.16 7.04 -3.01
CA VAL A 32 1.22 5.60 -3.18
C VAL A 32 2.67 5.10 -3.19
N ALA A 33 3.52 5.78 -3.93
CA ALA A 33 4.93 5.39 -3.97
C ALA A 33 5.53 5.39 -2.57
N SER A 34 5.26 6.45 -1.83
CA SER A 34 5.67 6.55 -0.44
C SER A 34 5.00 5.44 0.36
N LEU A 35 3.74 5.17 0.03
CA LEU A 35 2.98 4.14 0.69
C LEU A 35 3.62 2.79 0.50
N LYS A 36 4.09 2.53 -0.72
CA LYS A 36 4.80 1.28 -0.95
C LYS A 36 6.02 1.21 -0.05
N ASP A 37 6.71 2.33 0.07
CA ASP A 37 7.94 2.36 0.84
C ASP A 37 7.69 2.00 2.29
N MET A 38 6.65 2.54 2.90
CA MET A 38 6.38 2.21 4.29
C MET A 38 6.11 0.74 4.39
N VAL A 39 5.37 0.22 3.43
CA VAL A 39 5.09 -1.19 3.39
C VAL A 39 6.40 -1.93 3.30
N PHE A 40 7.29 -1.42 2.48
CA PHE A 40 8.62 -1.96 2.40
C PHE A 40 9.31 -1.82 3.73
N LEU A 41 9.20 -0.65 4.35
CA LEU A 41 9.85 -0.43 5.64
C LEU A 41 9.24 -1.39 6.64
N ASP A 42 7.94 -1.46 6.60
CA ASP A 42 7.18 -2.22 7.60
C ASP A 42 7.22 -3.71 7.37
N TYR A 43 7.01 -4.13 6.12
CA TYR A 43 6.89 -5.55 5.80
C TYR A 43 8.08 -6.06 5.00
N GLY A 44 8.96 -5.16 4.59
CA GLY A 44 10.12 -5.56 3.81
C GLY A 44 9.72 -5.96 2.40
N PHE A 45 8.51 -5.60 2.00
CA PHE A 45 8.01 -5.91 0.66
C PHE A 45 8.56 -4.93 -0.35
N PRO A 46 9.51 -5.32 -1.16
CA PRO A 46 10.15 -4.37 -2.13
C PRO A 46 9.10 -3.69 -3.02
N PRO A 47 9.18 -2.40 -3.19
CA PRO A 47 8.16 -1.62 -3.94
C PRO A 47 8.02 -2.10 -5.39
N VAL A 48 9.09 -2.63 -5.93
CA VAL A 48 9.05 -3.24 -7.25
C VAL A 48 8.08 -4.41 -7.23
N LEU A 49 8.17 -5.21 -6.18
CA LEU A 49 7.32 -6.35 -6.01
C LEU A 49 5.89 -5.92 -5.69
N GLN A 50 5.77 -4.85 -4.92
CA GLN A 50 4.44 -4.37 -4.53
C GLN A 50 3.68 -3.86 -5.75
N GLN A 51 2.66 -4.61 -6.14
CA GLN A 51 1.76 -4.15 -7.17
C GLN A 51 0.48 -3.67 -6.51
N TRP A 52 0.30 -2.36 -6.43
CA TRP A 52 -0.87 -1.79 -5.79
C TRP A 52 -2.00 -1.64 -6.79
N VAL A 53 -2.97 -2.51 -6.69
CA VAL A 53 -4.12 -2.42 -7.57
C VAL A 53 -5.26 -1.73 -6.87
N ILE A 54 -5.71 -0.65 -7.44
CA ILE A 54 -6.85 0.08 -6.95
C ILE A 54 -7.62 0.61 -8.14
N GLY A 55 -8.91 0.35 -8.19
CA GLY A 55 -9.71 0.84 -9.31
C GLY A 55 -9.65 2.36 -9.36
N GLN A 56 -9.85 2.98 -8.22
CA GLN A 56 -9.84 4.44 -8.09
C GLN A 56 -8.45 5.04 -8.36
N ARG A 57 -7.42 4.34 -7.94
CA ARG A 57 -6.06 4.89 -8.02
C ARG A 57 -5.64 5.17 -9.45
N LEU A 58 -5.00 6.32 -9.63
CA LEU A 58 -4.44 6.69 -10.92
C LEU A 58 -3.25 5.77 -11.24
N ALA A 59 -2.97 5.58 -12.50
CA ALA A 59 -1.90 4.70 -12.90
C ALA A 59 -0.58 5.06 -12.22
N ARG A 60 -0.43 6.33 -11.88
CA ARG A 60 0.82 6.83 -11.27
C ARG A 60 0.88 6.53 -9.77
N ASP A 61 2.06 6.06 -9.33
CA ASP A 61 2.36 5.81 -7.91
C ASP A 61 2.45 7.14 -7.17
N GLN A 62 2.56 8.17 -7.96
CA GLN A 62 2.81 9.52 -7.50
C GLN A 62 1.59 10.06 -6.74
N GLU A 63 0.40 9.60 -7.14
CA GLU A 63 -0.86 10.12 -6.59
C GLU A 63 -1.05 9.80 -5.10
N THR A 64 -1.88 10.62 -4.45
CA THR A 64 -2.17 10.52 -3.04
C THR A 64 -3.15 9.39 -2.72
N LEU A 65 -3.22 9.04 -1.45
CA LEU A 65 -4.22 8.10 -0.98
C LEU A 65 -5.58 8.73 -1.18
N HIS A 66 -5.64 10.03 -0.93
CA HIS A 66 -6.87 10.80 -1.17
C HIS A 66 -7.30 10.58 -2.61
N SER A 67 -6.33 10.48 -3.51
CA SER A 67 -6.62 10.24 -4.91
C SER A 67 -7.36 8.91 -5.07
N HIS A 68 -6.99 7.92 -4.26
CA HIS A 68 -7.72 6.66 -4.22
C HIS A 68 -9.10 6.91 -3.61
N GLY A 69 -9.25 8.05 -2.98
CA GLY A 69 -10.51 8.44 -2.38
C GLY A 69 -10.45 8.24 -0.88
N VAL A 70 -9.26 7.90 -0.39
CA VAL A 70 -9.09 7.69 1.04
C VAL A 70 -9.00 9.02 1.77
N ARG A 71 -10.16 9.58 2.08
CA ARG A 71 -10.23 10.79 2.87
C ARG A 71 -9.91 10.49 4.32
N GLN A 72 -10.38 9.35 4.78
CA GLN A 72 -10.30 8.98 6.18
C GLN A 72 -10.00 7.51 6.36
N ASN A 73 -9.79 7.11 7.60
CA ASN A 73 -9.53 5.71 7.93
C ASN A 73 -10.68 4.83 7.49
N GLY A 74 -10.44 3.55 7.42
CA GLY A 74 -11.48 2.60 7.10
C GLY A 74 -11.51 2.26 5.62
N ASP A 75 -10.60 2.86 4.85
CA ASP A 75 -10.56 2.56 3.42
C ASP A 75 -9.76 1.31 3.15
N SER A 76 -9.87 0.79 1.93
CA SER A 76 -9.20 -0.45 1.57
C SER A 76 -8.50 -0.35 0.22
N ALA A 77 -7.60 -1.29 -0.06
CA ALA A 77 -6.86 -1.34 -1.33
C ALA A 77 -6.40 -2.77 -1.63
N TYR A 78 -5.95 -3.01 -2.87
CA TYR A 78 -5.40 -4.30 -3.26
C TYR A 78 -3.92 -4.20 -3.61
N LEU A 79 -3.14 -5.10 -3.05
CA LEU A 79 -1.71 -5.20 -3.30
C LEU A 79 -1.39 -6.59 -3.82
N TYR A 80 -0.73 -6.67 -4.95
CA TYR A 80 -0.32 -7.97 -5.46
C TYR A 80 1.14 -8.16 -5.12
N LEU A 81 1.45 -9.24 -4.42
CA LEU A 81 2.82 -9.47 -3.96
C LEU A 81 3.40 -10.66 -4.69
N LEU A 82 4.61 -10.47 -5.22
CA LEU A 82 5.26 -11.49 -6.03
C LEU A 82 6.50 -12.02 -5.34
N SER A 83 6.77 -13.30 -5.53
CA SER A 83 7.99 -13.90 -5.04
C SER A 83 9.17 -13.45 -5.90
N ALA A 84 9.20 -12.17 -6.20
CA ALA A 84 10.22 -11.59 -7.06
C ALA A 84 11.46 -11.25 -6.27
N ARG A 85 12.33 -10.51 -6.91
CA ARG A 85 13.56 -10.03 -6.30
C ARG A 85 13.74 -8.58 -6.69
N ASN A 86 14.83 -7.97 -6.27
CA ASN A 86 15.11 -6.59 -6.66
C ASN A 86 15.47 -6.52 -8.15
N THR A 87 14.83 -7.36 -8.94
CA THR A 87 15.04 -7.37 -10.37
C THR A 87 14.33 -6.16 -10.98
N SER A 88 14.96 -5.03 -10.84
CA SER A 88 14.40 -3.76 -11.24
C SER A 88 14.09 -3.74 -12.75
N LEU A 89 13.05 -3.00 -13.12
CA LEU A 89 12.66 -2.90 -14.52
C LEU A 89 13.53 -1.88 -15.23
N ASN A 90 14.73 -2.30 -15.56
CA ASN A 90 15.71 -1.48 -16.25
C ASN A 90 16.82 -2.35 -16.82
N MET A 1 -0.53 15.75 15.47
CA MET A 1 -1.59 15.14 16.31
C MET A 1 -2.96 15.72 15.95
N PRO A 2 -3.11 17.04 15.96
CA PRO A 2 -4.44 17.69 15.69
C PRO A 2 -5.05 17.22 14.38
N THR A 3 -4.22 17.13 13.35
CA THR A 3 -4.65 16.58 12.09
C THR A 3 -4.33 15.08 12.08
N GLN A 4 -5.21 14.30 12.68
CA GLN A 4 -4.94 12.90 12.86
C GLN A 4 -4.85 12.18 11.53
N ASP A 5 -3.97 11.21 11.46
CA ASP A 5 -3.82 10.39 10.28
C ASP A 5 -4.97 9.41 10.21
N ILE A 6 -5.03 8.65 9.16
CA ILE A 6 -6.11 7.70 8.98
C ILE A 6 -5.60 6.29 8.77
N ARG A 7 -6.46 5.33 9.01
CA ARG A 7 -6.12 3.92 8.87
C ARG A 7 -6.51 3.44 7.49
N LEU A 8 -5.53 2.94 6.76
CA LEU A 8 -5.75 2.39 5.44
C LEU A 8 -5.43 0.89 5.45
N TRP A 9 -6.37 0.06 5.05
CA TRP A 9 -6.12 -1.38 5.04
C TRP A 9 -5.64 -1.78 3.67
N VAL A 10 -4.63 -2.61 3.62
CA VAL A 10 -4.17 -3.12 2.36
C VAL A 10 -4.31 -4.64 2.34
N SER A 11 -4.99 -5.14 1.33
CA SER A 11 -5.20 -6.57 1.18
C SER A 11 -4.06 -7.14 0.36
N VAL A 12 -3.25 -7.98 0.98
CA VAL A 12 -2.07 -8.48 0.32
C VAL A 12 -2.31 -9.89 -0.22
N GLU A 13 -2.27 -10.02 -1.55
CA GLU A 13 -2.44 -11.30 -2.21
C GLU A 13 -1.19 -11.65 -3.02
N ASP A 14 -0.58 -12.78 -2.70
CA ASP A 14 0.65 -13.20 -3.35
C ASP A 14 0.40 -14.13 -4.51
N ALA A 15 1.29 -14.08 -5.48
CA ALA A 15 1.23 -14.93 -6.65
C ALA A 15 1.34 -16.38 -6.25
N GLN A 16 2.17 -16.66 -5.26
CA GLN A 16 2.29 -18.02 -4.75
C GLN A 16 1.14 -18.33 -3.78
N MET A 17 0.15 -17.44 -3.77
CA MET A 17 -1.09 -17.59 -3.03
C MET A 17 -0.99 -17.22 -1.55
N HIS A 18 0.07 -16.51 -1.17
CA HIS A 18 0.13 -16.00 0.20
C HIS A 18 -0.84 -14.83 0.34
N THR A 19 -1.71 -14.88 1.32
CA THR A 19 -2.68 -13.82 1.49
C THR A 19 -2.58 -13.22 2.88
N VAL A 20 -2.35 -11.91 2.95
CA VAL A 20 -2.32 -11.23 4.24
C VAL A 20 -2.98 -9.86 4.17
N THR A 21 -3.34 -9.34 5.32
CA THR A 21 -3.93 -8.01 5.41
C THR A 21 -3.07 -7.14 6.28
N ILE A 22 -2.83 -5.91 5.84
CA ILE A 22 -2.04 -4.99 6.62
C ILE A 22 -2.80 -3.69 6.80
N TRP A 23 -2.54 -3.02 7.91
CA TRP A 23 -3.17 -1.74 8.21
C TRP A 23 -2.11 -0.66 8.18
N LEU A 24 -2.33 0.35 7.37
CA LEU A 24 -1.39 1.45 7.27
C LEU A 24 -2.02 2.70 7.84
N THR A 25 -1.25 3.45 8.61
CA THR A 25 -1.76 4.66 9.21
C THR A 25 -1.05 5.87 8.61
N VAL A 26 -1.80 6.69 7.90
CA VAL A 26 -1.26 7.83 7.19
C VAL A 26 -2.33 8.88 7.03
N ARG A 27 -1.99 9.97 6.38
CA ARG A 27 -2.98 10.97 6.00
C ARG A 27 -3.40 10.71 4.56
N PRO A 28 -4.62 10.96 4.20
CA PRO A 28 -5.10 10.70 2.82
C PRO A 28 -4.34 11.56 1.82
N ASP A 29 -3.74 12.62 2.34
CA ASP A 29 -2.88 13.49 1.57
C ASP A 29 -1.58 12.80 1.19
N MET A 30 -1.18 11.78 1.95
CA MET A 30 0.06 11.06 1.69
C MET A 30 0.04 10.48 0.28
N THR A 31 1.19 10.01 -0.19
CA THR A 31 1.29 9.49 -1.55
C THR A 31 1.48 7.99 -1.57
N VAL A 32 1.09 7.37 -2.67
CA VAL A 32 1.20 5.94 -2.85
C VAL A 32 2.65 5.50 -2.76
N ALA A 33 3.53 6.19 -3.45
CA ALA A 33 4.96 5.85 -3.41
C ALA A 33 5.43 5.79 -1.96
N SER A 34 5.15 6.85 -1.23
CA SER A 34 5.50 6.88 0.18
C SER A 34 4.77 5.76 0.92
N LEU A 35 3.49 5.57 0.62
CA LEU A 35 2.70 4.51 1.24
C LEU A 35 3.27 3.14 0.87
N LYS A 36 3.60 2.99 -0.41
CA LYS A 36 4.20 1.79 -0.94
C LYS A 36 5.52 1.54 -0.21
N ASP A 37 6.27 2.60 -0.06
CA ASP A 37 7.55 2.53 0.61
C ASP A 37 7.39 2.06 2.05
N MET A 38 6.39 2.58 2.76
CA MET A 38 6.20 2.17 4.15
C MET A 38 5.95 0.71 4.22
N VAL A 39 5.17 0.23 3.30
CA VAL A 39 4.83 -1.18 3.26
C VAL A 39 6.13 -1.96 3.16
N PHE A 40 7.04 -1.46 2.34
CA PHE A 40 8.36 -2.05 2.28
C PHE A 40 9.04 -1.94 3.63
N LEU A 41 8.95 -0.77 4.23
CA LEU A 41 9.62 -0.53 5.51
C LEU A 41 9.02 -1.47 6.53
N ASP A 42 7.71 -1.53 6.51
CA ASP A 42 6.95 -2.23 7.53
C ASP A 42 6.88 -3.73 7.26
N TYR A 43 6.56 -4.12 6.03
CA TYR A 43 6.35 -5.53 5.71
C TYR A 43 7.43 -6.11 4.81
N GLY A 44 8.36 -5.27 4.38
CA GLY A 44 9.45 -5.74 3.56
C GLY A 44 9.01 -6.04 2.14
N PHE A 45 7.86 -5.50 1.76
CA PHE A 45 7.35 -5.71 0.41
C PHE A 45 8.02 -4.74 -0.56
N PRO A 46 8.88 -5.20 -1.42
CA PRO A 46 9.58 -4.30 -2.38
C PRO A 46 8.63 -3.78 -3.45
N PRO A 47 8.98 -2.72 -4.12
CA PRO A 47 8.13 -2.12 -5.18
C PRO A 47 7.80 -3.10 -6.29
N VAL A 48 8.73 -3.99 -6.59
CA VAL A 48 8.48 -5.01 -7.59
C VAL A 48 7.34 -5.91 -7.13
N LEU A 49 7.41 -6.31 -5.87
CA LEU A 49 6.38 -7.14 -5.27
C LEU A 49 5.11 -6.38 -5.02
N GLN A 50 5.22 -5.14 -4.62
CA GLN A 50 4.02 -4.37 -4.28
C GLN A 50 3.20 -4.00 -5.50
N GLN A 51 2.42 -4.93 -6.00
CA GLN A 51 1.45 -4.59 -7.01
C GLN A 51 0.23 -4.00 -6.33
N TRP A 52 0.23 -2.68 -6.20
CA TRP A 52 -0.87 -1.97 -5.56
C TRP A 52 -2.03 -1.92 -6.52
N VAL A 53 -3.19 -2.38 -6.10
CA VAL A 53 -4.34 -2.39 -6.98
C VAL A 53 -5.52 -1.65 -6.35
N ILE A 54 -5.99 -0.65 -7.06
CA ILE A 54 -7.21 0.06 -6.74
C ILE A 54 -7.94 0.40 -8.03
N GLY A 55 -9.22 0.64 -7.94
CA GLY A 55 -10.02 0.89 -9.14
C GLY A 55 -9.57 2.15 -9.88
N GLN A 56 -9.11 3.14 -9.13
CA GLN A 56 -8.82 4.45 -9.69
C GLN A 56 -7.32 4.72 -9.86
N ARG A 57 -6.51 3.68 -10.04
CA ARG A 57 -5.06 3.87 -10.14
C ARG A 57 -4.68 4.77 -11.30
N LEU A 58 -3.67 5.58 -11.07
CA LEU A 58 -3.00 6.34 -12.12
C LEU A 58 -1.58 5.83 -12.18
N ALA A 59 -0.96 5.86 -13.34
CA ALA A 59 0.42 5.37 -13.48
C ALA A 59 1.40 6.23 -12.69
N ARG A 60 1.03 6.55 -11.46
CA ARG A 60 1.86 7.39 -10.62
C ARG A 60 1.78 6.94 -9.17
N ASP A 61 2.93 6.59 -8.61
CA ASP A 61 3.00 6.32 -7.18
C ASP A 61 2.86 7.63 -6.43
N GLN A 62 3.10 8.72 -7.15
CA GLN A 62 3.14 10.06 -6.58
C GLN A 62 1.74 10.59 -6.32
N GLU A 63 0.73 9.78 -6.64
CA GLU A 63 -0.65 10.15 -6.36
C GLU A 63 -0.91 10.14 -4.88
N THR A 64 -1.91 10.88 -4.46
CA THR A 64 -2.29 10.96 -3.07
C THR A 64 -3.06 9.73 -2.68
N LEU A 65 -3.08 9.43 -1.40
CA LEU A 65 -3.88 8.34 -0.93
C LEU A 65 -5.33 8.68 -1.19
N HIS A 66 -5.66 9.94 -0.96
CA HIS A 66 -6.98 10.47 -1.30
C HIS A 66 -7.29 10.20 -2.77
N SER A 67 -6.25 10.07 -3.60
CA SER A 67 -6.45 9.78 -5.02
C SER A 67 -7.26 8.49 -5.19
N HIS A 68 -7.03 7.53 -4.29
CA HIS A 68 -7.79 6.29 -4.28
C HIS A 68 -9.23 6.60 -3.91
N GLY A 69 -9.41 7.63 -3.12
CA GLY A 69 -10.73 8.07 -2.67
C GLY A 69 -10.80 8.08 -1.17
N VAL A 70 -9.64 7.95 -0.53
CA VAL A 70 -9.58 7.93 0.92
C VAL A 70 -9.71 9.33 1.47
N ARG A 71 -10.76 9.58 2.22
CA ARG A 71 -10.91 10.84 2.93
C ARG A 71 -10.71 10.61 4.41
N GLN A 72 -10.65 9.36 4.81
CA GLN A 72 -10.59 9.00 6.21
C GLN A 72 -10.22 7.54 6.39
N ASN A 73 -10.17 7.12 7.64
CA ASN A 73 -9.85 5.73 7.95
C ASN A 73 -11.00 4.81 7.59
N GLY A 74 -10.73 3.52 7.51
CA GLY A 74 -11.75 2.55 7.16
C GLY A 74 -11.72 2.21 5.67
N ASP A 75 -10.81 2.83 4.93
CA ASP A 75 -10.67 2.50 3.51
C ASP A 75 -9.76 1.31 3.35
N SER A 76 -9.92 0.62 2.25
CA SER A 76 -9.16 -0.59 1.98
C SER A 76 -8.54 -0.55 0.59
N ALA A 77 -7.37 -1.18 0.45
CA ALA A 77 -6.71 -1.27 -0.85
C ALA A 77 -6.26 -2.71 -1.10
N TYR A 78 -5.88 -3.01 -2.32
CA TYR A 78 -5.40 -4.35 -2.65
C TYR A 78 -3.94 -4.31 -3.04
N LEU A 79 -3.19 -5.21 -2.47
CA LEU A 79 -1.78 -5.34 -2.75
C LEU A 79 -1.54 -6.74 -3.29
N TYR A 80 -1.01 -6.83 -4.48
CA TYR A 80 -0.71 -8.11 -5.08
C TYR A 80 0.78 -8.35 -5.06
N LEU A 81 1.19 -9.52 -4.59
CA LEU A 81 2.61 -9.83 -4.51
C LEU A 81 3.01 -10.83 -5.58
N LEU A 82 4.02 -10.48 -6.33
CA LEU A 82 4.54 -11.35 -7.36
C LEU A 82 5.35 -12.46 -6.73
N SER A 83 5.56 -13.52 -7.45
CA SER A 83 6.34 -14.64 -6.94
C SER A 83 7.82 -14.28 -6.75
N ALA A 84 8.10 -12.98 -6.64
CA ALA A 84 9.43 -12.51 -6.30
C ALA A 84 9.64 -12.71 -4.82
N ARG A 85 10.86 -12.53 -4.35
CA ARG A 85 11.16 -12.73 -2.94
C ARG A 85 12.03 -11.62 -2.39
N ASN A 86 11.78 -11.27 -1.14
CA ASN A 86 12.53 -10.23 -0.45
C ASN A 86 12.77 -10.62 0.99
N THR A 87 13.98 -11.03 1.29
CA THR A 87 14.34 -11.36 2.67
C THR A 87 15.79 -11.01 2.91
N SER A 88 16.12 -10.66 4.14
CA SER A 88 17.49 -10.33 4.47
C SER A 88 18.41 -11.51 4.16
N LEU A 89 17.82 -12.68 4.07
CA LEU A 89 18.51 -13.87 3.64
C LEU A 89 18.97 -13.72 2.18
N ASN A 90 18.13 -13.08 1.37
CA ASN A 90 18.38 -12.96 -0.06
C ASN A 90 19.48 -11.96 -0.37
N MET A 1 -1.64 12.99 18.85
CA MET A 1 -1.87 14.44 19.09
C MET A 1 -3.28 14.77 18.63
N PRO A 2 -3.72 16.02 18.73
CA PRO A 2 -5.10 16.40 18.33
C PRO A 2 -5.41 16.00 16.89
N THR A 3 -4.42 16.09 16.04
CA THR A 3 -4.57 15.76 14.63
C THR A 3 -4.55 14.23 14.44
N GLN A 4 -5.03 13.77 13.30
CA GLN A 4 -5.05 12.34 13.01
C GLN A 4 -4.79 12.06 11.54
N ASP A 5 -4.30 10.86 11.29
CA ASP A 5 -4.16 10.31 9.96
C ASP A 5 -5.44 9.57 9.64
N ILE A 6 -5.42 8.76 8.59
CA ILE A 6 -6.53 7.88 8.32
C ILE A 6 -6.03 6.45 8.26
N ARG A 7 -6.92 5.52 8.53
CA ARG A 7 -6.54 4.13 8.62
C ARG A 7 -6.96 3.39 7.37
N LEU A 8 -5.97 2.86 6.68
CA LEU A 8 -6.15 2.17 5.40
C LEU A 8 -5.80 0.70 5.57
N TRP A 9 -6.73 -0.17 5.22
CA TRP A 9 -6.48 -1.60 5.31
C TRP A 9 -6.03 -2.09 3.96
N VAL A 10 -5.07 -2.99 3.95
CA VAL A 10 -4.59 -3.51 2.71
C VAL A 10 -4.72 -5.01 2.65
N SER A 11 -5.35 -5.49 1.60
CA SER A 11 -5.41 -6.91 1.35
C SER A 11 -4.26 -7.24 0.42
N VAL A 12 -3.38 -8.11 0.88
CA VAL A 12 -2.18 -8.42 0.14
C VAL A 12 -2.26 -9.82 -0.42
N GLU A 13 -2.08 -9.94 -1.72
CA GLU A 13 -2.09 -11.24 -2.37
C GLU A 13 -0.81 -11.49 -3.12
N ASP A 14 -0.20 -12.63 -2.86
CA ASP A 14 1.04 -13.03 -3.53
C ASP A 14 0.76 -13.70 -4.85
N ALA A 15 1.76 -13.68 -5.71
CA ALA A 15 1.69 -14.40 -6.97
C ALA A 15 1.40 -15.86 -6.69
N GLN A 16 1.98 -16.35 -5.62
CA GLN A 16 1.79 -17.72 -5.18
C GLN A 16 0.40 -17.91 -4.58
N MET A 17 -0.43 -16.88 -4.70
CA MET A 17 -1.81 -16.89 -4.21
C MET A 17 -1.87 -16.85 -2.69
N HIS A 18 -0.77 -16.41 -2.07
CA HIS A 18 -0.75 -16.21 -0.63
C HIS A 18 -1.43 -14.88 -0.32
N THR A 19 -2.40 -14.90 0.59
CA THR A 19 -3.20 -13.72 0.87
C THR A 19 -2.96 -13.23 2.31
N VAL A 20 -2.65 -11.94 2.44
CA VAL A 20 -2.40 -11.35 3.75
C VAL A 20 -3.16 -10.03 3.89
N THR A 21 -3.38 -9.61 5.12
CA THR A 21 -4.07 -8.35 5.39
C THR A 21 -3.22 -7.48 6.31
N ILE A 22 -3.04 -6.23 5.93
CA ILE A 22 -2.33 -5.30 6.79
C ILE A 22 -3.13 -4.02 6.98
N TRP A 23 -2.90 -3.34 8.08
CA TRP A 23 -3.56 -2.09 8.39
C TRP A 23 -2.55 -0.96 8.37
N LEU A 24 -2.81 0.07 7.59
CA LEU A 24 -1.88 1.19 7.49
C LEU A 24 -2.53 2.47 7.95
N THR A 25 -1.79 3.25 8.71
CA THR A 25 -2.25 4.54 9.17
C THR A 25 -1.54 5.61 8.36
N VAL A 26 -2.31 6.35 7.59
CA VAL A 26 -1.76 7.32 6.66
C VAL A 26 -2.67 8.51 6.54
N ARG A 27 -2.21 9.56 5.92
CA ARG A 27 -3.09 10.67 5.61
C ARG A 27 -3.41 10.64 4.12
N PRO A 28 -4.54 11.15 3.72
CA PRO A 28 -4.93 11.18 2.27
C PRO A 28 -3.87 11.89 1.46
N ASP A 29 -3.13 12.73 2.16
CA ASP A 29 -2.04 13.49 1.60
C ASP A 29 -0.90 12.58 1.17
N MET A 30 -0.90 11.35 1.68
CA MET A 30 0.13 10.38 1.31
C MET A 30 -0.04 9.91 -0.11
N THR A 31 0.97 9.23 -0.61
CA THR A 31 0.95 8.71 -1.95
C THR A 31 1.28 7.23 -1.96
N VAL A 32 0.92 6.55 -3.02
CA VAL A 32 1.13 5.12 -3.12
C VAL A 32 2.59 4.79 -2.99
N ALA A 33 3.42 5.55 -3.67
CA ALA A 33 4.87 5.35 -3.57
C ALA A 33 5.29 5.40 -2.10
N SER A 34 4.87 6.42 -1.39
CA SER A 34 5.19 6.53 0.02
C SER A 34 4.55 5.39 0.79
N LEU A 35 3.31 5.09 0.46
CA LEU A 35 2.57 4.04 1.14
C LEU A 35 3.23 2.70 0.92
N LYS A 36 3.57 2.40 -0.32
CA LYS A 36 4.26 1.14 -0.61
C LYS A 36 5.63 1.16 0.03
N ASP A 37 6.24 2.33 0.05
CA ASP A 37 7.55 2.49 0.67
C ASP A 37 7.51 2.15 2.16
N MET A 38 6.53 2.70 2.90
CA MET A 38 6.48 2.40 4.33
C MET A 38 6.32 0.92 4.49
N VAL A 39 5.49 0.35 3.66
CA VAL A 39 5.24 -1.07 3.69
C VAL A 39 6.54 -1.80 3.45
N PHE A 40 7.34 -1.29 2.53
CA PHE A 40 8.66 -1.82 2.32
C PHE A 40 9.47 -1.67 3.60
N LEU A 41 9.43 -0.50 4.21
CA LEU A 41 10.15 -0.29 5.48
C LEU A 41 9.58 -1.20 6.53
N ASP A 42 8.26 -1.23 6.57
CA ASP A 42 7.53 -1.90 7.64
C ASP A 42 7.53 -3.41 7.49
N TYR A 43 7.25 -3.88 6.29
CA TYR A 43 7.08 -5.32 6.06
C TYR A 43 8.19 -5.90 5.21
N GLY A 44 9.09 -5.07 4.72
CA GLY A 44 10.20 -5.54 3.91
C GLY A 44 9.71 -5.96 2.54
N PHE A 45 8.59 -5.38 2.12
CA PHE A 45 8.00 -5.70 0.83
C PHE A 45 8.68 -4.88 -0.28
N PRO A 46 9.59 -5.46 -1.03
CA PRO A 46 10.32 -4.73 -2.11
C PRO A 46 9.33 -3.99 -3.04
N PRO A 47 9.63 -2.78 -3.41
CA PRO A 47 8.71 -1.95 -4.26
C PRO A 47 8.40 -2.61 -5.59
N VAL A 48 9.36 -3.35 -6.12
CA VAL A 48 9.12 -4.09 -7.35
C VAL A 48 8.01 -5.13 -7.13
N LEU A 49 8.08 -5.81 -6.01
CA LEU A 49 7.08 -6.82 -5.69
C LEU A 49 5.75 -6.19 -5.35
N GLN A 50 5.79 -5.06 -4.66
CA GLN A 50 4.54 -4.41 -4.26
C GLN A 50 3.81 -3.86 -5.46
N GLN A 51 2.79 -4.55 -5.89
CA GLN A 51 1.91 -4.02 -6.90
C GLN A 51 0.60 -3.61 -6.24
N TRP A 52 0.45 -2.32 -6.02
CA TRP A 52 -0.66 -1.79 -5.25
C TRP A 52 -1.85 -1.53 -6.11
N VAL A 53 -3.02 -1.98 -5.68
CA VAL A 53 -4.24 -1.73 -6.41
C VAL A 53 -5.24 -0.98 -5.55
N ILE A 54 -5.68 0.14 -6.06
CA ILE A 54 -6.75 0.92 -5.47
C ILE A 54 -7.79 1.16 -6.55
N GLY A 55 -9.04 0.92 -6.24
CA GLY A 55 -10.11 0.98 -7.23
C GLY A 55 -9.93 2.16 -8.16
N GLN A 56 -9.43 3.26 -7.63
CA GLN A 56 -9.24 4.49 -8.38
C GLN A 56 -7.78 4.68 -8.79
N ARG A 57 -6.96 3.65 -8.62
CA ARG A 57 -5.52 3.78 -8.84
C ARG A 57 -5.15 4.09 -10.29
N LEU A 58 -4.13 4.93 -10.43
CA LEU A 58 -3.53 5.26 -11.73
C LEU A 58 -2.20 4.54 -11.83
N ALA A 59 -1.70 4.38 -13.05
CA ALA A 59 -0.38 3.78 -13.24
C ALA A 59 0.70 4.72 -12.71
N ARG A 60 0.49 5.22 -11.52
CA ARG A 60 1.37 6.21 -10.93
C ARG A 60 1.50 6.00 -9.42
N ASP A 61 2.71 5.74 -8.98
CA ASP A 61 3.03 5.57 -7.56
C ASP A 61 2.75 6.87 -6.83
N GLN A 62 3.02 7.96 -7.52
CA GLN A 62 2.92 9.29 -6.95
C GLN A 62 1.46 9.73 -6.76
N GLU A 63 0.53 8.80 -6.89
CA GLU A 63 -0.87 9.11 -6.64
C GLU A 63 -1.07 9.39 -5.16
N THR A 64 -1.76 10.47 -4.84
CA THR A 64 -2.09 10.74 -3.45
C THR A 64 -3.22 9.83 -3.03
N LEU A 65 -3.24 9.43 -1.77
CA LEU A 65 -4.29 8.55 -1.28
C LEU A 65 -5.62 9.28 -1.44
N HIS A 66 -5.59 10.57 -1.15
CA HIS A 66 -6.75 11.44 -1.30
C HIS A 66 -7.27 11.35 -2.73
N SER A 67 -6.36 11.26 -3.69
CA SER A 67 -6.72 11.25 -5.09
C SER A 67 -7.65 10.07 -5.36
N HIS A 68 -7.38 8.96 -4.69
CA HIS A 68 -8.17 7.76 -4.86
C HIS A 68 -9.39 7.79 -3.98
N GLY A 69 -9.65 8.95 -3.40
CA GLY A 69 -10.78 9.13 -2.54
C GLY A 69 -10.51 8.53 -1.17
N VAL A 70 -9.26 8.14 -0.94
CA VAL A 70 -8.88 7.68 0.38
C VAL A 70 -8.73 8.93 1.24
N ARG A 71 -9.85 9.37 1.76
CA ARG A 71 -9.93 10.65 2.43
C ARG A 71 -10.31 10.50 3.90
N GLN A 72 -10.51 9.28 4.31
CA GLN A 72 -10.86 9.01 5.70
C GLN A 72 -10.45 7.60 6.06
N ASN A 73 -10.48 7.33 7.35
CA ASN A 73 -10.11 6.01 7.85
C ASN A 73 -11.20 5.01 7.53
N GLY A 74 -10.84 3.76 7.42
CA GLY A 74 -11.79 2.70 7.13
C GLY A 74 -11.73 2.27 5.68
N ASP A 75 -10.95 2.99 4.88
CA ASP A 75 -10.77 2.62 3.49
C ASP A 75 -9.91 1.37 3.41
N SER A 76 -10.09 0.61 2.36
CA SER A 76 -9.37 -0.64 2.20
C SER A 76 -8.70 -0.70 0.82
N ALA A 77 -7.55 -1.34 0.74
CA ALA A 77 -6.81 -1.43 -0.52
C ALA A 77 -6.35 -2.85 -0.81
N TYR A 78 -5.92 -3.06 -2.04
CA TYR A 78 -5.47 -4.36 -2.49
C TYR A 78 -4.00 -4.30 -2.93
N LEU A 79 -3.18 -5.15 -2.35
CA LEU A 79 -1.78 -5.22 -2.70
C LEU A 79 -1.46 -6.54 -3.35
N TYR A 80 -0.83 -6.47 -4.51
CA TYR A 80 -0.43 -7.65 -5.23
C TYR A 80 1.08 -7.82 -5.07
N LEU A 81 1.49 -8.98 -4.60
CA LEU A 81 2.91 -9.27 -4.47
C LEU A 81 3.36 -10.19 -5.57
N LEU A 82 4.33 -9.75 -6.31
CA LEU A 82 4.83 -10.47 -7.45
C LEU A 82 5.72 -11.61 -7.04
N SER A 83 5.88 -12.55 -7.95
CA SER A 83 6.68 -13.74 -7.71
C SER A 83 8.13 -13.37 -7.45
N ALA A 84 8.50 -12.14 -7.79
CA ALA A 84 9.86 -11.64 -7.64
C ALA A 84 10.40 -11.90 -6.24
N ARG A 85 11.70 -11.75 -6.10
CA ARG A 85 12.38 -11.89 -4.84
C ARG A 85 13.43 -10.79 -4.75
N ASN A 86 13.63 -10.25 -3.57
CA ASN A 86 14.73 -9.30 -3.40
C ASN A 86 15.88 -9.98 -2.69
N THR A 87 16.84 -10.47 -3.45
CA THR A 87 17.97 -11.19 -2.89
C THR A 87 18.78 -10.27 -1.98
N SER A 88 18.20 -9.95 -0.85
CA SER A 88 18.81 -9.10 0.14
C SER A 88 19.40 -9.97 1.26
N LEU A 89 20.51 -10.62 0.96
CA LEU A 89 21.16 -11.53 1.89
C LEU A 89 21.73 -10.75 3.08
N ASN A 90 20.90 -9.89 3.65
CA ASN A 90 21.30 -9.07 4.78
C ASN A 90 20.39 -9.32 5.96
N MET A 1 -6.79 13.42 19.16
CA MET A 1 -6.95 14.88 18.93
C MET A 1 -7.62 15.10 17.58
N PRO A 2 -8.35 16.18 17.41
CA PRO A 2 -9.05 16.49 16.13
C PRO A 2 -8.05 16.61 14.98
N THR A 3 -8.41 16.11 13.81
CA THR A 3 -7.53 16.16 12.64
C THR A 3 -6.34 15.21 12.81
N GLN A 4 -6.50 13.99 12.33
CA GLN A 4 -5.47 12.97 12.43
C GLN A 4 -5.20 12.37 11.06
N ASP A 5 -4.43 11.31 11.04
CA ASP A 5 -4.22 10.53 9.83
C ASP A 5 -5.37 9.55 9.70
N ILE A 6 -5.32 8.70 8.72
CA ILE A 6 -6.35 7.70 8.56
C ILE A 6 -5.75 6.32 8.46
N ARG A 7 -6.56 5.32 8.77
CA ARG A 7 -6.12 3.95 8.66
C ARG A 7 -6.52 3.40 7.32
N LEU A 8 -5.55 2.96 6.58
CA LEU A 8 -5.75 2.40 5.26
C LEU A 8 -5.39 0.93 5.29
N TRP A 9 -6.33 0.09 4.94
CA TRP A 9 -6.09 -1.34 4.91
C TRP A 9 -5.65 -1.71 3.52
N VAL A 10 -4.64 -2.54 3.43
CA VAL A 10 -4.22 -2.99 2.12
C VAL A 10 -4.49 -4.48 2.00
N SER A 11 -5.23 -4.83 0.95
CA SER A 11 -5.54 -6.21 0.66
C SER A 11 -4.39 -6.79 -0.14
N VAL A 12 -3.78 -7.86 0.34
CA VAL A 12 -2.62 -8.40 -0.30
C VAL A 12 -2.89 -9.81 -0.79
N GLU A 13 -2.60 -10.03 -2.06
CA GLU A 13 -2.65 -11.35 -2.66
C GLU A 13 -1.30 -11.69 -3.24
N ASP A 14 -0.77 -12.84 -2.87
CA ASP A 14 0.53 -13.26 -3.37
C ASP A 14 0.39 -14.37 -4.39
N ALA A 15 1.36 -14.45 -5.29
CA ALA A 15 1.37 -15.46 -6.35
C ALA A 15 1.42 -16.85 -5.77
N GLN A 16 2.14 -16.99 -4.67
CA GLN A 16 2.26 -18.27 -3.99
C GLN A 16 0.94 -18.63 -3.35
N MET A 17 -0.02 -17.71 -3.45
CA MET A 17 -1.38 -17.89 -2.96
C MET A 17 -1.51 -17.63 -1.46
N HIS A 18 -0.95 -16.50 -1.03
CA HIS A 18 -1.14 -16.00 0.32
C HIS A 18 -2.05 -14.77 0.24
N THR A 19 -3.14 -14.78 0.97
CA THR A 19 -4.04 -13.64 0.98
C THR A 19 -4.03 -12.98 2.35
N VAL A 20 -3.57 -11.76 2.43
CA VAL A 20 -3.52 -11.05 3.69
C VAL A 20 -3.96 -9.63 3.53
N THR A 21 -4.32 -9.02 4.64
CA THR A 21 -4.63 -7.61 4.67
C THR A 21 -3.69 -6.94 5.64
N ILE A 22 -3.11 -5.84 5.23
CA ILE A 22 -2.20 -5.12 6.10
C ILE A 22 -2.75 -3.75 6.37
N TRP A 23 -2.40 -3.21 7.51
CA TRP A 23 -3.01 -2.00 7.99
C TRP A 23 -1.99 -0.90 8.04
N LEU A 24 -2.26 0.19 7.33
CA LEU A 24 -1.37 1.34 7.30
C LEU A 24 -2.09 2.56 7.84
N THR A 25 -1.38 3.41 8.56
CA THR A 25 -1.96 4.64 9.08
C THR A 25 -1.28 5.82 8.40
N VAL A 26 -2.03 6.59 7.64
CA VAL A 26 -1.49 7.72 6.90
C VAL A 26 -2.56 8.77 6.69
N ARG A 27 -2.18 9.90 6.14
CA ARG A 27 -3.16 10.92 5.77
C ARG A 27 -3.45 10.83 4.27
N PRO A 28 -4.65 11.16 3.85
CA PRO A 28 -5.01 11.14 2.39
C PRO A 28 -4.06 12.01 1.60
N ASP A 29 -3.53 13.02 2.29
CA ASP A 29 -2.58 13.99 1.76
C ASP A 29 -1.27 13.32 1.35
N MET A 30 -0.90 12.27 2.07
CA MET A 30 0.33 11.53 1.78
C MET A 30 0.29 11.00 0.34
N THR A 31 1.36 10.37 -0.09
CA THR A 31 1.43 9.84 -1.44
C THR A 31 1.79 8.36 -1.41
N VAL A 32 1.43 7.67 -2.48
CA VAL A 32 1.70 6.25 -2.57
C VAL A 32 3.19 5.97 -2.53
N ALA A 33 3.96 6.76 -3.25
CA ALA A 33 5.41 6.58 -3.26
C ALA A 33 5.92 6.41 -1.83
N SER A 34 5.53 7.32 -0.96
CA SER A 34 5.88 7.23 0.45
C SER A 34 5.23 6.01 1.08
N LEU A 35 4.01 5.73 0.66
CA LEU A 35 3.26 4.59 1.16
C LEU A 35 3.99 3.29 0.81
N LYS A 36 4.53 3.24 -0.40
CA LYS A 36 5.31 2.09 -0.84
C LYS A 36 6.48 1.90 0.08
N ASP A 37 7.12 3.00 0.40
CA ASP A 37 8.31 2.99 1.24
C ASP A 37 8.03 2.36 2.59
N MET A 38 6.99 2.83 3.26
CA MET A 38 6.67 2.30 4.58
C MET A 38 6.36 0.84 4.49
N VAL A 39 5.67 0.43 3.46
CA VAL A 39 5.33 -0.96 3.29
C VAL A 39 6.61 -1.77 3.24
N PHE A 40 7.57 -1.25 2.50
CA PHE A 40 8.88 -1.86 2.48
C PHE A 40 9.50 -1.83 3.86
N LEU A 41 9.43 -0.69 4.53
CA LEU A 41 10.05 -0.58 5.84
C LEU A 41 9.36 -1.54 6.78
N ASP A 42 8.06 -1.52 6.71
CA ASP A 42 7.20 -2.30 7.61
C ASP A 42 7.26 -3.78 7.33
N TYR A 43 7.04 -4.15 6.08
CA TYR A 43 6.90 -5.56 5.74
C TYR A 43 8.05 -6.06 4.90
N GLY A 44 8.99 -5.20 4.57
CA GLY A 44 10.14 -5.60 3.75
C GLY A 44 9.69 -5.88 2.34
N PHE A 45 8.49 -5.40 2.01
CA PHE A 45 7.93 -5.62 0.69
C PHE A 45 8.70 -4.83 -0.35
N PRO A 46 9.40 -5.51 -1.23
CA PRO A 46 10.25 -4.83 -2.24
C PRO A 46 9.39 -4.16 -3.31
N PRO A 47 9.88 -3.12 -3.91
CA PRO A 47 9.12 -2.35 -4.93
C PRO A 47 8.70 -3.22 -6.09
N VAL A 48 9.51 -4.21 -6.41
CA VAL A 48 9.14 -5.13 -7.47
C VAL A 48 7.84 -5.84 -7.10
N LEU A 49 7.79 -6.32 -5.87
CA LEU A 49 6.63 -7.02 -5.36
C LEU A 49 5.46 -6.10 -5.06
N GLN A 50 5.75 -4.89 -4.55
CA GLN A 50 4.67 -3.99 -4.17
C GLN A 50 3.85 -3.54 -5.36
N GLN A 51 2.88 -4.36 -5.73
CA GLN A 51 1.98 -3.99 -6.80
C GLN A 51 0.69 -3.53 -6.20
N TRP A 52 0.43 -2.24 -6.29
CA TRP A 52 -0.82 -1.69 -5.78
C TRP A 52 -1.81 -1.62 -6.92
N VAL A 53 -3.03 -2.05 -6.67
CA VAL A 53 -4.04 -2.06 -7.71
C VAL A 53 -5.28 -1.29 -7.24
N ILE A 54 -5.67 -0.29 -8.01
CA ILE A 54 -6.87 0.46 -7.72
C ILE A 54 -7.79 0.37 -8.95
N GLY A 55 -9.00 -0.13 -8.75
CA GLY A 55 -9.84 -0.45 -9.90
C GLY A 55 -10.23 0.76 -10.74
N GLN A 56 -10.75 1.79 -10.10
CA GLN A 56 -11.22 2.96 -10.85
C GLN A 56 -10.34 4.18 -10.64
N ARG A 57 -9.41 4.09 -9.72
CA ARG A 57 -8.55 5.21 -9.39
C ARG A 57 -7.15 4.98 -9.90
N LEU A 58 -6.36 6.04 -9.93
CA LEU A 58 -4.98 5.93 -10.36
C LEU A 58 -4.17 5.17 -9.33
N ALA A 59 -3.12 4.51 -9.77
CA ALA A 59 -2.24 3.77 -8.87
C ALA A 59 -0.87 4.44 -8.80
N ARG A 60 -0.83 5.73 -9.16
CA ARG A 60 0.42 6.46 -9.19
C ARG A 60 1.02 6.57 -7.81
N ASP A 61 2.31 6.34 -7.75
CA ASP A 61 3.06 6.55 -6.52
C ASP A 61 2.99 8.01 -6.18
N GLN A 62 3.00 8.80 -7.25
CA GLN A 62 3.05 10.25 -7.19
C GLN A 62 1.75 10.85 -6.64
N GLU A 63 0.63 10.22 -6.95
CA GLU A 63 -0.66 10.75 -6.53
C GLU A 63 -0.87 10.69 -5.04
N THR A 64 -1.74 11.55 -4.55
CA THR A 64 -2.10 11.58 -3.15
C THR A 64 -2.85 10.31 -2.80
N LEU A 65 -2.86 9.98 -1.53
CA LEU A 65 -3.58 8.81 -1.10
C LEU A 65 -5.06 9.00 -1.38
N HIS A 66 -5.55 10.19 -1.14
CA HIS A 66 -6.94 10.54 -1.46
C HIS A 66 -7.21 10.22 -2.92
N SER A 67 -6.24 10.51 -3.78
CA SER A 67 -6.39 10.27 -5.20
C SER A 67 -6.74 8.82 -5.46
N HIS A 68 -6.22 7.93 -4.62
CA HIS A 68 -6.42 6.51 -4.81
C HIS A 68 -7.74 6.05 -4.20
N GLY A 69 -8.43 6.98 -3.55
CA GLY A 69 -9.74 6.69 -2.99
C GLY A 69 -9.67 6.48 -1.49
N VAL A 70 -8.48 6.51 -0.93
CA VAL A 70 -8.32 6.40 0.50
C VAL A 70 -8.42 7.80 1.12
N ARG A 71 -9.55 8.07 1.73
CA ARG A 71 -9.84 9.41 2.24
C ARG A 71 -10.06 9.35 3.74
N GLN A 72 -10.66 8.28 4.19
CA GLN A 72 -10.98 8.13 5.60
C GLN A 72 -10.41 6.87 6.15
N ASN A 73 -10.23 6.85 7.46
CA ASN A 73 -9.85 5.62 8.12
C ASN A 73 -10.96 4.61 7.89
N GLY A 74 -10.59 3.43 7.48
CA GLY A 74 -11.56 2.42 7.11
C GLY A 74 -11.52 2.15 5.62
N ASP A 75 -10.84 3.02 4.87
CA ASP A 75 -10.66 2.81 3.44
C ASP A 75 -9.67 1.67 3.23
N SER A 76 -9.87 0.91 2.18
CA SER A 76 -9.09 -0.28 1.94
C SER A 76 -8.46 -0.23 0.55
N ALA A 77 -7.30 -0.87 0.39
CA ALA A 77 -6.59 -0.87 -0.90
C ALA A 77 -6.15 -2.27 -1.28
N TYR A 78 -5.68 -2.42 -2.52
CA TYR A 78 -5.26 -3.71 -3.06
C TYR A 78 -3.77 -3.71 -3.37
N LEU A 79 -3.05 -4.68 -2.83
CA LEU A 79 -1.64 -4.87 -3.13
C LEU A 79 -1.42 -6.29 -3.63
N TYR A 80 -0.71 -6.44 -4.73
CA TYR A 80 -0.49 -7.77 -5.31
C TYR A 80 0.96 -8.18 -5.20
N LEU A 81 1.19 -9.38 -4.70
CA LEU A 81 2.54 -9.91 -4.57
C LEU A 81 2.77 -11.03 -5.56
N LEU A 82 3.94 -11.05 -6.13
CA LEU A 82 4.33 -12.09 -7.09
C LEU A 82 5.30 -13.07 -6.45
N SER A 83 5.55 -14.18 -7.10
CA SER A 83 6.46 -15.19 -6.57
C SER A 83 7.89 -14.65 -6.43
N ALA A 84 8.09 -13.41 -6.86
CA ALA A 84 9.39 -12.77 -6.69
C ALA A 84 9.68 -12.63 -5.21
N ARG A 85 10.93 -12.74 -4.84
CA ARG A 85 11.32 -12.62 -3.44
C ARG A 85 12.53 -11.75 -3.32
N ASN A 86 12.50 -10.84 -2.36
CA ASN A 86 13.67 -10.00 -2.07
C ASN A 86 14.36 -10.54 -0.86
N THR A 87 13.56 -10.89 0.11
CA THR A 87 14.03 -11.49 1.32
C THR A 87 14.39 -12.95 1.07
N SER A 88 15.10 -13.56 2.02
CA SER A 88 15.64 -14.89 1.80
C SER A 88 16.61 -14.85 0.62
N LEU A 89 17.65 -14.05 0.75
CA LEU A 89 18.67 -13.92 -0.29
C LEU A 89 19.30 -15.27 -0.49
N ASN A 90 19.51 -15.95 0.61
CA ASN A 90 20.03 -17.30 0.64
C ASN A 90 18.92 -18.29 0.34
N MET A 1 -0.94 15.97 15.14
CA MET A 1 -0.99 17.12 14.21
C MET A 1 -2.46 17.48 14.02
N PRO A 2 -2.75 18.69 13.57
CA PRO A 2 -4.17 19.14 13.38
C PRO A 2 -4.97 18.15 12.52
N THR A 3 -4.35 17.65 11.46
CA THR A 3 -4.98 16.64 10.64
C THR A 3 -4.72 15.26 11.23
N GLN A 4 -5.76 14.46 11.36
CA GLN A 4 -5.64 13.14 11.94
C GLN A 4 -5.14 12.17 10.92
N ASP A 5 -4.40 11.18 11.38
CA ASP A 5 -4.02 10.09 10.52
C ASP A 5 -5.17 9.14 10.43
N ILE A 6 -5.18 8.34 9.42
CA ILE A 6 -6.25 7.40 9.23
C ILE A 6 -5.69 6.02 9.06
N ARG A 7 -6.51 5.02 9.34
CA ARG A 7 -6.08 3.65 9.18
C ARG A 7 -6.47 3.16 7.82
N LEU A 8 -5.49 2.79 7.03
CA LEU A 8 -5.70 2.30 5.69
C LEU A 8 -5.45 0.80 5.65
N TRP A 9 -6.44 0.05 5.18
CA TRP A 9 -6.27 -1.39 5.07
C TRP A 9 -5.73 -1.71 3.71
N VAL A 10 -4.78 -2.60 3.65
CA VAL A 10 -4.32 -3.08 2.39
C VAL A 10 -4.61 -4.56 2.28
N SER A 11 -5.37 -4.94 1.28
CA SER A 11 -5.66 -6.33 1.01
C SER A 11 -4.52 -6.89 0.19
N VAL A 12 -3.68 -7.68 0.81
CA VAL A 12 -2.47 -8.14 0.15
C VAL A 12 -2.61 -9.58 -0.29
N GLU A 13 -2.39 -9.80 -1.59
CA GLU A 13 -2.34 -11.14 -2.16
C GLU A 13 -1.00 -11.36 -2.85
N ASP A 14 -0.33 -12.44 -2.49
CA ASP A 14 0.98 -12.73 -3.09
C ASP A 14 0.87 -13.85 -4.13
N ALA A 15 1.95 -14.00 -4.89
CA ALA A 15 2.04 -15.02 -5.92
C ALA A 15 1.98 -16.42 -5.32
N GLN A 16 2.56 -16.56 -4.14
CA GLN A 16 2.52 -17.83 -3.43
C GLN A 16 1.12 -18.03 -2.84
N MET A 17 0.19 -17.17 -3.25
CA MET A 17 -1.23 -17.26 -2.89
C MET A 17 -1.48 -16.84 -1.45
N HIS A 18 -0.57 -16.08 -0.87
CA HIS A 18 -0.78 -15.55 0.47
C HIS A 18 -1.75 -14.42 0.40
N THR A 19 -2.80 -14.48 1.20
CA THR A 19 -3.78 -13.42 1.27
C THR A 19 -3.80 -12.84 2.67
N VAL A 20 -3.41 -11.59 2.82
CA VAL A 20 -3.40 -10.95 4.12
C VAL A 20 -3.90 -9.53 4.04
N THR A 21 -4.28 -8.99 5.19
CA THR A 21 -4.72 -7.61 5.29
C THR A 21 -3.79 -6.90 6.27
N ILE A 22 -3.32 -5.74 5.90
CA ILE A 22 -2.49 -4.97 6.80
C ILE A 22 -3.09 -3.59 7.00
N TRP A 23 -2.82 -3.02 8.15
CA TRP A 23 -3.36 -1.72 8.50
C TRP A 23 -2.26 -0.69 8.52
N LEU A 24 -2.43 0.36 7.73
CA LEU A 24 -1.45 1.43 7.65
C LEU A 24 -2.05 2.68 8.26
N THR A 25 -1.30 3.36 9.10
CA THR A 25 -1.80 4.60 9.68
C THR A 25 -1.02 5.78 9.10
N VAL A 26 -1.73 6.61 8.35
CA VAL A 26 -1.16 7.79 7.71
C VAL A 26 -2.29 8.76 7.46
N ARG A 27 -2.03 9.83 6.73
CA ARG A 27 -3.11 10.72 6.32
C ARG A 27 -3.38 10.60 4.83
N PRO A 28 -4.57 10.94 4.39
CA PRO A 28 -4.95 10.85 2.94
C PRO A 28 -4.00 11.63 2.07
N ASP A 29 -3.40 12.65 2.67
CA ASP A 29 -2.46 13.53 1.99
C ASP A 29 -1.25 12.76 1.48
N MET A 30 -0.91 11.70 2.18
CA MET A 30 0.26 10.91 1.83
C MET A 30 0.13 10.33 0.44
N THR A 31 1.24 9.91 -0.10
CA THR A 31 1.33 9.41 -1.45
C THR A 31 1.47 7.88 -1.46
N VAL A 32 0.88 7.26 -2.47
CA VAL A 32 0.93 5.82 -2.61
C VAL A 32 2.38 5.36 -2.70
N ALA A 33 3.15 6.04 -3.53
CA ALA A 33 4.55 5.70 -3.69
C ALA A 33 5.25 5.72 -2.32
N SER A 34 5.00 6.75 -1.56
CA SER A 34 5.50 6.82 -0.20
C SER A 34 4.92 5.68 0.64
N LEU A 35 3.62 5.45 0.48
CA LEU A 35 2.93 4.43 1.24
C LEU A 35 3.47 3.04 0.89
N LYS A 36 3.59 2.76 -0.39
CA LYS A 36 4.12 1.46 -0.81
C LYS A 36 5.55 1.33 -0.34
N ASP A 37 6.26 2.46 -0.38
CA ASP A 37 7.62 2.53 0.11
C ASP A 37 7.70 2.18 1.59
N MET A 38 6.89 2.83 2.40
CA MET A 38 6.87 2.54 3.82
C MET A 38 6.41 1.13 4.09
N VAL A 39 5.45 0.67 3.30
CA VAL A 39 4.99 -0.71 3.41
C VAL A 39 6.17 -1.63 3.18
N PHE A 40 6.99 -1.29 2.21
CA PHE A 40 8.22 -2.02 1.98
C PHE A 40 9.09 -1.97 3.22
N LEU A 41 9.23 -0.77 3.79
CA LEU A 41 10.06 -0.64 4.99
C LEU A 41 9.46 -1.46 6.10
N ASP A 42 8.15 -1.34 6.22
CA ASP A 42 7.43 -1.95 7.33
C ASP A 42 7.26 -3.45 7.18
N TYR A 43 6.87 -3.89 5.98
CA TYR A 43 6.52 -5.29 5.78
C TYR A 43 7.53 -6.04 4.93
N GLY A 44 8.57 -5.36 4.49
CA GLY A 44 9.56 -6.00 3.64
C GLY A 44 8.93 -6.35 2.30
N PHE A 45 8.01 -5.50 1.86
CA PHE A 45 7.28 -5.71 0.61
C PHE A 45 7.97 -4.94 -0.52
N PRO A 46 8.97 -5.51 -1.16
CA PRO A 46 9.72 -4.82 -2.23
C PRO A 46 8.79 -4.06 -3.20
N PRO A 47 9.09 -2.81 -3.49
CA PRO A 47 8.19 -1.96 -4.34
C PRO A 47 7.99 -2.55 -5.73
N VAL A 48 8.97 -3.28 -6.21
CA VAL A 48 8.86 -3.97 -7.48
C VAL A 48 7.74 -5.01 -7.41
N LEU A 49 7.71 -5.74 -6.30
CA LEU A 49 6.70 -6.76 -6.09
C LEU A 49 5.35 -6.14 -5.81
N GLN A 50 5.35 -5.02 -5.09
CA GLN A 50 4.09 -4.41 -4.70
C GLN A 50 3.30 -3.93 -5.89
N GLN A 51 2.20 -4.60 -6.16
CA GLN A 51 1.22 -4.09 -7.07
C GLN A 51 0.00 -3.66 -6.29
N TRP A 52 -0.14 -2.36 -6.11
CA TRP A 52 -1.30 -1.80 -5.45
C TRP A 52 -2.40 -1.74 -6.48
N VAL A 53 -3.45 -2.53 -6.29
CA VAL A 53 -4.48 -2.60 -7.29
C VAL A 53 -5.60 -1.63 -6.93
N ILE A 54 -5.85 -0.71 -7.82
CA ILE A 54 -6.87 0.30 -7.63
C ILE A 54 -7.52 0.53 -9.00
N GLY A 55 -8.83 0.53 -9.07
CA GLY A 55 -9.50 0.73 -10.36
C GLY A 55 -8.98 1.99 -11.01
N GLN A 56 -8.67 2.97 -10.19
CA GLN A 56 -8.13 4.24 -10.65
C GLN A 56 -6.62 4.12 -10.94
N ARG A 57 -6.15 2.89 -11.08
CA ARG A 57 -4.71 2.60 -11.24
C ARG A 57 -4.03 3.56 -12.23
N LEU A 58 -3.64 4.72 -11.74
CA LEU A 58 -2.85 5.66 -12.54
C LEU A 58 -1.41 5.19 -12.59
N ALA A 59 -0.72 5.51 -13.66
CA ALA A 59 0.70 5.18 -13.77
C ALA A 59 1.52 6.06 -12.82
N ARG A 60 0.81 6.90 -12.07
CA ARG A 60 1.44 7.83 -11.14
C ARG A 60 1.27 7.31 -9.71
N ASP A 61 2.31 6.66 -9.20
CA ASP A 61 2.32 6.18 -7.82
C ASP A 61 2.49 7.34 -6.86
N GLN A 62 2.86 8.47 -7.41
CA GLN A 62 3.15 9.67 -6.65
C GLN A 62 1.86 10.23 -6.05
N GLU A 63 0.73 9.84 -6.63
CA GLU A 63 -0.56 10.37 -6.22
C GLU A 63 -0.83 10.17 -4.74
N THR A 64 -1.72 10.99 -4.23
CA THR A 64 -2.14 10.99 -2.86
C THR A 64 -2.87 9.69 -2.53
N LEU A 65 -2.87 9.31 -1.27
CA LEU A 65 -3.63 8.13 -0.84
C LEU A 65 -5.09 8.37 -1.10
N HIS A 66 -5.50 9.60 -0.85
CA HIS A 66 -6.86 10.03 -1.10
C HIS A 66 -7.30 9.67 -2.52
N SER A 67 -6.33 9.38 -3.39
CA SER A 67 -6.65 9.06 -4.78
C SER A 67 -7.65 7.92 -4.85
N HIS A 68 -7.44 6.88 -4.06
CA HIS A 68 -8.39 5.76 -3.97
C HIS A 68 -9.64 6.18 -3.23
N GLY A 69 -9.67 7.43 -2.81
CA GLY A 69 -10.76 7.93 -2.02
C GLY A 69 -10.48 7.67 -0.55
N VAL A 70 -9.24 7.22 -0.26
CA VAL A 70 -8.83 7.00 1.11
C VAL A 70 -8.87 8.33 1.84
N ARG A 71 -10.04 8.66 2.33
CA ARG A 71 -10.31 9.95 2.93
C ARG A 71 -10.24 9.85 4.45
N GLN A 72 -10.62 8.69 4.97
CA GLN A 72 -10.67 8.45 6.40
C GLN A 72 -10.27 7.03 6.72
N ASN A 73 -10.17 6.72 8.00
CA ASN A 73 -9.87 5.34 8.40
C ASN A 73 -11.00 4.43 7.96
N GLY A 74 -10.73 3.15 7.87
CA GLY A 74 -11.71 2.20 7.39
C GLY A 74 -11.57 2.05 5.88
N ASP A 75 -10.88 2.99 5.27
CA ASP A 75 -10.63 2.93 3.84
C ASP A 75 -9.64 1.82 3.53
N SER A 76 -9.82 1.19 2.40
CA SER A 76 -9.07 -0.01 2.08
C SER A 76 -8.37 0.11 0.72
N ALA A 77 -7.27 -0.62 0.55
CA ALA A 77 -6.57 -0.71 -0.74
C ALA A 77 -6.16 -2.15 -1.01
N TYR A 78 -5.75 -2.43 -2.24
CA TYR A 78 -5.47 -3.82 -2.63
C TYR A 78 -4.02 -3.99 -3.06
N LEU A 79 -3.34 -4.97 -2.47
CA LEU A 79 -1.99 -5.34 -2.87
C LEU A 79 -1.93 -6.69 -3.55
N TYR A 80 -1.31 -6.70 -4.70
CA TYR A 80 -1.01 -7.89 -5.44
C TYR A 80 0.51 -8.02 -5.50
N LEU A 81 1.05 -9.13 -5.00
CA LEU A 81 2.51 -9.26 -4.90
C LEU A 81 3.05 -10.27 -5.90
N LEU A 82 4.11 -9.88 -6.58
CA LEU A 82 4.72 -10.68 -7.65
C LEU A 82 5.51 -11.87 -7.11
N SER A 83 5.57 -12.92 -7.92
CA SER A 83 6.31 -14.13 -7.61
C SER A 83 7.82 -13.88 -7.55
N ALA A 84 8.21 -12.78 -6.95
CA ALA A 84 9.61 -12.46 -6.72
C ALA A 84 9.93 -12.73 -5.27
N ARG A 85 10.92 -12.02 -4.71
CA ARG A 85 11.18 -12.18 -3.29
C ARG A 85 10.19 -11.35 -2.47
N ASN A 86 9.04 -11.93 -2.19
CA ASN A 86 8.05 -11.25 -1.37
C ASN A 86 8.44 -11.34 0.09
N THR A 87 7.88 -10.46 0.91
CA THR A 87 8.23 -10.44 2.33
C THR A 87 9.75 -10.56 2.49
N SER A 88 10.47 -9.83 1.67
CA SER A 88 11.92 -9.93 1.65
C SER A 88 12.57 -8.56 1.69
N LEU A 89 13.62 -8.44 2.47
CA LEU A 89 14.35 -7.19 2.63
C LEU A 89 15.00 -6.76 1.32
N ASN A 90 15.57 -7.72 0.61
CA ASN A 90 16.29 -7.45 -0.62
C ASN A 90 16.14 -8.61 -1.62
N MET A 1 0.37 13.99 12.41
CA MET A 1 1.33 15.02 12.87
C MET A 1 0.56 16.30 13.23
N PRO A 2 0.49 17.36 12.39
CA PRO A 2 -0.40 18.53 12.70
C PRO A 2 -1.81 18.04 12.99
N THR A 3 -2.23 17.03 12.26
CA THR A 3 -3.51 16.39 12.52
C THR A 3 -3.28 14.90 12.73
N GLN A 4 -4.28 14.21 13.22
CA GLN A 4 -4.17 12.77 13.35
C GLN A 4 -4.27 12.16 11.97
N ASP A 5 -3.68 11.00 11.82
CA ASP A 5 -3.72 10.27 10.56
C ASP A 5 -4.99 9.44 10.50
N ILE A 6 -5.17 8.75 9.39
CA ILE A 6 -6.33 7.89 9.21
C ILE A 6 -5.86 6.47 8.95
N ARG A 7 -6.71 5.49 9.26
CA ARG A 7 -6.32 4.09 9.07
C ARG A 7 -6.83 3.55 7.76
N LEU A 8 -5.91 2.97 7.00
CA LEU A 8 -6.20 2.37 5.72
C LEU A 8 -5.91 0.87 5.81
N TRP A 9 -6.86 0.04 5.38
CA TRP A 9 -6.64 -1.41 5.37
C TRP A 9 -6.19 -1.82 3.99
N VAL A 10 -5.15 -2.61 3.91
CA VAL A 10 -4.71 -3.07 2.62
C VAL A 10 -4.73 -4.58 2.58
N SER A 11 -5.42 -5.11 1.58
CA SER A 11 -5.45 -6.55 1.35
C SER A 11 -4.32 -6.91 0.43
N VAL A 12 -3.53 -7.90 0.80
CA VAL A 12 -2.37 -8.26 0.01
C VAL A 12 -2.54 -9.66 -0.56
N GLU A 13 -2.34 -9.77 -1.87
CA GLU A 13 -2.44 -11.03 -2.58
C GLU A 13 -1.06 -11.46 -3.07
N ASP A 14 -0.62 -12.61 -2.64
CA ASP A 14 0.68 -13.14 -3.01
C ASP A 14 0.58 -14.01 -4.23
N ALA A 15 1.43 -13.76 -5.18
CA ALA A 15 1.50 -14.58 -6.38
C ALA A 15 1.75 -16.02 -5.98
N GLN A 16 2.38 -16.18 -4.82
CA GLN A 16 2.63 -17.50 -4.26
C GLN A 16 1.30 -18.11 -3.77
N MET A 17 0.23 -17.32 -3.92
CA MET A 17 -1.12 -17.71 -3.52
C MET A 17 -1.37 -17.51 -2.04
N HIS A 18 -1.06 -16.32 -1.56
CA HIS A 18 -1.33 -15.94 -0.18
C HIS A 18 -2.17 -14.69 -0.17
N THR A 19 -3.10 -14.61 0.75
CA THR A 19 -3.88 -13.40 0.96
C THR A 19 -3.68 -12.92 2.39
N VAL A 20 -3.23 -11.69 2.54
CA VAL A 20 -3.01 -11.13 3.87
C VAL A 20 -3.55 -9.71 3.97
N THR A 21 -3.75 -9.27 5.19
CA THR A 21 -4.31 -7.95 5.44
C THR A 21 -3.31 -7.14 6.24
N ILE A 22 -3.04 -5.94 5.78
CA ILE A 22 -2.20 -5.05 6.54
C ILE A 22 -2.92 -3.74 6.77
N TRP A 23 -2.62 -3.12 7.89
CA TRP A 23 -3.29 -1.91 8.31
C TRP A 23 -2.30 -0.77 8.26
N LEU A 24 -2.63 0.29 7.54
CA LEU A 24 -1.74 1.44 7.45
C LEU A 24 -2.42 2.67 7.99
N THR A 25 -1.71 3.41 8.82
CA THR A 25 -2.22 4.68 9.32
C THR A 25 -1.51 5.80 8.60
N VAL A 26 -2.26 6.61 7.88
CA VAL A 26 -1.70 7.67 7.06
C VAL A 26 -2.70 8.78 6.91
N ARG A 27 -2.45 9.71 6.03
CA ARG A 27 -3.41 10.75 5.73
C ARG A 27 -3.80 10.69 4.27
N PRO A 28 -4.97 11.15 3.93
CA PRO A 28 -5.45 11.17 2.50
C PRO A 28 -4.47 11.93 1.63
N ASP A 29 -3.75 12.85 2.26
CA ASP A 29 -2.78 13.69 1.59
C ASP A 29 -1.57 12.89 1.17
N MET A 30 -1.40 11.73 1.75
CA MET A 30 -0.24 10.90 1.44
C MET A 30 -0.29 10.34 0.05
N THR A 31 0.86 9.95 -0.40
CA THR A 31 1.08 9.40 -1.72
C THR A 31 1.31 7.89 -1.62
N VAL A 32 0.89 7.16 -2.65
CA VAL A 32 1.03 5.71 -2.66
C VAL A 32 2.49 5.32 -2.53
N ALA A 33 3.34 6.00 -3.28
CA ALA A 33 4.75 5.75 -3.21
C ALA A 33 5.21 5.76 -1.76
N SER A 34 4.68 6.72 -1.00
CA SER A 34 4.99 6.82 0.41
C SER A 34 4.50 5.59 1.18
N LEU A 35 3.26 5.16 0.91
CA LEU A 35 2.74 3.95 1.54
C LEU A 35 3.57 2.76 1.18
N LYS A 36 3.93 2.71 -0.07
CA LYS A 36 4.74 1.65 -0.58
C LYS A 36 6.04 1.60 0.21
N ASP A 37 6.62 2.77 0.46
CA ASP A 37 7.84 2.83 1.22
C ASP A 37 7.64 2.29 2.63
N MET A 38 6.57 2.71 3.30
CA MET A 38 6.32 2.21 4.66
C MET A 38 6.10 0.73 4.59
N VAL A 39 5.37 0.31 3.57
CA VAL A 39 5.10 -1.09 3.37
C VAL A 39 6.43 -1.80 3.25
N PHE A 40 7.34 -1.20 2.51
CA PHE A 40 8.67 -1.73 2.40
C PHE A 40 9.33 -1.78 3.76
N LEU A 41 9.17 -0.70 4.54
CA LEU A 41 9.83 -0.66 5.85
C LEU A 41 9.28 -1.78 6.70
N ASP A 42 7.98 -1.93 6.66
CA ASP A 42 7.32 -2.96 7.46
C ASP A 42 7.51 -4.36 6.90
N TYR A 43 7.27 -4.51 5.61
CA TYR A 43 7.20 -5.84 5.02
C TYR A 43 8.35 -6.12 4.05
N GLY A 44 9.17 -5.12 3.78
CA GLY A 44 10.31 -5.30 2.89
C GLY A 44 9.86 -5.57 1.46
N PHE A 45 8.66 -5.12 1.12
CA PHE A 45 8.10 -5.32 -0.21
C PHE A 45 8.81 -4.41 -1.21
N PRO A 46 9.62 -4.96 -2.10
CA PRO A 46 10.31 -4.13 -3.14
C PRO A 46 9.30 -3.49 -4.07
N PRO A 47 9.68 -2.46 -4.77
CA PRO A 47 8.72 -1.70 -5.63
C PRO A 47 8.08 -2.58 -6.67
N VAL A 48 8.83 -3.54 -7.16
CA VAL A 48 8.28 -4.48 -8.12
C VAL A 48 7.18 -5.32 -7.45
N LEU A 49 7.48 -5.84 -6.26
CA LEU A 49 6.51 -6.63 -5.51
C LEU A 49 5.42 -5.76 -4.89
N GLN A 50 5.81 -4.60 -4.41
CA GLN A 50 4.88 -3.72 -3.71
C GLN A 50 3.89 -3.11 -4.69
N GLN A 51 2.96 -3.91 -5.15
CA GLN A 51 1.98 -3.42 -6.11
C GLN A 51 0.61 -3.30 -5.47
N TRP A 52 0.09 -2.09 -5.47
CA TRP A 52 -1.24 -1.82 -5.01
C TRP A 52 -2.16 -1.86 -6.19
N VAL A 53 -3.26 -2.57 -6.07
CA VAL A 53 -4.23 -2.58 -7.13
C VAL A 53 -5.36 -1.64 -6.74
N ILE A 54 -5.57 -0.65 -7.56
CA ILE A 54 -6.58 0.35 -7.31
C ILE A 54 -7.29 0.68 -8.61
N GLY A 55 -8.60 0.64 -8.60
CA GLY A 55 -9.36 0.92 -9.80
C GLY A 55 -9.11 2.33 -10.29
N GLN A 56 -9.21 3.28 -9.37
CA GLN A 56 -9.02 4.69 -9.69
C GLN A 56 -7.58 5.00 -10.13
N ARG A 57 -6.62 4.40 -9.43
CA ARG A 57 -5.20 4.70 -9.63
C ARG A 57 -4.70 4.21 -10.99
N LEU A 58 -3.67 4.87 -11.47
CA LEU A 58 -2.91 4.42 -12.63
C LEU A 58 -1.54 3.97 -12.17
N ALA A 59 -0.72 3.46 -13.08
CA ALA A 59 0.64 3.01 -12.71
C ALA A 59 1.49 4.21 -12.27
N ARG A 60 0.94 4.97 -11.33
CA ARG A 60 1.58 6.17 -10.80
C ARG A 60 1.69 6.07 -9.29
N ASP A 61 2.92 5.96 -8.81
CA ASP A 61 3.21 5.81 -7.38
C ASP A 61 2.90 7.09 -6.62
N GLN A 62 3.01 8.20 -7.31
CA GLN A 62 2.87 9.51 -6.69
C GLN A 62 1.45 9.77 -6.23
N GLU A 63 0.51 9.01 -6.78
CA GLU A 63 -0.90 9.20 -6.48
C GLU A 63 -1.17 9.40 -5.00
N THR A 64 -2.00 10.38 -4.70
CA THR A 64 -2.41 10.67 -3.35
C THR A 64 -3.36 9.58 -2.87
N LEU A 65 -3.36 9.33 -1.59
CA LEU A 65 -4.23 8.32 -1.06
C LEU A 65 -5.67 8.74 -1.33
N HIS A 66 -5.91 10.03 -1.22
CA HIS A 66 -7.20 10.59 -1.56
C HIS A 66 -7.50 10.26 -3.03
N SER A 67 -6.48 10.34 -3.88
CA SER A 67 -6.64 10.00 -5.29
C SER A 67 -7.11 8.54 -5.41
N HIS A 68 -6.54 7.68 -4.58
CA HIS A 68 -7.01 6.30 -4.49
C HIS A 68 -8.41 6.29 -3.87
N GLY A 69 -8.67 7.23 -2.99
CA GLY A 69 -9.99 7.38 -2.38
C GLY A 69 -9.92 7.32 -0.88
N VAL A 70 -8.70 7.31 -0.33
CA VAL A 70 -8.55 7.30 1.12
C VAL A 70 -8.78 8.70 1.63
N ARG A 71 -9.73 8.84 2.54
CA ARG A 71 -10.12 10.15 3.04
C ARG A 71 -10.19 10.12 4.55
N GLN A 72 -10.67 9.02 5.08
CA GLN A 72 -10.80 8.85 6.51
C GLN A 72 -10.45 7.46 6.92
N ASN A 73 -10.19 7.27 8.18
CA ASN A 73 -9.90 5.95 8.72
C ASN A 73 -10.99 4.97 8.27
N GLY A 74 -10.59 3.76 7.94
CA GLY A 74 -11.54 2.75 7.50
C GLY A 74 -11.48 2.53 5.99
N ASP A 75 -10.69 3.35 5.30
CA ASP A 75 -10.50 3.18 3.86
C ASP A 75 -9.67 1.93 3.59
N SER A 76 -9.93 1.27 2.49
CA SER A 76 -9.31 -0.03 2.20
C SER A 76 -8.64 -0.03 0.82
N ALA A 77 -7.59 -0.84 0.67
CA ALA A 77 -6.89 -0.96 -0.62
C ALA A 77 -6.50 -2.41 -0.92
N TYR A 78 -6.12 -2.67 -2.16
CA TYR A 78 -5.77 -4.02 -2.62
C TYR A 78 -4.31 -4.05 -3.05
N LEU A 79 -3.55 -5.00 -2.53
CA LEU A 79 -2.12 -5.12 -2.86
C LEU A 79 -1.83 -6.51 -3.44
N TYR A 80 -1.03 -6.57 -4.49
CA TYR A 80 -0.68 -7.84 -5.12
C TYR A 80 0.82 -8.03 -5.14
N LEU A 81 1.29 -9.20 -4.73
CA LEU A 81 2.71 -9.50 -4.78
C LEU A 81 3.01 -10.47 -5.90
N LEU A 82 3.99 -10.12 -6.70
CA LEU A 82 4.46 -11.00 -7.78
C LEU A 82 5.26 -12.13 -7.18
N SER A 83 5.47 -13.18 -7.96
CA SER A 83 6.24 -14.31 -7.49
C SER A 83 7.70 -13.88 -7.24
N ALA A 84 8.06 -12.67 -7.72
CA ALA A 84 9.40 -12.12 -7.49
C ALA A 84 9.76 -12.16 -6.01
N ARG A 85 11.00 -11.87 -5.70
CA ARG A 85 11.45 -11.88 -4.31
C ARG A 85 12.01 -10.54 -3.92
N ASN A 86 12.26 -10.36 -2.64
CA ASN A 86 12.91 -9.15 -2.16
C ASN A 86 14.40 -9.19 -2.49
N THR A 87 15.04 -8.05 -2.41
CA THR A 87 16.46 -7.95 -2.69
C THR A 87 17.17 -7.23 -1.54
N SER A 88 18.47 -7.37 -1.47
CA SER A 88 19.24 -6.86 -0.34
C SER A 88 20.36 -5.95 -0.82
N LEU A 89 20.87 -5.14 0.10
CA LEU A 89 21.95 -4.24 -0.20
C LEU A 89 23.15 -5.03 -0.69
N ASN A 90 23.41 -6.12 0.00
CA ASN A 90 24.50 -7.01 -0.37
C ASN A 90 23.98 -8.41 -0.61
N MET A 1 -6.14 13.89 18.06
CA MET A 1 -6.23 15.07 17.16
C MET A 1 -7.33 14.79 16.12
N PRO A 2 -8.32 15.67 16.00
CA PRO A 2 -9.44 15.47 15.03
C PRO A 2 -8.95 15.44 13.59
N THR A 3 -7.91 16.21 13.33
CA THR A 3 -7.27 16.22 12.01
C THR A 3 -6.25 15.09 11.91
N GLN A 4 -6.54 13.99 12.59
CA GLN A 4 -5.65 12.83 12.63
C GLN A 4 -5.40 12.28 11.24
N ASP A 5 -4.56 11.25 11.19
CA ASP A 5 -4.37 10.48 9.98
C ASP A 5 -5.48 9.47 9.87
N ILE A 6 -5.51 8.73 8.78
CA ILE A 6 -6.54 7.74 8.59
C ILE A 6 -5.94 6.37 8.37
N ARG A 7 -6.73 5.35 8.66
CA ARG A 7 -6.28 3.97 8.54
C ARG A 7 -6.62 3.44 7.16
N LEU A 8 -5.63 2.85 6.54
CA LEU A 8 -5.78 2.26 5.22
C LEU A 8 -5.55 0.76 5.32
N TRP A 9 -6.49 -0.03 4.83
CA TRP A 9 -6.34 -1.48 4.82
C TRP A 9 -5.76 -1.90 3.49
N VAL A 10 -4.84 -2.84 3.52
CA VAL A 10 -4.30 -3.37 2.29
C VAL A 10 -4.46 -4.88 2.27
N SER A 11 -5.08 -5.39 1.22
CA SER A 11 -5.19 -6.83 1.06
C SER A 11 -4.05 -7.31 0.19
N VAL A 12 -3.16 -8.07 0.78
CA VAL A 12 -1.97 -8.51 0.08
C VAL A 12 -2.14 -9.94 -0.41
N GLU A 13 -2.03 -10.14 -1.72
CA GLU A 13 -2.09 -11.47 -2.29
C GLU A 13 -0.76 -11.86 -2.92
N ASP A 14 -0.19 -12.93 -2.42
CA ASP A 14 1.07 -13.48 -2.91
C ASP A 14 0.83 -14.36 -4.10
N ALA A 15 1.74 -14.29 -5.06
CA ALA A 15 1.71 -15.17 -6.22
C ALA A 15 1.72 -16.61 -5.74
N GLN A 16 2.27 -16.81 -4.56
CA GLN A 16 2.32 -18.11 -3.94
C GLN A 16 0.95 -18.44 -3.32
N MET A 17 -0.02 -17.57 -3.59
CA MET A 17 -1.40 -17.71 -3.10
C MET A 17 -1.50 -17.47 -1.61
N HIS A 18 -0.79 -16.48 -1.13
CA HIS A 18 -0.91 -16.05 0.26
C HIS A 18 -1.70 -14.77 0.31
N THR A 19 -2.74 -14.74 1.12
CA THR A 19 -3.57 -13.56 1.27
C THR A 19 -3.36 -12.95 2.64
N VAL A 20 -2.92 -11.71 2.69
CA VAL A 20 -2.65 -11.03 3.95
C VAL A 20 -3.34 -9.68 4.00
N THR A 21 -3.91 -9.37 5.14
CA THR A 21 -4.50 -8.06 5.37
C THR A 21 -3.55 -7.25 6.22
N ILE A 22 -3.22 -6.05 5.80
CA ILE A 22 -2.38 -5.19 6.60
C ILE A 22 -3.03 -3.83 6.77
N TRP A 23 -2.74 -3.20 7.89
CA TRP A 23 -3.32 -1.90 8.23
C TRP A 23 -2.24 -0.84 8.23
N LEU A 24 -2.46 0.23 7.47
CA LEU A 24 -1.54 1.35 7.45
C LEU A 24 -2.28 2.61 7.87
N THR A 25 -1.67 3.45 8.68
CA THR A 25 -2.30 4.71 9.06
C THR A 25 -1.53 5.87 8.44
N VAL A 26 -2.22 6.66 7.64
CA VAL A 26 -1.61 7.77 6.92
C VAL A 26 -2.65 8.86 6.69
N ARG A 27 -2.21 9.98 6.14
CA ARG A 27 -3.12 11.05 5.78
C ARG A 27 -3.49 10.91 4.30
N PRO A 28 -4.68 11.29 3.92
CA PRO A 28 -5.10 11.29 2.48
C PRO A 28 -4.13 12.15 1.65
N ASP A 29 -3.49 13.09 2.35
CA ASP A 29 -2.50 13.98 1.77
C ASP A 29 -1.28 13.19 1.32
N MET A 30 -1.07 12.04 1.92
CA MET A 30 0.09 11.22 1.60
C MET A 30 0.00 10.69 0.19
N THR A 31 1.07 10.07 -0.24
CA THR A 31 1.20 9.54 -1.58
C THR A 31 1.31 8.00 -1.53
N VAL A 32 0.73 7.34 -2.53
CA VAL A 32 0.75 5.87 -2.58
C VAL A 32 2.19 5.39 -2.66
N ALA A 33 2.99 6.02 -3.50
CA ALA A 33 4.39 5.66 -3.62
C ALA A 33 5.05 5.69 -2.25
N SER A 34 4.80 6.76 -1.51
CA SER A 34 5.27 6.86 -0.15
C SER A 34 4.70 5.73 0.68
N LEU A 35 3.41 5.45 0.47
CA LEU A 35 2.72 4.37 1.16
C LEU A 35 3.35 3.03 0.78
N LYS A 36 3.61 2.86 -0.50
CA LYS A 36 4.25 1.67 -1.02
C LYS A 36 5.62 1.52 -0.39
N ASP A 37 6.30 2.64 -0.26
CA ASP A 37 7.65 2.65 0.29
C ASP A 37 7.65 2.14 1.74
N MET A 38 6.71 2.61 2.55
CA MET A 38 6.66 2.20 3.96
C MET A 38 6.43 0.72 4.06
N VAL A 39 5.59 0.22 3.19
CA VAL A 39 5.22 -1.17 3.24
C VAL A 39 6.48 -2.01 3.15
N PHE A 40 7.38 -1.61 2.29
CA PHE A 40 8.67 -2.25 2.21
C PHE A 40 9.39 -2.13 3.54
N LEU A 41 9.38 -0.92 4.10
CA LEU A 41 10.07 -0.68 5.36
C LEU A 41 9.43 -1.54 6.43
N ASP A 42 8.11 -1.54 6.40
CA ASP A 42 7.32 -2.19 7.43
C ASP A 42 7.25 -3.71 7.25
N TYR A 43 7.03 -4.17 6.03
CA TYR A 43 6.83 -5.62 5.78
C TYR A 43 7.96 -6.24 4.99
N GLY A 44 8.89 -5.43 4.51
CA GLY A 44 9.98 -5.96 3.70
C GLY A 44 9.50 -6.37 2.33
N PHE A 45 8.34 -5.88 1.95
CA PHE A 45 7.76 -6.19 0.64
C PHE A 45 8.48 -5.40 -0.44
N PRO A 46 9.35 -6.05 -1.20
CA PRO A 46 10.20 -5.34 -2.20
C PRO A 46 9.38 -4.63 -3.26
N PRO A 47 9.92 -3.62 -3.86
CA PRO A 47 9.20 -2.81 -4.89
C PRO A 47 8.75 -3.64 -6.07
N VAL A 48 9.52 -4.65 -6.39
CA VAL A 48 9.15 -5.53 -7.47
C VAL A 48 7.80 -6.19 -7.15
N LEU A 49 7.72 -6.71 -5.92
CA LEU A 49 6.49 -7.31 -5.42
C LEU A 49 5.46 -6.25 -5.09
N GLN A 50 5.93 -5.12 -4.57
CA GLN A 50 5.08 -4.06 -4.09
C GLN A 50 4.17 -3.53 -5.21
N GLN A 51 3.28 -4.38 -5.69
CA GLN A 51 2.31 -3.98 -6.69
C GLN A 51 0.97 -3.71 -6.03
N TRP A 52 0.56 -2.47 -6.08
CA TRP A 52 -0.65 -2.03 -5.41
C TRP A 52 -1.79 -1.92 -6.40
N VAL A 53 -2.93 -2.42 -6.02
CA VAL A 53 -4.12 -2.28 -6.84
C VAL A 53 -5.15 -1.46 -6.09
N ILE A 54 -5.57 -0.37 -6.69
CA ILE A 54 -6.61 0.48 -6.13
C ILE A 54 -7.56 0.86 -7.25
N GLY A 55 -8.85 0.73 -7.03
CA GLY A 55 -9.81 1.04 -8.08
C GLY A 55 -9.61 2.49 -8.52
N GLN A 56 -9.39 3.34 -7.55
CA GLN A 56 -9.12 4.74 -7.80
C GLN A 56 -7.63 4.96 -8.08
N ARG A 57 -6.92 3.90 -8.44
CA ARG A 57 -5.50 4.04 -8.73
C ARG A 57 -5.31 4.70 -10.07
N LEU A 58 -4.38 5.62 -10.12
CA LEU A 58 -3.95 6.26 -11.35
C LEU A 58 -2.53 5.79 -11.63
N ALA A 59 -2.09 5.86 -12.87
CA ALA A 59 -0.72 5.44 -13.23
C ALA A 59 0.34 6.27 -12.48
N ARG A 60 0.00 6.69 -11.28
CA ARG A 60 0.87 7.45 -10.42
C ARG A 60 0.68 7.03 -8.98
N ASP A 61 1.60 6.24 -8.48
CA ASP A 61 1.64 5.96 -7.07
C ASP A 61 2.05 7.24 -6.37
N GLN A 62 2.53 8.17 -7.17
CA GLN A 62 2.95 9.49 -6.73
C GLN A 62 1.73 10.31 -6.30
N GLU A 63 0.60 10.09 -6.98
CA GLU A 63 -0.63 10.80 -6.62
C GLU A 63 -0.99 10.62 -5.15
N THR A 64 -1.68 11.60 -4.62
CA THR A 64 -2.07 11.60 -3.22
C THR A 64 -3.02 10.45 -2.92
N LEU A 65 -3.01 10.02 -1.68
CA LEU A 65 -3.90 8.97 -1.24
C LEU A 65 -5.34 9.45 -1.41
N HIS A 66 -5.57 10.71 -1.08
CA HIS A 66 -6.88 11.32 -1.25
C HIS A 66 -7.32 11.22 -2.71
N SER A 67 -6.37 11.41 -3.62
CA SER A 67 -6.67 11.31 -5.04
C SER A 67 -7.30 9.95 -5.33
N HIS A 68 -6.88 8.95 -4.57
CA HIS A 68 -7.40 7.61 -4.73
C HIS A 68 -8.70 7.44 -3.95
N GLY A 69 -9.17 8.54 -3.39
CA GLY A 69 -10.49 8.58 -2.77
C GLY A 69 -10.48 8.05 -1.36
N VAL A 70 -9.32 7.82 -0.78
CA VAL A 70 -9.30 7.39 0.60
C VAL A 70 -9.54 8.62 1.49
N ARG A 71 -10.81 8.95 1.61
CA ARG A 71 -11.26 10.12 2.34
C ARG A 71 -11.10 9.96 3.85
N GLN A 72 -11.40 8.77 4.33
CA GLN A 72 -11.36 8.46 5.75
C GLN A 72 -10.76 7.10 6.01
N ASN A 73 -10.51 6.83 7.28
CA ASN A 73 -10.05 5.53 7.70
C ASN A 73 -11.10 4.49 7.37
N GLY A 74 -10.67 3.27 7.21
CA GLY A 74 -11.59 2.20 6.88
C GLY A 74 -11.60 1.92 5.39
N ASP A 75 -10.72 2.60 4.65
CA ASP A 75 -10.61 2.34 3.23
C ASP A 75 -9.71 1.15 3.01
N SER A 76 -9.84 0.52 1.85
CA SER A 76 -9.04 -0.65 1.55
C SER A 76 -8.32 -0.53 0.22
N ALA A 77 -7.14 -1.12 0.15
CA ALA A 77 -6.34 -1.17 -1.07
C ALA A 77 -5.87 -2.60 -1.29
N TYR A 78 -5.38 -2.90 -2.47
CA TYR A 78 -4.98 -4.26 -2.78
C TYR A 78 -3.50 -4.36 -3.08
N LEU A 79 -2.85 -5.28 -2.42
CA LEU A 79 -1.46 -5.61 -2.71
C LEU A 79 -1.37 -6.92 -3.43
N TYR A 80 -0.69 -6.92 -4.55
CA TYR A 80 -0.50 -8.13 -5.32
C TYR A 80 0.99 -8.40 -5.41
N LEU A 81 1.43 -9.55 -4.92
CA LEU A 81 2.86 -9.85 -4.93
C LEU A 81 3.16 -10.91 -5.97
N LEU A 82 4.16 -10.64 -6.78
CA LEU A 82 4.57 -11.55 -7.85
C LEU A 82 5.25 -12.79 -7.26
N SER A 83 5.62 -13.72 -8.12
CA SER A 83 6.28 -14.93 -7.68
C SER A 83 7.57 -14.61 -6.93
N ALA A 84 8.16 -13.46 -7.26
CA ALA A 84 9.37 -12.99 -6.58
C ALA A 84 9.13 -12.93 -5.08
N ARG A 85 10.21 -13.00 -4.33
CA ARG A 85 10.15 -12.98 -2.86
C ARG A 85 10.98 -11.82 -2.32
N ASN A 86 11.10 -11.76 -1.00
CA ASN A 86 11.89 -10.72 -0.35
C ASN A 86 13.30 -11.21 -0.09
N THR A 87 14.21 -10.90 -1.00
CA THR A 87 15.60 -11.30 -0.84
C THR A 87 16.33 -10.35 0.10
N SER A 88 17.45 -10.80 0.64
CA SER A 88 18.23 -9.95 1.50
C SER A 88 19.01 -8.96 0.65
N LEU A 89 18.47 -7.75 0.52
CA LEU A 89 19.10 -6.72 -0.30
C LEU A 89 20.44 -6.33 0.30
N ASN A 90 20.48 -6.29 1.62
CA ASN A 90 21.68 -5.90 2.36
C ASN A 90 22.86 -6.76 1.93
N MET A 1 -3.40 14.97 14.57
CA MET A 1 -2.92 14.49 15.89
C MET A 1 -4.06 14.54 16.91
N PRO A 2 -4.53 15.72 17.29
CA PRO A 2 -5.74 15.83 18.18
C PRO A 2 -6.91 15.20 17.45
N THR A 3 -6.83 15.31 16.14
CA THR A 3 -7.67 14.57 15.24
C THR A 3 -6.79 13.49 14.64
N GLN A 4 -7.24 12.26 14.65
CA GLN A 4 -6.41 11.15 14.19
C GLN A 4 -6.35 11.08 12.69
N ASP A 5 -5.27 10.53 12.20
CA ASP A 5 -5.08 10.32 10.77
C ASP A 5 -6.06 9.27 10.30
N ILE A 6 -5.79 8.65 9.17
CA ILE A 6 -6.67 7.61 8.70
C ILE A 6 -5.89 6.33 8.55
N ARG A 7 -6.60 5.22 8.69
CA ARG A 7 -5.96 3.95 8.60
C ARG A 7 -6.39 3.28 7.33
N LEU A 8 -5.43 2.78 6.59
CA LEU A 8 -5.68 2.11 5.34
C LEU A 8 -5.33 0.66 5.48
N TRP A 9 -6.25 -0.18 5.08
CA TRP A 9 -6.03 -1.61 5.15
C TRP A 9 -5.61 -2.08 3.77
N VAL A 10 -4.46 -2.68 3.68
CA VAL A 10 -3.99 -3.14 2.39
C VAL A 10 -4.05 -4.64 2.32
N SER A 11 -4.86 -5.13 1.41
CA SER A 11 -4.92 -6.54 1.19
C SER A 11 -3.77 -6.94 0.30
N VAL A 12 -3.09 -7.99 0.65
CA VAL A 12 -1.93 -8.45 -0.07
C VAL A 12 -2.23 -9.79 -0.68
N GLU A 13 -1.98 -9.91 -1.96
CA GLU A 13 -2.18 -11.15 -2.67
C GLU A 13 -0.83 -11.73 -3.07
N ASP A 14 -0.51 -12.86 -2.51
CA ASP A 14 0.74 -13.54 -2.83
C ASP A 14 0.56 -14.28 -4.13
N ALA A 15 1.64 -14.42 -4.86
CA ALA A 15 1.61 -15.18 -6.10
C ALA A 15 1.08 -16.56 -5.83
N GLN A 16 1.22 -16.99 -4.58
CA GLN A 16 0.69 -18.29 -4.16
C GLN A 16 -0.84 -18.21 -4.08
N MET A 17 -1.39 -17.09 -4.56
CA MET A 17 -2.83 -16.83 -4.52
C MET A 17 -3.29 -16.70 -3.07
N HIS A 18 -2.34 -16.40 -2.19
CA HIS A 18 -2.64 -16.19 -0.78
C HIS A 18 -3.01 -14.75 -0.54
N THR A 19 -4.13 -14.53 0.15
CA THR A 19 -4.60 -13.18 0.43
C THR A 19 -4.30 -12.81 1.89
N VAL A 20 -3.63 -11.69 2.08
CA VAL A 20 -3.31 -11.20 3.42
C VAL A 20 -3.72 -9.74 3.52
N THR A 21 -3.81 -9.20 4.72
CA THR A 21 -4.11 -7.79 4.89
C THR A 21 -3.11 -7.13 5.82
N ILE A 22 -2.63 -5.96 5.43
CA ILE A 22 -1.77 -5.18 6.30
C ILE A 22 -2.41 -3.83 6.53
N TRP A 23 -2.13 -3.27 7.69
CA TRP A 23 -2.82 -2.07 8.11
C TRP A 23 -1.84 -0.90 8.16
N LEU A 24 -2.17 0.19 7.49
CA LEU A 24 -1.30 1.36 7.47
C LEU A 24 -2.04 2.59 7.97
N THR A 25 -1.36 3.43 8.73
CA THR A 25 -1.96 4.66 9.24
C THR A 25 -1.31 5.87 8.56
N VAL A 26 -2.14 6.65 7.87
CA VAL A 26 -1.65 7.81 7.12
C VAL A 26 -2.73 8.87 7.00
N ARG A 27 -2.47 9.88 6.19
CA ARG A 27 -3.46 10.90 5.87
C ARG A 27 -3.87 10.77 4.41
N PRO A 28 -5.05 11.21 4.05
CA PRO A 28 -5.52 11.17 2.63
C PRO A 28 -4.54 11.86 1.68
N ASP A 29 -3.82 12.85 2.20
CA ASP A 29 -2.88 13.61 1.38
C ASP A 29 -1.54 12.90 1.25
N MET A 30 -1.43 11.72 1.86
CA MET A 30 -0.23 10.91 1.65
C MET A 30 -0.22 10.39 0.23
N THR A 31 0.89 9.84 -0.20
CA THR A 31 1.01 9.39 -1.57
C THR A 31 1.29 7.90 -1.64
N VAL A 32 0.87 7.28 -2.74
CA VAL A 32 1.05 5.87 -2.93
C VAL A 32 2.54 5.53 -2.94
N ALA A 33 3.32 6.32 -3.64
CA ALA A 33 4.75 6.08 -3.71
C ALA A 33 5.34 6.00 -2.29
N SER A 34 5.03 7.01 -1.47
CA SER A 34 5.46 7.01 -0.08
C SER A 34 4.81 5.88 0.70
N LEU A 35 3.51 5.71 0.49
CA LEU A 35 2.75 4.69 1.22
C LEU A 35 3.27 3.32 0.90
N LYS A 36 3.54 3.09 -0.38
CA LYS A 36 4.14 1.87 -0.84
C LYS A 36 5.49 1.67 -0.16
N ASP A 37 6.26 2.74 -0.10
CA ASP A 37 7.61 2.67 0.43
C ASP A 37 7.61 2.29 1.92
N MET A 38 6.67 2.83 2.69
CA MET A 38 6.66 2.54 4.12
C MET A 38 6.51 1.06 4.33
N VAL A 39 5.70 0.45 3.49
CA VAL A 39 5.48 -0.97 3.59
C VAL A 39 6.82 -1.67 3.46
N PHE A 40 7.62 -1.21 2.53
CA PHE A 40 8.99 -1.68 2.41
C PHE A 40 9.77 -1.35 3.67
N LEU A 41 9.63 -0.12 4.14
CA LEU A 41 10.37 0.30 5.32
C LEU A 41 9.95 -0.55 6.50
N ASP A 42 8.65 -0.73 6.60
CA ASP A 42 8.06 -1.45 7.73
C ASP A 42 8.21 -2.95 7.61
N TYR A 43 7.85 -3.49 6.46
CA TYR A 43 7.81 -4.94 6.28
C TYR A 43 9.01 -5.45 5.51
N GLY A 44 9.59 -4.60 4.68
CA GLY A 44 10.70 -4.98 3.82
C GLY A 44 10.20 -5.75 2.62
N PHE A 45 8.91 -5.65 2.34
CA PHE A 45 8.33 -6.30 1.18
C PHE A 45 9.11 -5.91 -0.06
N PRO A 46 9.70 -6.85 -0.76
CA PRO A 46 10.51 -6.55 -1.96
C PRO A 46 9.71 -5.67 -2.93
N PRO A 47 10.25 -4.53 -3.30
CA PRO A 47 9.52 -3.56 -4.16
C PRO A 47 9.09 -4.16 -5.48
N VAL A 48 9.84 -5.14 -5.96
CA VAL A 48 9.44 -5.84 -7.16
C VAL A 48 8.12 -6.56 -6.93
N LEU A 49 8.05 -7.30 -5.83
CA LEU A 49 6.82 -8.00 -5.45
C LEU A 49 5.77 -7.02 -4.96
N GLN A 50 6.21 -6.03 -4.23
CA GLN A 50 5.30 -5.09 -3.60
C GLN A 50 4.59 -4.23 -4.65
N GLN A 51 3.58 -4.79 -5.32
CA GLN A 51 2.83 -4.05 -6.32
C GLN A 51 1.47 -3.64 -5.76
N TRP A 52 1.17 -2.34 -5.80
CA TRP A 52 -0.09 -1.83 -5.27
C TRP A 52 -1.15 -1.78 -6.34
N VAL A 53 -2.29 -2.34 -6.03
CA VAL A 53 -3.45 -2.29 -6.90
C VAL A 53 -4.60 -1.66 -6.12
N ILE A 54 -5.26 -0.72 -6.73
CA ILE A 54 -6.40 -0.08 -6.11
C ILE A 54 -7.44 0.17 -7.19
N GLY A 55 -8.67 -0.22 -6.93
CA GLY A 55 -9.71 -0.06 -7.92
C GLY A 55 -9.78 1.38 -8.40
N GLN A 56 -9.62 2.32 -7.47
CA GLN A 56 -9.76 3.74 -7.79
C GLN A 56 -8.44 4.48 -7.93
N ARG A 57 -7.30 3.80 -7.91
CA ARG A 57 -6.02 4.52 -8.06
C ARG A 57 -5.82 4.95 -9.49
N LEU A 58 -4.82 5.78 -9.69
CA LEU A 58 -4.41 6.23 -11.00
C LEU A 58 -2.96 5.85 -11.24
N ALA A 59 -2.57 5.73 -12.49
CA ALA A 59 -1.21 5.34 -12.88
C ALA A 59 -0.16 6.35 -12.36
N ARG A 60 -0.33 6.78 -11.12
CA ARG A 60 0.60 7.71 -10.50
C ARG A 60 0.82 7.32 -9.05
N ASP A 61 1.96 6.72 -8.77
CA ASP A 61 2.31 6.36 -7.39
C ASP A 61 2.44 7.62 -6.58
N GLN A 62 2.91 8.64 -7.23
CA GLN A 62 3.14 9.93 -6.63
C GLN A 62 1.82 10.64 -6.32
N GLU A 63 0.70 10.02 -6.64
CA GLU A 63 -0.60 10.64 -6.37
C GLU A 63 -0.99 10.50 -4.91
N THR A 64 -1.89 11.36 -4.48
CA THR A 64 -2.38 11.38 -3.11
C THR A 64 -3.30 10.20 -2.85
N LEU A 65 -3.38 9.76 -1.60
CA LEU A 65 -4.27 8.65 -1.25
C LEU A 65 -5.70 9.05 -1.52
N HIS A 66 -6.02 10.28 -1.14
CA HIS A 66 -7.36 10.82 -1.36
C HIS A 66 -7.73 10.73 -2.85
N SER A 67 -6.72 10.74 -3.70
CA SER A 67 -6.94 10.69 -5.13
C SER A 67 -7.71 9.44 -5.51
N HIS A 68 -7.45 8.32 -4.81
CA HIS A 68 -8.18 7.09 -5.09
C HIS A 68 -9.42 6.98 -4.21
N GLY A 69 -9.76 8.09 -3.54
CA GLY A 69 -11.00 8.17 -2.80
C GLY A 69 -10.83 7.93 -1.32
N VAL A 70 -9.58 7.81 -0.85
CA VAL A 70 -9.38 7.64 0.57
C VAL A 70 -9.66 8.96 1.25
N ARG A 71 -10.91 9.23 1.50
CA ARG A 71 -11.31 10.44 2.17
C ARG A 71 -10.89 10.36 3.63
N GLN A 72 -11.14 9.20 4.20
CA GLN A 72 -10.90 8.92 5.60
C GLN A 72 -10.58 7.45 5.79
N ASN A 73 -10.35 7.06 7.04
CA ASN A 73 -10.10 5.66 7.36
C ASN A 73 -11.29 4.82 6.94
N GLY A 74 -11.08 3.52 6.84
CA GLY A 74 -12.14 2.62 6.42
C GLY A 74 -11.90 2.14 5.00
N ASP A 75 -11.03 2.84 4.26
CA ASP A 75 -10.67 2.41 2.92
C ASP A 75 -9.69 1.26 2.99
N SER A 76 -9.57 0.53 1.90
CA SER A 76 -8.65 -0.56 1.80
C SER A 76 -7.86 -0.45 0.52
N ALA A 77 -6.70 -1.09 0.47
CA ALA A 77 -5.88 -1.10 -0.73
C ALA A 77 -5.46 -2.52 -1.05
N TYR A 78 -4.97 -2.73 -2.25
CA TYR A 78 -4.67 -4.06 -2.73
C TYR A 78 -3.20 -4.20 -3.12
N LEU A 79 -2.52 -5.13 -2.51
CA LEU A 79 -1.14 -5.43 -2.83
C LEU A 79 -1.06 -6.76 -3.57
N TYR A 80 -0.44 -6.76 -4.72
CA TYR A 80 -0.28 -7.98 -5.48
C TYR A 80 1.18 -8.35 -5.54
N LEU A 81 1.51 -9.55 -5.10
CA LEU A 81 2.90 -9.99 -5.11
C LEU A 81 3.10 -11.08 -6.15
N LEU A 82 4.03 -10.84 -7.06
CA LEU A 82 4.35 -11.80 -8.11
C LEU A 82 5.21 -12.92 -7.56
N SER A 83 5.18 -14.06 -8.22
CA SER A 83 5.96 -15.21 -7.78
C SER A 83 7.43 -14.85 -7.70
N ALA A 84 7.89 -14.57 -6.49
CA ALA A 84 9.28 -14.19 -6.29
C ALA A 84 9.65 -14.27 -4.83
N ARG A 85 10.89 -13.92 -4.55
CA ARG A 85 11.39 -13.86 -3.19
C ARG A 85 12.12 -12.54 -3.03
N ASN A 86 12.21 -12.05 -1.81
CA ASN A 86 12.89 -10.79 -1.61
C ASN A 86 14.34 -10.92 -1.99
N THR A 87 14.75 -10.19 -3.00
CA THR A 87 16.10 -10.25 -3.45
C THR A 87 16.97 -9.52 -2.44
N SER A 88 17.96 -10.19 -1.92
CA SER A 88 18.79 -9.67 -0.83
C SER A 88 19.57 -8.41 -1.26
N LEU A 89 19.03 -7.64 -2.19
CA LEU A 89 19.64 -6.39 -2.60
C LEU A 89 19.27 -5.28 -1.63
N ASN A 90 18.22 -5.52 -0.84
CA ASN A 90 17.76 -4.54 0.14
C ASN A 90 18.24 -4.90 1.53
N MET A 1 -10.59 13.77 15.25
CA MET A 1 -9.30 14.27 15.78
C MET A 1 -8.37 14.62 14.61
N PRO A 2 -8.26 15.89 14.26
CA PRO A 2 -7.36 16.35 13.16
C PRO A 2 -5.92 15.87 13.41
N THR A 3 -5.59 15.69 14.67
CA THR A 3 -4.29 15.19 15.04
C THR A 3 -4.07 13.78 14.48
N GLN A 4 -5.16 13.04 14.31
CA GLN A 4 -5.08 11.67 13.81
C GLN A 4 -4.90 11.63 12.30
N ASP A 5 -4.20 10.60 11.87
CA ASP A 5 -4.05 10.27 10.46
C ASP A 5 -5.21 9.37 10.07
N ILE A 6 -5.10 8.64 8.98
CA ILE A 6 -6.16 7.76 8.56
C ILE A 6 -5.67 6.33 8.44
N ARG A 7 -6.59 5.40 8.50
CA ARG A 7 -6.25 4.00 8.47
C ARG A 7 -6.58 3.43 7.12
N LEU A 8 -5.59 2.84 6.48
CA LEU A 8 -5.79 2.16 5.23
C LEU A 8 -5.59 0.68 5.42
N TRP A 9 -6.51 -0.10 4.90
CA TRP A 9 -6.41 -1.54 4.99
C TRP A 9 -6.05 -2.04 3.61
N VAL A 10 -5.09 -2.93 3.53
CA VAL A 10 -4.63 -3.39 2.24
C VAL A 10 -4.74 -4.90 2.14
N SER A 11 -5.32 -5.34 1.04
CA SER A 11 -5.41 -6.75 0.75
C SER A 11 -4.19 -7.15 -0.06
N VAL A 12 -3.38 -8.03 0.48
CA VAL A 12 -2.12 -8.39 -0.16
C VAL A 12 -2.18 -9.80 -0.71
N GLU A 13 -1.84 -9.95 -1.99
CA GLU A 13 -1.71 -11.26 -2.60
C GLU A 13 -0.33 -11.44 -3.22
N ASP A 14 0.25 -12.61 -3.00
CA ASP A 14 1.58 -12.92 -3.51
C ASP A 14 1.55 -13.81 -4.74
N ALA A 15 2.66 -13.80 -5.46
CA ALA A 15 2.86 -14.63 -6.64
C ALA A 15 2.57 -16.09 -6.34
N GLN A 16 2.76 -16.47 -5.09
CA GLN A 16 2.58 -17.85 -4.66
C GLN A 16 1.22 -18.02 -3.98
N MET A 17 0.37 -17.02 -4.14
CA MET A 17 -0.98 -17.03 -3.58
C MET A 17 -0.98 -16.73 -2.09
N HIS A 18 0.05 -16.07 -1.60
CA HIS A 18 0.04 -15.67 -0.19
C HIS A 18 -0.89 -14.49 -0.05
N THR A 19 -1.97 -14.69 0.66
CA THR A 19 -2.97 -13.64 0.84
C THR A 19 -2.89 -13.08 2.26
N VAL A 20 -2.65 -11.80 2.37
CA VAL A 20 -2.55 -11.16 3.67
C VAL A 20 -3.36 -9.87 3.70
N THR A 21 -3.80 -9.49 4.88
CA THR A 21 -4.47 -8.23 5.10
C THR A 21 -3.59 -7.40 5.98
N ILE A 22 -3.26 -6.19 5.57
CA ILE A 22 -2.44 -5.33 6.40
C ILE A 22 -3.14 -4.02 6.64
N TRP A 23 -2.86 -3.45 7.78
CA TRP A 23 -3.50 -2.23 8.23
C TRP A 23 -2.46 -1.14 8.27
N LEU A 24 -2.71 -0.09 7.53
CA LEU A 24 -1.75 0.97 7.42
C LEU A 24 -2.33 2.24 7.99
N THR A 25 -1.52 2.99 8.70
CA THR A 25 -1.92 4.28 9.17
C THR A 25 -1.25 5.32 8.28
N VAL A 26 -2.06 6.09 7.60
CA VAL A 26 -1.58 6.99 6.57
C VAL A 26 -2.39 8.26 6.57
N ARG A 27 -2.15 9.09 5.59
CA ARG A 27 -2.91 10.30 5.42
C ARG A 27 -3.23 10.49 3.96
N PRO A 28 -4.34 11.09 3.65
CA PRO A 28 -4.77 11.30 2.23
C PRO A 28 -3.71 12.06 1.44
N ASP A 29 -2.91 12.86 2.14
CA ASP A 29 -1.86 13.64 1.51
C ASP A 29 -0.60 12.82 1.25
N MET A 30 -0.65 11.55 1.64
CA MET A 30 0.42 10.62 1.30
C MET A 30 0.29 10.18 -0.13
N THR A 31 1.30 9.50 -0.62
CA THR A 31 1.25 8.97 -1.95
C THR A 31 1.54 7.47 -1.92
N VAL A 32 1.20 6.80 -2.99
CA VAL A 32 1.40 5.36 -3.07
C VAL A 32 2.88 5.05 -2.91
N ALA A 33 3.71 5.82 -3.57
CA ALA A 33 5.16 5.65 -3.43
C ALA A 33 5.55 5.63 -1.96
N SER A 34 5.06 6.62 -1.20
CA SER A 34 5.35 6.64 0.23
C SER A 34 4.73 5.43 0.92
N LEU A 35 3.52 5.10 0.50
CA LEU A 35 2.79 3.95 1.04
C LEU A 35 3.57 2.68 0.76
N LYS A 36 4.06 2.58 -0.45
CA LYS A 36 4.82 1.44 -0.88
C LYS A 36 6.02 1.26 0.04
N ASP A 37 6.68 2.37 0.32
CA ASP A 37 7.85 2.36 1.17
C ASP A 37 7.54 1.91 2.59
N MET A 38 6.51 2.50 3.22
CA MET A 38 6.21 2.11 4.62
C MET A 38 5.92 0.65 4.68
N VAL A 39 5.18 0.18 3.69
CA VAL A 39 4.86 -1.22 3.59
C VAL A 39 6.17 -2.01 3.49
N PHE A 40 7.10 -1.49 2.70
CA PHE A 40 8.42 -2.05 2.64
C PHE A 40 9.08 -1.98 4.01
N LEU A 41 8.98 -0.82 4.64
CA LEU A 41 9.60 -0.64 5.95
C LEU A 41 8.98 -1.59 6.93
N ASP A 42 7.66 -1.63 6.88
CA ASP A 42 6.87 -2.38 7.85
C ASP A 42 6.82 -3.87 7.58
N TYR A 43 6.64 -4.23 6.32
CA TYR A 43 6.44 -5.64 5.98
C TYR A 43 7.61 -6.22 5.20
N GLY A 44 8.62 -5.41 4.93
CA GLY A 44 9.76 -5.88 4.15
C GLY A 44 9.29 -6.29 2.76
N PHE A 45 8.26 -5.60 2.29
CA PHE A 45 7.67 -5.91 0.98
C PHE A 45 8.47 -5.22 -0.10
N PRO A 46 9.27 -5.96 -0.85
CA PRO A 46 10.16 -5.35 -1.87
C PRO A 46 9.36 -4.53 -2.90
N PRO A 47 9.73 -3.30 -3.10
CA PRO A 47 8.97 -2.38 -4.01
C PRO A 47 8.90 -2.91 -5.43
N VAL A 48 9.90 -3.66 -5.82
CA VAL A 48 9.89 -4.30 -7.13
C VAL A 48 8.71 -5.26 -7.25
N LEU A 49 8.52 -6.05 -6.20
CA LEU A 49 7.45 -7.04 -6.17
C LEU A 49 6.09 -6.40 -6.04
N GLN A 50 6.02 -5.33 -5.24
CA GLN A 50 4.74 -4.73 -4.90
C GLN A 50 4.03 -4.20 -6.14
N GLN A 51 2.79 -4.62 -6.31
CA GLN A 51 1.89 -3.98 -7.23
C GLN A 51 0.64 -3.56 -6.47
N TRP A 52 0.41 -2.27 -6.43
CA TRP A 52 -0.71 -1.71 -5.69
C TRP A 52 -1.85 -1.43 -6.64
N VAL A 53 -3.04 -1.90 -6.31
CA VAL A 53 -4.19 -1.67 -7.17
C VAL A 53 -5.35 -1.08 -6.36
N ILE A 54 -5.93 -0.02 -6.91
CA ILE A 54 -7.11 0.61 -6.33
C ILE A 54 -8.19 0.69 -7.39
N GLY A 55 -9.39 0.24 -7.09
CA GLY A 55 -10.44 0.24 -8.08
C GLY A 55 -10.72 1.65 -8.59
N GLN A 56 -10.75 2.59 -7.67
CA GLN A 56 -11.05 3.98 -8.01
C GLN A 56 -9.83 4.72 -8.56
N ARG A 57 -8.65 4.15 -8.34
CA ARG A 57 -7.41 4.85 -8.67
C ARG A 57 -6.41 4.01 -9.45
N LEU A 58 -5.72 4.67 -10.37
CA LEU A 58 -4.67 4.03 -11.15
C LEU A 58 -3.50 3.69 -10.26
N ALA A 59 -2.94 2.52 -10.47
CA ALA A 59 -1.81 2.02 -9.70
C ALA A 59 -0.59 2.90 -9.91
N ARG A 60 -0.75 4.19 -9.69
CA ARG A 60 0.35 5.12 -9.86
C ARG A 60 0.96 5.46 -8.52
N ASP A 61 2.26 5.24 -8.42
CA ASP A 61 2.98 5.37 -7.17
C ASP A 61 2.98 6.81 -6.68
N GLN A 62 3.16 7.73 -7.58
CA GLN A 62 3.39 9.13 -7.25
C GLN A 62 2.13 9.90 -6.88
N GLU A 63 0.95 9.34 -7.14
CA GLU A 63 -0.29 10.08 -6.89
C GLU A 63 -0.69 10.04 -5.40
N THR A 64 -1.26 11.14 -4.93
CA THR A 64 -1.65 11.28 -3.54
C THR A 64 -2.76 10.29 -3.18
N LEU A 65 -2.78 9.81 -1.94
CA LEU A 65 -3.80 8.85 -1.53
C LEU A 65 -5.16 9.48 -1.66
N HIS A 66 -5.26 10.75 -1.28
CA HIS A 66 -6.50 11.52 -1.39
C HIS A 66 -7.18 11.21 -2.72
N SER A 67 -6.38 11.09 -3.77
CA SER A 67 -6.90 10.81 -5.10
C SER A 67 -7.75 9.54 -5.11
N HIS A 68 -7.58 8.69 -4.11
CA HIS A 68 -8.40 7.49 -3.98
C HIS A 68 -9.81 7.86 -3.52
N GLY A 69 -10.00 9.12 -3.14
CA GLY A 69 -11.30 9.58 -2.65
C GLY A 69 -11.39 9.35 -1.17
N VAL A 70 -10.24 9.09 -0.57
CA VAL A 70 -10.14 8.87 0.85
C VAL A 70 -9.90 10.19 1.55
N ARG A 71 -10.83 10.56 2.41
CA ARG A 71 -10.75 11.81 3.15
C ARG A 71 -10.42 11.54 4.61
N GLN A 72 -10.69 10.31 5.04
CA GLN A 72 -10.43 9.85 6.40
C GLN A 72 -10.39 8.34 6.41
N ASN A 73 -10.01 7.74 7.54
CA ASN A 73 -9.92 6.28 7.65
C ASN A 73 -11.21 5.60 7.19
N GLY A 74 -11.12 4.33 6.89
CA GLY A 74 -12.26 3.56 6.39
C GLY A 74 -12.02 3.11 4.95
N ASP A 75 -10.93 3.57 4.38
CA ASP A 75 -10.55 3.18 3.02
C ASP A 75 -9.83 1.85 3.02
N SER A 76 -9.64 1.28 1.85
CA SER A 76 -9.00 -0.03 1.71
C SER A 76 -8.33 -0.15 0.35
N ALA A 77 -7.24 -0.92 0.25
CA ALA A 77 -6.51 -1.07 -1.01
C ALA A 77 -6.17 -2.54 -1.33
N TYR A 78 -5.75 -2.78 -2.58
CA TYR A 78 -5.38 -4.11 -3.04
C TYR A 78 -3.90 -4.13 -3.42
N LEU A 79 -3.15 -5.05 -2.82
CA LEU A 79 -1.72 -5.17 -3.11
C LEU A 79 -1.41 -6.55 -3.66
N TYR A 80 -0.65 -6.58 -4.75
CA TYR A 80 -0.24 -7.84 -5.36
C TYR A 80 1.27 -7.90 -5.43
N LEU A 81 1.83 -9.04 -5.06
CA LEU A 81 3.29 -9.19 -5.05
C LEU A 81 3.73 -10.05 -6.22
N LEU A 82 4.65 -9.51 -6.99
CA LEU A 82 5.18 -10.19 -8.18
C LEU A 82 6.15 -11.29 -7.78
N SER A 83 6.32 -12.26 -8.67
CA SER A 83 7.18 -13.40 -8.40
C SER A 83 8.63 -12.95 -8.19
N ALA A 84 9.03 -12.91 -6.94
CA ALA A 84 10.37 -12.53 -6.52
C ALA A 84 10.45 -12.61 -5.01
N ARG A 85 11.57 -12.20 -4.45
CA ARG A 85 11.76 -12.24 -3.00
C ARG A 85 12.25 -10.90 -2.48
N ASN A 86 12.04 -10.66 -1.19
CA ASN A 86 12.56 -9.48 -0.56
C ASN A 86 14.06 -9.50 -0.61
N THR A 87 14.63 -8.54 -1.31
CA THR A 87 16.06 -8.43 -1.47
C THR A 87 16.70 -8.05 -0.12
N SER A 88 16.23 -8.71 0.92
CA SER A 88 16.68 -8.51 2.28
C SER A 88 16.07 -9.62 3.12
N LEU A 89 16.90 -10.41 3.79
CA LEU A 89 16.40 -11.56 4.50
C LEU A 89 15.95 -11.18 5.90
N ASN A 90 14.76 -10.61 5.98
CA ASN A 90 14.17 -10.18 7.24
C ASN A 90 13.25 -11.27 7.80
N MET A 1 -10.58 19.21 11.20
CA MET A 1 -9.77 18.27 10.39
C MET A 1 -9.28 17.17 11.33
N PRO A 2 -9.11 15.97 10.84
CA PRO A 2 -8.59 14.85 11.69
C PRO A 2 -7.23 15.23 12.28
N THR A 3 -7.01 14.88 13.52
CA THR A 3 -5.78 15.20 14.22
C THR A 3 -4.85 14.01 14.26
N GLN A 4 -5.38 12.87 13.87
CA GLN A 4 -4.60 11.64 13.78
C GLN A 4 -4.58 11.18 12.34
N ASP A 5 -3.59 10.35 12.02
CA ASP A 5 -3.53 9.70 10.73
C ASP A 5 -4.80 8.91 10.53
N ILE A 6 -4.92 8.29 9.39
CA ILE A 6 -6.05 7.45 9.12
C ILE A 6 -5.57 6.03 8.85
N ARG A 7 -6.45 5.08 9.09
CA ARG A 7 -6.08 3.69 8.99
C ARG A 7 -6.52 3.15 7.65
N LEU A 8 -5.58 2.57 6.92
CA LEU A 8 -5.84 1.96 5.64
C LEU A 8 -5.58 0.48 5.75
N TRP A 9 -6.52 -0.31 5.30
CA TRP A 9 -6.34 -1.74 5.33
C TRP A 9 -5.91 -2.18 3.96
N VAL A 10 -4.94 -3.05 3.90
CA VAL A 10 -4.50 -3.54 2.63
C VAL A 10 -4.69 -5.02 2.54
N SER A 11 -5.34 -5.43 1.49
CA SER A 11 -5.55 -6.83 1.22
C SER A 11 -4.40 -7.30 0.35
N VAL A 12 -3.63 -8.23 0.85
CA VAL A 12 -2.42 -8.63 0.18
C VAL A 12 -2.58 -10.02 -0.39
N GLU A 13 -2.32 -10.16 -1.69
CA GLU A 13 -2.25 -11.48 -2.33
C GLU A 13 -0.85 -11.76 -2.83
N ASP A 14 -0.35 -12.93 -2.48
CA ASP A 14 0.94 -13.39 -2.95
C ASP A 14 0.78 -14.34 -4.10
N ALA A 15 1.78 -14.39 -4.95
CA ALA A 15 1.77 -15.23 -6.14
C ALA A 15 1.54 -16.68 -5.77
N GLN A 16 1.92 -17.08 -4.56
CA GLN A 16 1.67 -18.44 -4.11
C GLN A 16 0.20 -18.57 -3.72
N MET A 17 -0.66 -17.80 -4.40
CA MET A 17 -2.08 -17.71 -4.07
C MET A 17 -2.30 -17.66 -2.58
N HIS A 18 -1.57 -16.77 -1.94
CA HIS A 18 -1.72 -16.53 -0.52
C HIS A 18 -2.31 -15.15 -0.32
N THR A 19 -3.25 -15.04 0.60
CA THR A 19 -3.93 -13.79 0.85
C THR A 19 -3.69 -13.34 2.29
N VAL A 20 -3.24 -12.11 2.46
CA VAL A 20 -3.01 -11.55 3.78
C VAL A 20 -3.61 -10.15 3.87
N THR A 21 -3.87 -9.69 5.07
CA THR A 21 -4.39 -8.36 5.27
C THR A 21 -3.50 -7.58 6.23
N ILE A 22 -3.13 -6.37 5.86
CA ILE A 22 -2.33 -5.52 6.74
C ILE A 22 -2.99 -4.16 6.92
N TRP A 23 -2.70 -3.52 8.04
CA TRP A 23 -3.27 -2.22 8.36
C TRP A 23 -2.18 -1.15 8.32
N LEU A 24 -2.44 -0.10 7.57
CA LEU A 24 -1.50 0.99 7.43
C LEU A 24 -2.09 2.26 8.00
N THR A 25 -1.30 2.99 8.77
CA THR A 25 -1.76 4.25 9.32
C THR A 25 -1.05 5.39 8.60
N VAL A 26 -1.83 6.23 7.92
CA VAL A 26 -1.29 7.32 7.08
C VAL A 26 -2.28 8.47 7.00
N ARG A 27 -2.01 9.41 6.11
CA ARG A 27 -2.95 10.49 5.82
C ARG A 27 -3.36 10.42 4.35
N PRO A 28 -4.54 10.85 4.02
CA PRO A 28 -5.01 10.92 2.59
C PRO A 28 -4.06 11.76 1.76
N ASP A 29 -3.39 12.68 2.44
CA ASP A 29 -2.47 13.59 1.81
C ASP A 29 -1.24 12.89 1.32
N MET A 30 -0.98 11.71 1.87
CA MET A 30 0.17 10.94 1.45
C MET A 30 0.07 10.49 0.02
N THR A 31 1.18 10.02 -0.49
CA THR A 31 1.31 9.57 -1.84
C THR A 31 1.42 8.04 -1.89
N VAL A 32 0.91 7.46 -2.97
CA VAL A 32 0.88 6.00 -3.09
C VAL A 32 2.32 5.43 -3.03
N ALA A 33 3.23 6.04 -3.77
CA ALA A 33 4.62 5.59 -3.75
C ALA A 33 5.17 5.66 -2.34
N SER A 34 4.83 6.71 -1.63
CA SER A 34 5.22 6.87 -0.24
C SER A 34 4.62 5.75 0.58
N LEU A 35 3.38 5.39 0.26
CA LEU A 35 2.70 4.32 0.96
C LEU A 35 3.47 3.03 0.79
N LYS A 36 3.92 2.79 -0.44
CA LYS A 36 4.77 1.64 -0.69
C LYS A 36 6.04 1.78 0.11
N ASP A 37 6.57 2.99 0.15
CA ASP A 37 7.80 3.25 0.84
C ASP A 37 7.68 2.88 2.31
N MET A 38 6.67 3.41 3.00
CA MET A 38 6.51 3.07 4.41
C MET A 38 6.27 1.60 4.57
N VAL A 39 5.48 1.03 3.68
CA VAL A 39 5.25 -0.39 3.71
C VAL A 39 6.59 -1.09 3.55
N PHE A 40 7.39 -0.59 2.64
CA PHE A 40 8.74 -1.09 2.50
C PHE A 40 9.51 -0.85 3.78
N LEU A 41 9.42 0.37 4.33
CA LEU A 41 10.16 0.67 5.55
C LEU A 41 9.66 -0.24 6.64
N ASP A 42 8.36 -0.37 6.69
CA ASP A 42 7.70 -1.08 7.77
C ASP A 42 7.82 -2.58 7.62
N TYR A 43 7.53 -3.07 6.43
CA TYR A 43 7.46 -4.51 6.20
C TYR A 43 8.60 -5.01 5.32
N GLY A 44 9.40 -4.10 4.77
CA GLY A 44 10.46 -4.51 3.85
C GLY A 44 9.85 -5.07 2.57
N PHE A 45 8.59 -4.72 2.34
CA PHE A 45 7.83 -5.24 1.20
C PHE A 45 8.53 -4.94 -0.12
N PRO A 46 9.01 -5.96 -0.81
CA PRO A 46 9.69 -5.79 -2.14
C PRO A 46 8.84 -4.94 -3.09
N PRO A 47 9.24 -3.72 -3.35
CA PRO A 47 8.44 -2.78 -4.20
C PRO A 47 8.19 -3.34 -5.58
N VAL A 48 9.14 -4.11 -6.05
CA VAL A 48 8.98 -4.77 -7.31
C VAL A 48 7.82 -5.76 -7.23
N LEU A 49 7.80 -6.54 -6.16
CA LEU A 49 6.75 -7.52 -5.96
C LEU A 49 5.43 -6.89 -5.56
N GLN A 50 5.48 -5.87 -4.70
CA GLN A 50 4.23 -5.30 -4.19
C GLN A 50 3.54 -4.42 -5.21
N GLN A 51 2.59 -5.00 -5.92
CA GLN A 51 1.78 -4.25 -6.85
C GLN A 51 0.44 -3.95 -6.21
N TRP A 52 0.12 -2.68 -6.12
CA TRP A 52 -1.09 -2.23 -5.48
C TRP A 52 -2.18 -2.16 -6.51
N VAL A 53 -3.34 -2.71 -6.21
CA VAL A 53 -4.42 -2.65 -7.16
C VAL A 53 -5.48 -1.68 -6.69
N ILE A 54 -5.73 -0.68 -7.51
CA ILE A 54 -6.80 0.27 -7.30
C ILE A 54 -7.30 0.68 -8.68
N GLY A 55 -8.58 0.43 -8.94
CA GLY A 55 -9.15 0.65 -10.27
C GLY A 55 -9.00 2.08 -10.73
N GLN A 56 -9.20 3.00 -9.81
CA GLN A 56 -9.16 4.42 -10.13
C GLN A 56 -7.76 5.01 -9.96
N ARG A 57 -6.78 4.16 -9.71
CA ARG A 57 -5.43 4.63 -9.45
C ARG A 57 -4.89 5.35 -10.69
N LEU A 58 -4.25 6.47 -10.47
CA LEU A 58 -3.56 7.15 -11.54
C LEU A 58 -2.23 6.46 -11.82
N ALA A 59 -1.71 6.61 -13.03
CA ALA A 59 -0.43 6.00 -13.39
C ALA A 59 0.65 6.55 -12.47
N ARG A 60 0.41 7.74 -11.96
CA ARG A 60 1.33 8.40 -11.06
C ARG A 60 1.41 7.66 -9.73
N ASP A 61 2.56 7.05 -9.43
CA ASP A 61 2.75 6.44 -8.11
C ASP A 61 2.89 7.54 -7.08
N GLN A 62 3.26 8.71 -7.54
CA GLN A 62 3.40 9.87 -6.70
C GLN A 62 2.04 10.37 -6.23
N GLU A 63 0.98 9.89 -6.87
CA GLU A 63 -0.35 10.40 -6.57
C GLU A 63 -0.70 10.28 -5.10
N THR A 64 -1.52 11.21 -4.68
CA THR A 64 -1.98 11.30 -3.32
C THR A 64 -2.88 10.11 -2.99
N LEU A 65 -2.88 9.68 -1.74
CA LEU A 65 -3.75 8.59 -1.34
C LEU A 65 -5.19 9.01 -1.54
N HIS A 66 -5.46 10.27 -1.23
CA HIS A 66 -6.80 10.82 -1.37
C HIS A 66 -7.38 10.46 -2.74
N SER A 67 -6.51 10.42 -3.73
CA SER A 67 -6.90 10.07 -5.08
C SER A 67 -7.52 8.67 -5.15
N HIS A 68 -7.07 7.78 -4.27
CA HIS A 68 -7.64 6.44 -4.17
C HIS A 68 -9.05 6.53 -3.61
N GLY A 69 -9.42 7.69 -3.10
CA GLY A 69 -10.75 7.91 -2.57
C GLY A 69 -10.77 7.65 -1.08
N VAL A 70 -9.61 7.32 -0.53
CA VAL A 70 -9.50 7.12 0.90
C VAL A 70 -9.44 8.48 1.59
N ARG A 71 -10.60 9.05 1.84
CA ARG A 71 -10.68 10.35 2.47
C ARG A 71 -10.25 10.29 3.93
N GLN A 72 -10.61 9.20 4.58
CA GLN A 72 -10.32 9.01 5.99
C GLN A 72 -10.13 7.54 6.32
N ASN A 73 -9.89 7.26 7.61
CA ASN A 73 -9.66 5.90 8.10
C ASN A 73 -10.79 4.97 7.73
N GLY A 74 -10.51 3.68 7.76
CA GLY A 74 -11.53 2.67 7.52
C GLY A 74 -11.51 2.18 6.08
N ASP A 75 -10.64 2.76 5.26
CA ASP A 75 -10.53 2.33 3.88
C ASP A 75 -9.76 1.04 3.77
N SER A 76 -10.06 0.29 2.74
CA SER A 76 -9.41 -0.96 2.46
C SER A 76 -8.86 -0.94 1.03
N ALA A 77 -7.67 -1.52 0.82
CA ALA A 77 -7.04 -1.52 -0.51
C ALA A 77 -6.52 -2.90 -0.84
N TYR A 78 -6.15 -3.11 -2.11
CA TYR A 78 -5.68 -4.41 -2.54
C TYR A 78 -4.22 -4.35 -3.01
N LEU A 79 -3.39 -5.20 -2.43
CA LEU A 79 -1.99 -5.31 -2.79
C LEU A 79 -1.66 -6.72 -3.31
N TYR A 80 -0.98 -6.79 -4.44
CA TYR A 80 -0.61 -8.08 -5.00
C TYR A 80 0.91 -8.25 -5.01
N LEU A 81 1.38 -9.41 -4.55
CA LEU A 81 2.79 -9.72 -4.61
C LEU A 81 3.02 -10.82 -5.63
N LEU A 82 3.96 -10.61 -6.53
CA LEU A 82 4.24 -11.58 -7.57
C LEU A 82 5.21 -12.64 -7.10
N SER A 83 5.29 -13.72 -7.85
CA SER A 83 6.16 -14.83 -7.50
C SER A 83 7.52 -14.30 -7.12
N ALA A 84 7.85 -14.42 -5.85
CA ALA A 84 9.08 -13.88 -5.32
C ALA A 84 10.23 -14.14 -6.25
N ARG A 85 10.85 -13.07 -6.71
CA ARG A 85 11.97 -13.17 -7.62
C ARG A 85 13.21 -13.61 -6.88
N ASN A 86 14.00 -14.46 -7.51
CA ASN A 86 15.27 -14.84 -6.92
C ASN A 86 16.24 -13.71 -7.03
N THR A 87 15.93 -12.62 -6.35
CA THR A 87 16.75 -11.44 -6.40
C THR A 87 17.92 -11.60 -5.45
N SER A 88 19.13 -11.39 -5.96
CA SER A 88 20.31 -11.60 -5.15
C SER A 88 20.31 -10.61 -3.99
N LEU A 89 20.54 -11.13 -2.79
CA LEU A 89 20.52 -10.32 -1.57
C LEU A 89 21.64 -9.28 -1.57
N ASN A 90 22.80 -9.69 -2.06
CA ASN A 90 24.00 -8.83 -2.04
C ASN A 90 23.76 -7.49 -2.72
N MET A 1 0.17 12.59 17.25
CA MET A 1 -1.02 12.61 16.38
C MET A 1 -1.75 13.95 16.54
N PRO A 2 -1.15 15.03 16.06
CA PRO A 2 -1.75 16.40 16.18
C PRO A 2 -3.16 16.44 15.58
N THR A 3 -3.34 15.75 14.48
CA THR A 3 -4.63 15.62 13.83
C THR A 3 -4.90 14.14 13.55
N GLN A 4 -6.16 13.76 13.34
CA GLN A 4 -6.46 12.35 13.16
C GLN A 4 -6.01 11.84 11.81
N ASP A 5 -5.30 10.74 11.85
CA ASP A 5 -4.80 10.05 10.67
C ASP A 5 -5.90 9.16 10.13
N ILE A 6 -5.63 8.50 9.04
CA ILE A 6 -6.55 7.50 8.53
C ILE A 6 -5.86 6.16 8.49
N ARG A 7 -6.65 5.12 8.61
CA ARG A 7 -6.12 3.78 8.67
C ARG A 7 -6.44 3.05 7.40
N LEU A 8 -5.41 2.67 6.67
CA LEU A 8 -5.58 1.94 5.43
C LEU A 8 -5.23 0.48 5.62
N TRP A 9 -6.13 -0.37 5.22
CA TRP A 9 -5.92 -1.81 5.26
C TRP A 9 -5.83 -2.30 3.85
N VAL A 10 -4.83 -3.08 3.57
CA VAL A 10 -4.62 -3.52 2.21
C VAL A 10 -4.59 -5.03 2.14
N SER A 11 -5.37 -5.57 1.21
CA SER A 11 -5.36 -6.98 0.96
C SER A 11 -4.10 -7.30 0.18
N VAL A 12 -3.36 -8.30 0.63
CA VAL A 12 -2.09 -8.62 0.00
C VAL A 12 -2.09 -10.05 -0.49
N GLU A 13 -1.61 -10.23 -1.72
CA GLU A 13 -1.43 -11.54 -2.32
C GLU A 13 -0.12 -11.59 -3.07
N ASP A 14 0.62 -12.68 -2.95
CA ASP A 14 1.82 -12.86 -3.74
C ASP A 14 1.50 -13.75 -4.94
N ALA A 15 2.49 -14.03 -5.76
CA ALA A 15 2.28 -14.87 -6.93
C ALA A 15 1.76 -16.22 -6.51
N GLN A 16 2.27 -16.73 -5.40
CA GLN A 16 1.81 -17.99 -4.85
C GLN A 16 0.43 -17.78 -4.22
N MET A 17 -0.03 -16.54 -4.24
CA MET A 17 -1.31 -16.14 -3.68
C MET A 17 -1.34 -16.24 -2.16
N HIS A 18 -0.24 -15.86 -1.52
CA HIS A 18 -0.22 -15.78 -0.07
C HIS A 18 -1.18 -14.69 0.36
N THR A 19 -2.33 -15.08 0.86
CA THR A 19 -3.33 -14.12 1.26
C THR A 19 -2.95 -13.51 2.60
N VAL A 20 -2.61 -12.22 2.59
CA VAL A 20 -2.25 -11.51 3.81
C VAL A 20 -2.85 -10.10 3.81
N THR A 21 -2.93 -9.49 4.98
CA THR A 21 -3.49 -8.16 5.12
C THR A 21 -2.50 -7.24 5.83
N ILE A 22 -2.35 -6.02 5.34
CA ILE A 22 -1.44 -5.07 5.96
C ILE A 22 -2.19 -3.79 6.33
N TRP A 23 -1.69 -3.09 7.33
CA TRP A 23 -2.34 -1.89 7.82
C TRP A 23 -1.42 -0.69 7.72
N LEU A 24 -1.90 0.38 7.12
CA LEU A 24 -1.16 1.64 7.07
C LEU A 24 -1.94 2.73 7.80
N THR A 25 -1.29 3.42 8.71
CA THR A 25 -1.88 4.60 9.31
C THR A 25 -1.28 5.81 8.60
N VAL A 26 -2.11 6.56 7.92
CA VAL A 26 -1.63 7.63 7.07
C VAL A 26 -2.59 8.80 7.03
N ARG A 27 -2.32 9.73 6.13
CA ARG A 27 -3.21 10.85 5.85
C ARG A 27 -3.55 10.82 4.36
N PRO A 28 -4.69 11.30 3.98
CA PRO A 28 -5.09 11.31 2.54
C PRO A 28 -4.05 12.05 1.68
N ASP A 29 -3.30 12.93 2.32
CA ASP A 29 -2.22 13.64 1.67
C ASP A 29 -1.06 12.71 1.33
N MET A 30 -1.06 11.52 1.91
CA MET A 30 -0.01 10.55 1.60
C MET A 30 -0.08 10.15 0.13
N THR A 31 0.96 9.52 -0.36
CA THR A 31 1.03 9.12 -1.75
C THR A 31 1.39 7.64 -1.85
N VAL A 32 1.08 7.03 -2.98
CA VAL A 32 1.32 5.62 -3.18
C VAL A 32 2.80 5.29 -3.06
N ALA A 33 3.65 6.10 -3.69
CA ALA A 33 5.09 5.87 -3.58
C ALA A 33 5.48 5.78 -2.12
N SER A 34 4.97 6.70 -1.33
CA SER A 34 5.23 6.69 0.08
C SER A 34 4.68 5.41 0.72
N LEU A 35 3.47 5.01 0.30
CA LEU A 35 2.88 3.76 0.80
C LEU A 35 3.73 2.59 0.42
N LYS A 36 4.21 2.62 -0.81
CA LYS A 36 5.07 1.58 -1.31
C LYS A 36 6.27 1.45 -0.40
N ASP A 37 6.84 2.59 -0.06
CA ASP A 37 8.01 2.63 0.79
C ASP A 37 7.71 2.09 2.19
N MET A 38 6.67 2.62 2.84
CA MET A 38 6.38 2.21 4.22
C MET A 38 6.08 0.75 4.31
N VAL A 39 5.33 0.24 3.34
CA VAL A 39 4.99 -1.17 3.37
C VAL A 39 6.26 -1.97 3.40
N PHE A 40 7.24 -1.57 2.63
CA PHE A 40 8.53 -2.19 2.71
C PHE A 40 9.11 -1.99 4.09
N LEU A 41 9.05 -0.77 4.60
CA LEU A 41 9.64 -0.49 5.91
C LEU A 41 8.93 -1.30 6.96
N ASP A 42 7.62 -1.29 6.83
CA ASP A 42 6.76 -1.91 7.82
C ASP A 42 6.73 -3.42 7.70
N TYR A 43 6.57 -3.93 6.48
CA TYR A 43 6.40 -5.38 6.28
C TYR A 43 7.60 -6.01 5.56
N GLY A 44 8.54 -5.21 5.12
CA GLY A 44 9.71 -5.75 4.42
C GLY A 44 9.32 -6.27 3.04
N PHE A 45 8.18 -5.83 2.54
CA PHE A 45 7.71 -6.29 1.22
C PHE A 45 8.54 -5.64 0.12
N PRO A 46 9.22 -6.43 -0.70
CA PRO A 46 10.05 -5.87 -1.80
C PRO A 46 9.18 -5.08 -2.78
N PRO A 47 9.49 -3.81 -2.98
CA PRO A 47 8.66 -2.90 -3.82
C PRO A 47 8.50 -3.39 -5.25
N VAL A 48 9.50 -4.08 -5.74
CA VAL A 48 9.41 -4.64 -7.08
C VAL A 48 8.27 -5.63 -7.17
N LEU A 49 8.17 -6.51 -6.17
CA LEU A 49 7.14 -7.53 -6.18
C LEU A 49 5.76 -6.95 -5.94
N GLN A 50 5.68 -5.97 -5.05
CA GLN A 50 4.40 -5.46 -4.61
C GLN A 50 3.74 -4.52 -5.63
N GLN A 51 2.59 -4.95 -6.11
CA GLN A 51 1.78 -4.18 -7.03
C GLN A 51 0.52 -3.74 -6.31
N TRP A 52 0.18 -2.47 -6.42
CA TRP A 52 -1.02 -1.93 -5.79
C TRP A 52 -2.14 -1.82 -6.79
N VAL A 53 -3.34 -2.22 -6.39
CA VAL A 53 -4.51 -2.08 -7.22
C VAL A 53 -5.56 -1.26 -6.48
N ILE A 54 -6.04 -0.21 -7.12
CA ILE A 54 -7.08 0.65 -6.56
C ILE A 54 -8.17 0.86 -7.60
N GLY A 55 -9.40 0.57 -7.25
CA GLY A 55 -10.50 0.68 -8.20
C GLY A 55 -10.77 2.12 -8.59
N GLN A 56 -10.72 3.00 -7.62
CA GLN A 56 -11.06 4.41 -7.84
C GLN A 56 -10.09 5.09 -8.80
N ARG A 57 -8.80 4.88 -8.57
CA ARG A 57 -7.74 5.50 -9.38
C ARG A 57 -6.57 4.55 -9.52
N LEU A 58 -5.68 4.84 -10.46
CA LEU A 58 -4.47 4.04 -10.60
C LEU A 58 -3.61 4.20 -9.38
N ALA A 59 -3.04 3.11 -8.92
CA ALA A 59 -2.17 3.14 -7.78
C ALA A 59 -0.81 3.73 -8.17
N ARG A 60 -0.83 4.79 -8.97
CA ARG A 60 0.42 5.43 -9.36
C ARG A 60 1.10 6.04 -8.15
N ASP A 61 2.41 5.86 -8.09
CA ASP A 61 3.20 6.18 -6.91
C ASP A 61 3.05 7.64 -6.52
N GLN A 62 3.10 8.50 -7.52
CA GLN A 62 3.15 9.94 -7.30
C GLN A 62 1.80 10.54 -6.94
N GLU A 63 0.74 9.77 -7.04
CA GLU A 63 -0.58 10.28 -6.71
C GLU A 63 -0.89 10.14 -5.22
N THR A 64 -1.55 11.14 -4.69
CA THR A 64 -1.87 11.18 -3.27
C THR A 64 -3.08 10.31 -2.95
N LEU A 65 -3.23 9.99 -1.67
CA LEU A 65 -4.37 9.20 -1.24
C LEU A 65 -5.65 10.00 -1.50
N HIS A 66 -5.60 11.31 -1.23
CA HIS A 66 -6.71 12.21 -1.57
C HIS A 66 -7.10 12.01 -3.02
N SER A 67 -6.09 11.92 -3.87
CA SER A 67 -6.27 11.74 -5.30
C SER A 67 -6.90 10.39 -5.63
N HIS A 68 -6.80 9.43 -4.71
CA HIS A 68 -7.34 8.10 -4.94
C HIS A 68 -8.76 7.98 -4.44
N GLY A 69 -9.23 9.02 -3.76
CA GLY A 69 -10.59 9.03 -3.25
C GLY A 69 -10.60 8.51 -1.83
N VAL A 70 -9.45 8.13 -1.34
CA VAL A 70 -9.31 7.71 0.04
C VAL A 70 -9.04 8.95 0.89
N ARG A 71 -10.12 9.58 1.31
CA ARG A 71 -10.04 10.88 1.96
C ARG A 71 -10.27 10.78 3.47
N GLN A 72 -10.72 9.61 3.92
CA GLN A 72 -10.91 9.37 5.33
C GLN A 72 -10.75 7.88 5.63
N ASN A 73 -10.52 7.55 6.90
CA ASN A 73 -10.35 6.14 7.29
C ASN A 73 -11.56 5.33 6.87
N GLY A 74 -11.39 4.02 6.83
CA GLY A 74 -12.45 3.12 6.35
C GLY A 74 -12.17 2.73 4.91
N ASP A 75 -11.03 3.18 4.41
CA ASP A 75 -10.58 2.85 3.08
C ASP A 75 -9.89 1.50 3.07
N SER A 76 -9.58 1.02 1.89
CA SER A 76 -8.92 -0.27 1.74
C SER A 76 -8.25 -0.36 0.37
N ALA A 77 -7.29 -1.25 0.23
CA ALA A 77 -6.58 -1.40 -1.05
C ALA A 77 -6.18 -2.84 -1.30
N TYR A 78 -5.79 -3.14 -2.53
CA TYR A 78 -5.36 -4.48 -2.89
C TYR A 78 -3.90 -4.43 -3.34
N LEU A 79 -3.07 -5.25 -2.70
CA LEU A 79 -1.65 -5.31 -3.02
C LEU A 79 -1.27 -6.69 -3.53
N TYR A 80 -0.56 -6.72 -4.63
CA TYR A 80 -0.06 -7.97 -5.21
C TYR A 80 1.43 -8.06 -5.14
N LEU A 81 1.94 -9.19 -4.68
CA LEU A 81 3.37 -9.45 -4.76
C LEU A 81 3.63 -10.41 -5.90
N LEU A 82 4.19 -9.91 -6.98
CA LEU A 82 4.39 -10.73 -8.16
C LEU A 82 5.53 -11.71 -7.99
N SER A 83 5.44 -12.81 -8.72
CA SER A 83 6.40 -13.89 -8.62
C SER A 83 7.84 -13.38 -8.65
N ALA A 84 8.46 -13.35 -7.48
CA ALA A 84 9.85 -12.91 -7.33
C ALA A 84 10.31 -13.19 -5.93
N ARG A 85 11.54 -12.80 -5.63
CA ARG A 85 12.08 -12.99 -4.28
C ARG A 85 12.67 -11.68 -3.79
N ASN A 86 12.80 -11.56 -2.48
CA ASN A 86 13.42 -10.39 -1.89
C ASN A 86 14.89 -10.35 -2.25
N THR A 87 15.33 -9.24 -2.77
CA THR A 87 16.72 -9.07 -3.13
C THR A 87 17.59 -9.13 -1.88
N SER A 88 17.07 -8.62 -0.78
CA SER A 88 17.76 -8.70 0.49
C SER A 88 16.81 -9.21 1.57
N LEU A 89 17.36 -9.92 2.55
CA LEU A 89 16.55 -10.43 3.64
C LEU A 89 15.95 -9.28 4.40
N ASN A 90 16.75 -8.26 4.60
CA ASN A 90 16.32 -7.05 5.27
C ASN A 90 16.52 -5.85 4.36
N MET A 1 -2.13 22.30 15.23
CA MET A 1 -0.84 21.56 15.34
C MET A 1 -1.13 20.05 15.30
N PRO A 2 -1.90 19.52 16.22
CA PRO A 2 -2.27 18.05 16.19
C PRO A 2 -3.03 17.70 14.91
N THR A 3 -2.74 16.53 14.35
CA THR A 3 -3.44 16.08 13.16
C THR A 3 -3.96 14.66 13.34
N GLN A 4 -4.98 14.30 12.59
CA GLN A 4 -5.51 12.96 12.64
C GLN A 4 -5.23 12.24 11.37
N ASP A 5 -4.62 11.10 11.49
CA ASP A 5 -4.38 10.23 10.36
C ASP A 5 -5.58 9.37 10.15
N ILE A 6 -5.58 8.63 9.07
CA ILE A 6 -6.65 7.71 8.80
C ILE A 6 -6.11 6.32 8.60
N ARG A 7 -6.97 5.35 8.78
CA ARG A 7 -6.58 3.97 8.70
C ARG A 7 -6.91 3.42 7.33
N LEU A 8 -5.91 2.87 6.68
CA LEU A 8 -6.08 2.25 5.37
C LEU A 8 -5.69 0.79 5.47
N TRP A 9 -6.50 -0.07 4.93
CA TRP A 9 -6.19 -1.49 4.89
C TRP A 9 -5.74 -1.87 3.51
N VAL A 10 -4.75 -2.69 3.41
CA VAL A 10 -4.34 -3.16 2.10
C VAL A 10 -4.52 -4.66 2.01
N SER A 11 -5.25 -5.10 1.01
CA SER A 11 -5.39 -6.50 0.75
C SER A 11 -4.23 -6.93 -0.10
N VAL A 12 -3.48 -7.89 0.39
CA VAL A 12 -2.25 -8.29 -0.25
C VAL A 12 -2.38 -9.70 -0.78
N GLU A 13 -2.06 -9.87 -2.05
CA GLU A 13 -2.09 -11.17 -2.68
C GLU A 13 -0.68 -11.61 -3.02
N ASP A 14 -0.22 -12.65 -2.36
CA ASP A 14 1.15 -13.14 -2.55
C ASP A 14 1.25 -14.03 -3.78
N ALA A 15 2.47 -14.27 -4.22
CA ALA A 15 2.72 -15.18 -5.34
C ALA A 15 2.15 -16.54 -5.02
N GLN A 16 2.05 -16.83 -3.74
CA GLN A 16 1.48 -18.07 -3.27
C GLN A 16 -0.04 -18.04 -3.46
N MET A 17 -0.52 -16.91 -3.98
CA MET A 17 -1.94 -16.64 -4.14
C MET A 17 -2.63 -16.63 -2.78
N HIS A 18 -1.84 -16.36 -1.76
CA HIS A 18 -2.37 -16.17 -0.42
C HIS A 18 -2.74 -14.72 -0.25
N THR A 19 -3.95 -14.49 0.23
CA THR A 19 -4.43 -13.14 0.41
C THR A 19 -4.20 -12.71 1.85
N VAL A 20 -3.54 -11.59 2.02
CA VAL A 20 -3.27 -11.06 3.34
C VAL A 20 -3.79 -9.65 3.44
N THR A 21 -4.00 -9.19 4.64
CA THR A 21 -4.47 -7.85 4.87
C THR A 21 -3.51 -7.14 5.80
N ILE A 22 -3.15 -5.93 5.44
CA ILE A 22 -2.31 -5.13 6.31
C ILE A 22 -3.01 -3.83 6.61
N TRP A 23 -2.77 -3.30 7.78
CA TRP A 23 -3.44 -2.10 8.22
C TRP A 23 -2.44 -0.96 8.24
N LEU A 24 -2.72 0.09 7.49
CA LEU A 24 -1.82 1.23 7.41
C LEU A 24 -2.53 2.47 7.91
N THR A 25 -1.87 3.25 8.72
CA THR A 25 -2.46 4.49 9.21
C THR A 25 -1.65 5.67 8.69
N VAL A 26 -2.31 6.52 7.93
CA VAL A 26 -1.66 7.65 7.26
C VAL A 26 -2.67 8.75 6.98
N ARG A 27 -2.26 9.74 6.19
CA ARG A 27 -3.15 10.81 5.78
C ARG A 27 -3.47 10.67 4.30
N PRO A 28 -4.65 11.05 3.88
CA PRO A 28 -5.04 11.05 2.43
C PRO A 28 -4.05 11.89 1.64
N ASP A 29 -3.47 12.85 2.33
CA ASP A 29 -2.48 13.76 1.76
C ASP A 29 -1.25 13.01 1.32
N MET A 30 -0.93 11.95 2.04
CA MET A 30 0.26 11.19 1.75
C MET A 30 0.26 10.65 0.36
N THR A 31 1.41 10.23 -0.05
CA THR A 31 1.62 9.67 -1.34
C THR A 31 1.62 8.15 -1.26
N VAL A 32 1.11 7.50 -2.29
CA VAL A 32 1.10 6.05 -2.32
C VAL A 32 2.53 5.56 -2.25
N ALA A 33 3.41 6.19 -3.02
CA ALA A 33 4.82 5.85 -3.00
C ALA A 33 5.36 5.90 -1.59
N SER A 34 5.07 6.98 -0.88
CA SER A 34 5.48 7.07 0.50
C SER A 34 4.90 5.88 1.26
N LEU A 35 3.62 5.61 1.01
CA LEU A 35 2.94 4.49 1.62
C LEU A 35 3.57 3.16 1.18
N LYS A 36 3.80 3.03 -0.11
CA LYS A 36 4.47 1.87 -0.67
C LYS A 36 5.85 1.75 -0.09
N ASP A 37 6.56 2.86 -0.10
CA ASP A 37 7.92 2.91 0.36
C ASP A 37 7.97 2.58 1.84
N MET A 38 7.06 3.15 2.62
CA MET A 38 6.97 2.82 4.03
C MET A 38 6.57 1.36 4.22
N VAL A 39 5.66 0.90 3.37
CA VAL A 39 5.28 -0.51 3.37
C VAL A 39 6.50 -1.35 3.10
N PHE A 40 7.34 -0.89 2.18
CA PHE A 40 8.62 -1.55 1.97
C PHE A 40 9.43 -1.53 3.25
N LEU A 41 9.49 -0.37 3.90
CA LEU A 41 10.22 -0.29 5.16
C LEU A 41 9.56 -1.22 6.14
N ASP A 42 8.25 -1.20 6.13
CA ASP A 42 7.48 -1.92 7.12
C ASP A 42 7.51 -3.42 6.90
N TYR A 43 7.23 -3.85 5.66
CA TYR A 43 7.13 -5.29 5.37
C TYR A 43 8.25 -5.79 4.45
N GLY A 44 9.13 -4.90 4.04
CA GLY A 44 10.20 -5.29 3.13
C GLY A 44 9.65 -5.59 1.74
N PHE A 45 8.48 -5.04 1.44
CA PHE A 45 7.83 -5.23 0.14
C PHE A 45 8.41 -4.24 -0.87
N PRO A 46 9.29 -4.67 -1.75
CA PRO A 46 9.94 -3.75 -2.72
C PRO A 46 8.93 -3.25 -3.76
N PRO A 47 9.22 -2.15 -4.40
CA PRO A 47 8.28 -1.55 -5.37
C PRO A 47 7.97 -2.48 -6.52
N VAL A 48 8.93 -3.30 -6.87
CA VAL A 48 8.73 -4.26 -7.92
C VAL A 48 7.64 -5.24 -7.51
N LEU A 49 7.74 -5.75 -6.30
CA LEU A 49 6.74 -6.63 -5.75
C LEU A 49 5.48 -5.86 -5.39
N GLN A 50 5.65 -4.65 -4.85
CA GLN A 50 4.50 -3.85 -4.47
C GLN A 50 3.76 -3.32 -5.66
N GLN A 51 2.89 -4.14 -6.20
CA GLN A 51 1.99 -3.68 -7.20
C GLN A 51 0.68 -3.33 -6.55
N TRP A 52 0.46 -2.05 -6.37
CA TRP A 52 -0.74 -1.54 -5.73
C TRP A 52 -1.82 -1.41 -6.77
N VAL A 53 -2.99 -1.93 -6.47
CA VAL A 53 -4.10 -1.84 -7.41
C VAL A 53 -5.25 -1.09 -6.78
N ILE A 54 -5.69 -0.05 -7.46
CA ILE A 54 -6.77 0.78 -7.01
C ILE A 54 -7.74 1.03 -8.17
N GLY A 55 -9.01 0.79 -7.96
CA GLY A 55 -9.98 1.04 -9.03
C GLY A 55 -9.93 2.52 -9.42
N GLN A 56 -9.84 3.37 -8.40
CA GLN A 56 -9.75 4.82 -8.61
C GLN A 56 -8.43 5.23 -9.25
N ARG A 57 -7.35 4.48 -8.98
CA ARG A 57 -6.02 4.87 -9.43
C ARG A 57 -5.24 3.73 -10.07
N LEU A 58 -4.42 4.08 -11.05
CA LEU A 58 -3.48 3.16 -11.64
C LEU A 58 -2.35 2.92 -10.66
N ALA A 59 -1.66 1.79 -10.81
CA ALA A 59 -0.55 1.42 -9.93
C ALA A 59 0.58 2.47 -9.97
N ARG A 60 0.19 3.73 -9.87
CA ARG A 60 1.13 4.83 -9.84
C ARG A 60 1.32 5.26 -8.40
N ASP A 61 2.50 4.96 -7.86
CA ASP A 61 2.78 5.21 -6.45
C ASP A 61 2.85 6.70 -6.14
N GLN A 62 3.13 7.49 -7.14
CA GLN A 62 3.27 8.93 -6.92
C GLN A 62 1.92 9.57 -6.57
N GLU A 63 0.85 8.80 -6.71
CA GLU A 63 -0.49 9.27 -6.36
C GLU A 63 -0.60 9.60 -4.88
N THR A 64 -1.44 10.58 -4.57
CA THR A 64 -1.78 10.89 -3.18
C THR A 64 -2.69 9.78 -2.65
N LEU A 65 -2.67 9.52 -1.37
CA LEU A 65 -3.52 8.47 -0.81
C LEU A 65 -4.97 8.82 -1.05
N HIS A 66 -5.29 10.09 -0.88
CA HIS A 66 -6.62 10.59 -1.19
C HIS A 66 -6.98 10.24 -2.62
N SER A 67 -5.99 10.25 -3.50
CA SER A 67 -6.22 9.98 -4.91
C SER A 67 -6.87 8.59 -5.09
N HIS A 68 -6.59 7.69 -4.14
CA HIS A 68 -7.25 6.38 -4.12
C HIS A 68 -8.72 6.59 -3.79
N GLY A 69 -8.99 7.62 -3.02
CA GLY A 69 -10.34 7.91 -2.59
C GLY A 69 -10.43 7.81 -1.08
N VAL A 70 -9.31 7.44 -0.47
CA VAL A 70 -9.22 7.30 0.97
C VAL A 70 -9.17 8.68 1.59
N ARG A 71 -10.30 9.16 2.06
CA ARG A 71 -10.36 10.47 2.69
C ARG A 71 -10.50 10.28 4.19
N GLN A 72 -10.86 9.07 4.58
CA GLN A 72 -11.17 8.73 5.96
C GLN A 72 -10.60 7.35 6.30
N ASN A 73 -10.66 7.00 7.57
CA ASN A 73 -10.16 5.70 8.03
C ASN A 73 -11.16 4.62 7.67
N GLY A 74 -10.69 3.39 7.63
CA GLY A 74 -11.55 2.26 7.39
C GLY A 74 -11.64 1.92 5.91
N ASP A 75 -10.83 2.59 5.09
CA ASP A 75 -10.80 2.27 3.67
C ASP A 75 -9.82 1.15 3.40
N SER A 76 -9.79 0.67 2.18
CA SER A 76 -8.90 -0.44 1.85
C SER A 76 -8.25 -0.28 0.47
N ALA A 77 -7.11 -0.95 0.28
CA ALA A 77 -6.36 -0.92 -0.97
C ALA A 77 -5.93 -2.33 -1.35
N TYR A 78 -5.48 -2.51 -2.59
CA TYR A 78 -5.15 -3.85 -3.08
C TYR A 78 -3.68 -3.96 -3.48
N LEU A 79 -2.99 -4.92 -2.87
CA LEU A 79 -1.62 -5.26 -3.24
C LEU A 79 -1.54 -6.59 -3.90
N TYR A 80 -0.88 -6.63 -5.03
CA TYR A 80 -0.59 -7.85 -5.73
C TYR A 80 0.91 -8.09 -5.64
N LEU A 81 1.31 -9.10 -4.90
CA LEU A 81 2.73 -9.36 -4.69
C LEU A 81 3.17 -10.62 -5.40
N LEU A 82 4.34 -10.54 -6.00
CA LEU A 82 4.95 -11.69 -6.67
C LEU A 82 5.86 -12.41 -5.71
N SER A 83 6.31 -13.60 -6.10
CA SER A 83 7.24 -14.34 -5.27
C SER A 83 8.33 -13.41 -4.79
N ALA A 84 8.33 -13.12 -3.51
CA ALA A 84 9.21 -12.11 -2.99
C ALA A 84 10.64 -12.48 -3.21
N ARG A 85 11.47 -11.48 -3.44
CA ARG A 85 12.87 -11.69 -3.65
C ARG A 85 13.51 -12.18 -2.35
N ASN A 86 13.02 -13.31 -1.87
CA ASN A 86 13.55 -13.95 -0.67
C ASN A 86 14.98 -14.42 -0.89
N THR A 87 15.54 -13.99 -2.00
CA THR A 87 16.89 -14.30 -2.36
C THR A 87 17.84 -13.60 -1.38
N SER A 88 19.10 -14.00 -1.37
CA SER A 88 20.06 -13.37 -0.50
C SER A 88 20.29 -11.93 -0.96
N LEU A 89 19.42 -11.03 -0.51
CA LEU A 89 19.49 -9.65 -0.92
C LEU A 89 20.65 -8.97 -0.23
N ASN A 90 21.84 -9.30 -0.69
CA ASN A 90 23.06 -8.71 -0.19
C ASN A 90 24.07 -8.59 -1.31
#